data_7Z7I
#
_entry.id   7Z7I
#
loop_
_entity.id
_entity.type
_entity.pdbx_description
1 polymer 'Actin, alpha skeletal muscle'
2 non-polymer "ADENOSINE-5'-DIPHOSPHATE"
3 non-polymer 'MAGNESIUM ION'
4 non-polymer ADENOSINE-5-DIPHOSPHORIBOSE
#
_entity_poly.entity_id   1
_entity_poly.type   'polypeptide(L)'
_entity_poly.pdbx_seq_one_letter_code
;MCDEDETTALVCDNGSGLVKAGFAGDDAPRAVFPSIVGRPRHQGVMVGMGQKDSYVGDEAQSKRGILTLKYPIE(HIC)G
IITNWDDMEKIWHHTFYNELRVAPEEHPTLLTEAPLNPKANREKMTQIMFETFNVPAMYVAIQAVLSLYASGRTTGIVLD
SGDGVTHNVPIYEGYALPHAIMRLDLAGRDLTDYLMKILTERGYSFVTTAEREIVRDIKEKLCYVALDFENEMATAASSS
SLEKSYELPDGQVITIGNERFRCPETLFQPSFIGMESAGIHETTYNSIMKCDIDIRKDLYANNVMSGGTTMYPGIADRMQ
KEITALAPSTMKIKIIAPPERKYSVWIGGSILASLSTFQQMWITKQEYDEAGPSIVHRKCF
;
_entity_poly.pdbx_strand_id   D,B,E,C,A
#
loop_
_chem_comp.id
_chem_comp.type
_chem_comp.name
_chem_comp.formula
ADP non-polymer ADENOSINE-5'-DIPHOSPHATE 'C10 H15 N5 O10 P2'
APR non-polymer ADENOSINE-5-DIPHOSPHORIBOSE 'C15 H23 N5 O14 P2'
MG non-polymer 'MAGNESIUM ION' 'Mg 2'
#
# COMPACT_ATOMS: atom_id res chain seq x y z
N THR A 7 35.19 -34.28 -9.96
CA THR A 7 34.10 -34.05 -9.02
C THR A 7 34.02 -32.59 -8.63
N THR A 8 35.09 -31.85 -8.94
CA THR A 8 35.13 -30.42 -8.64
C THR A 8 34.32 -29.65 -9.69
N ALA A 9 33.69 -28.57 -9.24
CA ALA A 9 32.93 -27.73 -10.14
C ALA A 9 33.82 -26.75 -10.89
N LEU A 10 33.40 -26.42 -12.10
CA LEU A 10 33.92 -25.28 -12.86
C LEU A 10 33.11 -24.04 -12.52
N VAL A 11 33.67 -23.15 -11.71
CA VAL A 11 33.04 -21.86 -11.50
C VAL A 11 33.42 -20.96 -12.66
N CYS A 12 32.52 -20.82 -13.62
CA CYS A 12 32.69 -19.91 -14.73
C CYS A 12 32.09 -18.57 -14.34
N ASP A 13 31.94 -17.66 -15.30
CA ASP A 13 31.27 -16.41 -15.00
C ASP A 13 30.82 -15.74 -16.30
N ASN A 14 29.90 -14.80 -16.14
CA ASN A 14 29.50 -13.88 -17.21
C ASN A 14 29.63 -12.45 -16.70
N GLY A 15 30.87 -12.09 -16.37
CA GLY A 15 31.18 -10.69 -16.15
C GLY A 15 30.99 -9.88 -17.41
N SER A 16 30.54 -8.64 -17.25
CA SER A 16 30.36 -7.78 -18.40
C SER A 16 31.69 -7.29 -18.91
N GLY A 17 32.68 -7.18 -18.03
CA GLY A 17 33.99 -6.71 -18.42
C GLY A 17 34.96 -7.86 -18.51
N LEU A 18 35.35 -8.42 -17.37
CA LEU A 18 36.34 -9.48 -17.33
C LEU A 18 35.68 -10.83 -17.07
N VAL A 19 35.84 -11.77 -17.99
CA VAL A 19 35.54 -13.17 -17.70
C VAL A 19 36.49 -13.67 -16.62
N LYS A 20 35.96 -14.50 -15.72
CA LYS A 20 36.72 -15.04 -14.60
C LYS A 20 36.46 -16.53 -14.54
N ALA A 21 37.50 -17.33 -14.42
CA ALA A 21 37.33 -18.78 -14.39
C ALA A 21 38.41 -19.42 -13.55
N GLY A 22 38.06 -20.54 -12.91
CA GLY A 22 39.01 -21.32 -12.15
C GLY A 22 38.29 -22.36 -11.32
N PHE A 23 38.92 -23.52 -11.12
CA PHE A 23 38.26 -24.61 -10.42
C PHE A 23 37.87 -24.20 -9.01
N ALA A 24 36.81 -24.84 -8.51
CA ALA A 24 36.44 -24.72 -7.11
C ALA A 24 37.52 -25.33 -6.22
N GLY A 25 37.61 -24.83 -4.99
CA GLY A 25 38.63 -25.26 -4.07
C GLY A 25 39.98 -24.60 -4.26
N ASP A 26 40.19 -23.92 -5.38
CA ASP A 26 41.26 -22.94 -5.48
C ASP A 26 40.81 -21.62 -4.86
N ASP A 27 41.79 -20.79 -4.52
CA ASP A 27 41.53 -19.54 -3.83
C ASP A 27 41.72 -18.31 -4.71
N ALA A 28 42.15 -18.46 -5.95
CA ALA A 28 42.23 -17.32 -6.86
C ALA A 28 41.95 -17.79 -8.27
N PRO A 29 41.31 -16.95 -9.08
CA PRO A 29 40.99 -17.37 -10.45
C PRO A 29 42.24 -17.60 -11.28
N ARG A 30 42.21 -18.66 -12.09
CA ARG A 30 43.35 -19.00 -12.91
C ARG A 30 43.47 -18.14 -14.15
N ALA A 31 42.36 -17.64 -14.68
CA ALA A 31 42.42 -16.76 -15.84
C ALA A 31 41.49 -15.57 -15.67
N VAL A 32 41.95 -14.41 -16.11
CA VAL A 32 41.13 -13.21 -16.22
C VAL A 32 41.53 -12.52 -17.52
N PHE A 33 40.56 -12.28 -18.39
CA PHE A 33 40.86 -11.60 -19.64
C PHE A 33 39.62 -10.90 -20.16
N PRO A 34 39.78 -9.80 -20.89
CA PRO A 34 38.63 -9.09 -21.43
C PRO A 34 37.79 -9.92 -22.38
N SER A 35 36.48 -9.70 -22.31
CA SER A 35 35.44 -10.41 -23.09
C SER A 35 35.32 -9.94 -24.53
N ILE A 36 36.41 -9.66 -25.24
CA ILE A 36 36.35 -8.99 -26.53
C ILE A 36 36.52 -10.00 -27.66
N VAL A 37 35.67 -9.89 -28.67
CA VAL A 37 35.88 -10.48 -29.98
C VAL A 37 36.28 -9.39 -30.95
N GLY A 38 37.34 -9.64 -31.72
CA GLY A 38 37.80 -8.71 -32.73
C GLY A 38 38.05 -9.37 -34.07
N ARG A 39 37.82 -8.59 -35.13
CA ARG A 39 37.97 -9.08 -36.49
C ARG A 39 38.75 -8.04 -37.31
N PRO A 40 39.56 -8.50 -38.26
CA PRO A 40 40.44 -7.57 -38.99
C PRO A 40 39.65 -6.53 -39.78
N ARG A 41 40.17 -5.31 -39.79
CA ARG A 41 39.57 -4.22 -40.55
C ARG A 41 40.14 -4.06 -41.96
N HIS A 42 41.30 -4.67 -42.26
CA HIS A 42 41.94 -4.49 -43.56
C HIS A 42 42.46 -5.81 -44.08
N GLN A 43 42.68 -5.86 -45.39
CA GLN A 43 43.14 -7.07 -46.05
C GLN A 43 44.61 -7.40 -45.77
N GLY A 44 44.86 -8.70 -45.56
CA GLY A 44 46.22 -9.20 -45.43
C GLY A 44 46.96 -9.14 -46.75
N VAL A 45 48.20 -8.66 -46.71
CA VAL A 45 48.93 -8.36 -47.94
C VAL A 45 50.34 -8.92 -47.91
N MET A 46 50.93 -9.06 -46.74
CA MET A 46 52.08 -9.95 -46.56
C MET A 46 51.59 -11.38 -46.48
N VAL A 47 51.68 -12.12 -47.59
CA VAL A 47 51.09 -13.44 -47.66
C VAL A 47 51.75 -14.38 -46.66
N GLY A 48 50.97 -15.34 -46.18
CA GLY A 48 51.49 -16.42 -45.34
C GLY A 48 51.78 -16.08 -43.90
N MET A 49 51.02 -15.18 -43.30
CA MET A 49 51.20 -14.89 -41.88
C MET A 49 50.81 -16.06 -40.98
N GLY A 50 50.03 -17.00 -41.48
CA GLY A 50 49.25 -17.84 -40.58
C GLY A 50 48.15 -17.06 -39.87
N GLN A 51 47.45 -16.19 -40.59
CA GLN A 51 46.44 -15.32 -40.01
C GLN A 51 45.21 -16.13 -39.57
N LYS A 52 44.34 -15.46 -38.81
CA LYS A 52 43.10 -16.02 -38.31
C LYS A 52 41.95 -15.09 -38.65
N ASP A 53 40.76 -15.66 -38.77
CA ASP A 53 39.56 -14.85 -38.97
C ASP A 53 39.21 -13.99 -37.76
N SER A 54 39.50 -14.44 -36.55
CA SER A 54 39.09 -13.65 -35.39
C SER A 54 40.03 -13.86 -34.22
N TYR A 55 40.12 -12.83 -33.37
CA TYR A 55 41.03 -12.80 -32.24
C TYR A 55 40.23 -12.53 -30.98
N VAL A 56 40.60 -13.20 -29.88
CA VAL A 56 39.84 -13.11 -28.64
C VAL A 56 40.80 -13.08 -27.46
N GLY A 57 40.43 -12.35 -26.41
CA GLY A 57 41.27 -12.22 -25.24
C GLY A 57 42.53 -11.39 -25.41
N ASP A 58 43.65 -11.92 -24.92
CA ASP A 58 44.93 -11.21 -25.00
C ASP A 58 45.33 -10.87 -26.42
N GLU A 59 45.00 -11.71 -27.39
CA GLU A 59 45.31 -11.43 -28.79
C GLU A 59 44.81 -10.05 -29.21
N ALA A 60 43.58 -9.72 -28.83
CA ALA A 60 42.93 -8.48 -29.23
C ALA A 60 43.38 -7.27 -28.45
N GLN A 61 43.90 -7.44 -27.24
CA GLN A 61 44.58 -6.32 -26.61
C GLN A 61 45.96 -6.01 -27.18
N SER A 62 46.55 -6.91 -27.97
CA SER A 62 47.86 -6.65 -28.59
C SER A 62 47.75 -6.15 -30.03
N LYS A 63 46.92 -6.80 -30.85
CA LYS A 63 46.67 -6.37 -32.23
C LYS A 63 45.80 -5.12 -32.30
N ARG A 64 45.75 -4.37 -31.21
CA ARG A 64 44.72 -3.37 -30.95
C ARG A 64 44.68 -2.23 -31.95
N GLY A 65 45.63 -2.15 -32.89
CA GLY A 65 45.57 -1.14 -33.93
C GLY A 65 44.88 -1.50 -35.23
N ILE A 66 44.46 -2.75 -35.42
CA ILE A 66 43.98 -3.17 -36.73
C ILE A 66 42.66 -3.92 -36.61
N LEU A 67 42.07 -3.93 -35.42
CA LEU A 67 40.89 -4.73 -35.15
C LEU A 67 39.68 -3.85 -34.89
N THR A 68 38.54 -4.28 -35.42
CA THR A 68 37.22 -3.93 -34.88
C THR A 68 36.93 -4.76 -33.64
N LEU A 69 36.65 -4.09 -32.53
CA LEU A 69 36.38 -4.75 -31.25
C LEU A 69 34.90 -4.63 -30.93
N LYS A 70 34.34 -5.71 -30.42
CA LYS A 70 32.96 -5.74 -29.96
C LYS A 70 32.90 -6.36 -28.57
N TYR A 71 32.04 -5.83 -27.74
CA TYR A 71 31.66 -6.53 -26.54
C TYR A 71 30.31 -7.20 -26.74
N PRO A 72 30.20 -8.52 -26.52
CA PRO A 72 28.93 -9.19 -26.74
C PRO A 72 27.95 -9.06 -25.59
N ILE A 73 28.29 -8.30 -24.55
CA ILE A 73 27.46 -8.17 -23.36
C ILE A 73 27.12 -6.70 -23.18
N GLU A 74 25.83 -6.40 -23.09
CA GLU A 74 25.41 -5.04 -22.80
C GLU A 74 24.36 -5.03 -21.71
N HIC A 75 24.70 -4.43 -20.58
CA HIC A 75 23.79 -4.29 -19.46
C HIC A 75 23.37 -5.67 -18.95
O HIC A 75 22.24 -5.91 -18.51
CB HIC A 75 22.50 -3.52 -19.76
CG HIC A 75 22.79 -2.22 -20.37
ND1 HIC A 75 22.00 -1.57 -21.32
CD2 HIC A 75 23.92 -1.42 -20.07
CE1 HIC A 75 22.63 -0.41 -21.60
NE2 HIC A 75 23.80 -0.27 -20.86
CZ HIC A 75 24.72 0.81 -20.89
N GLY A 76 24.30 -6.59 -19.04
CA GLY A 76 24.05 -7.98 -18.70
C GLY A 76 23.17 -8.79 -19.63
N ILE A 77 22.75 -8.20 -20.75
CA ILE A 77 21.92 -8.91 -21.72
C ILE A 77 22.79 -9.25 -22.92
N ILE A 78 22.92 -10.54 -23.21
CA ILE A 78 23.74 -10.99 -24.33
C ILE A 78 23.02 -10.70 -25.64
N THR A 79 23.66 -9.89 -26.50
CA THR A 79 23.01 -9.41 -27.70
C THR A 79 23.35 -10.22 -28.94
N ASN A 80 24.39 -11.05 -28.89
CA ASN A 80 24.80 -11.81 -30.07
C ASN A 80 25.35 -13.16 -29.60
N TRP A 81 24.61 -14.23 -29.89
CA TRP A 81 24.97 -15.55 -29.40
C TRP A 81 26.13 -16.20 -30.13
N ASP A 82 26.42 -15.78 -31.36
CA ASP A 82 27.52 -16.39 -32.09
C ASP A 82 28.87 -15.81 -31.66
N ASP A 83 28.89 -14.54 -31.28
CA ASP A 83 30.05 -13.99 -30.59
C ASP A 83 30.22 -14.64 -29.22
N MET A 84 29.14 -14.69 -28.44
CA MET A 84 29.21 -15.18 -27.07
C MET A 84 29.62 -16.64 -27.02
N GLU A 85 29.20 -17.44 -28.00
CA GLU A 85 29.61 -18.84 -28.04
C GLU A 85 31.10 -19.03 -28.31
N LYS A 86 31.73 -18.15 -29.08
CA LYS A 86 33.16 -18.26 -29.27
C LYS A 86 33.96 -18.01 -28.00
N ILE A 87 33.57 -17.00 -27.21
CA ILE A 87 34.31 -16.70 -25.98
C ILE A 87 34.39 -17.91 -25.08
N TRP A 88 33.29 -18.63 -24.86
CA TRP A 88 33.36 -19.84 -24.05
C TRP A 88 34.19 -20.92 -24.73
N HIS A 89 34.05 -21.07 -26.04
CA HIS A 89 34.83 -22.07 -26.76
C HIS A 89 36.32 -21.85 -26.59
N HIS A 90 36.74 -20.59 -26.41
CA HIS A 90 38.10 -20.30 -26.01
C HIS A 90 38.35 -20.63 -24.55
N THR A 91 37.43 -20.26 -23.67
CA THR A 91 37.64 -20.39 -22.23
C THR A 91 37.96 -21.81 -21.81
N PHE A 92 37.18 -22.79 -22.26
CA PHE A 92 37.44 -24.17 -21.85
C PHE A 92 38.66 -24.76 -22.53
N TYR A 93 38.75 -24.68 -23.86
CA TYR A 93 39.74 -25.46 -24.59
C TYR A 93 41.14 -24.88 -24.57
N ASN A 94 41.31 -23.60 -24.31
CA ASN A 94 42.63 -22.99 -24.44
C ASN A 94 43.15 -22.40 -23.14
N GLU A 95 42.30 -21.77 -22.35
CA GLU A 95 42.76 -21.12 -21.13
C GLU A 95 42.79 -22.09 -19.93
N LEU A 96 41.67 -22.73 -19.63
CA LEU A 96 41.73 -23.81 -18.66
C LEU A 96 42.28 -25.11 -19.23
N ARG A 97 42.17 -25.31 -20.55
CA ARG A 97 42.59 -26.56 -21.17
C ARG A 97 41.98 -27.77 -20.46
N VAL A 98 40.67 -27.74 -20.29
CA VAL A 98 39.93 -28.82 -19.65
C VAL A 98 38.66 -29.10 -20.45
N ALA A 99 38.39 -30.37 -20.68
CA ALA A 99 37.19 -30.76 -21.41
C ALA A 99 35.97 -30.61 -20.52
N PRO A 100 34.92 -29.90 -20.98
CA PRO A 100 33.82 -29.56 -20.07
C PRO A 100 32.84 -30.69 -19.84
N GLU A 101 32.80 -31.69 -20.71
CA GLU A 101 31.83 -32.77 -20.57
C GLU A 101 32.09 -33.68 -19.38
N GLU A 102 33.14 -33.46 -18.60
CA GLU A 102 33.28 -34.14 -17.33
C GLU A 102 32.63 -33.39 -16.17
N HIS A 103 32.56 -32.06 -16.26
CA HIS A 103 32.47 -31.25 -15.06
C HIS A 103 31.17 -30.47 -14.99
N PRO A 104 30.51 -30.44 -13.84
CA PRO A 104 29.41 -29.50 -13.63
C PRO A 104 29.87 -28.06 -13.75
N THR A 105 29.07 -27.26 -14.43
CA THR A 105 29.41 -25.89 -14.76
C THR A 105 28.43 -24.95 -14.11
N LEU A 106 28.94 -24.02 -13.31
CA LEU A 106 28.14 -23.05 -12.58
C LEU A 106 28.28 -21.69 -13.26
N LEU A 107 27.18 -21.13 -13.73
CA LEU A 107 27.17 -19.81 -14.32
C LEU A 107 26.54 -18.82 -13.36
N THR A 108 26.57 -17.55 -13.75
CA THR A 108 25.92 -16.49 -12.99
C THR A 108 25.21 -15.55 -13.94
N GLU A 109 24.25 -14.81 -13.41
CA GLU A 109 23.71 -13.66 -14.14
C GLU A 109 23.15 -12.67 -13.13
N ALA A 110 22.96 -11.44 -13.58
CA ALA A 110 22.21 -10.45 -12.82
C ALA A 110 20.75 -10.88 -12.67
N PRO A 111 20.12 -10.50 -11.56
CA PRO A 111 18.67 -10.66 -11.44
C PRO A 111 17.90 -9.67 -12.32
N LEU A 112 16.62 -9.98 -12.53
CA LEU A 112 15.75 -9.18 -13.40
C LEU A 112 16.31 -9.12 -14.81
N ASN A 113 16.36 -10.28 -15.45
CA ASN A 113 16.79 -10.39 -16.83
C ASN A 113 15.69 -11.00 -17.68
N PRO A 114 15.66 -10.71 -18.97
CA PRO A 114 14.66 -11.34 -19.85
C PRO A 114 14.86 -12.84 -19.88
N LYS A 115 13.77 -13.56 -19.57
CA LYS A 115 13.87 -14.99 -19.32
C LYS A 115 14.48 -15.76 -20.48
N ALA A 116 14.27 -15.29 -21.72
CA ALA A 116 14.84 -15.99 -22.87
C ALA A 116 16.34 -16.21 -22.77
N ASN A 117 17.07 -15.32 -22.09
CA ASN A 117 18.51 -15.53 -21.94
C ASN A 117 18.83 -16.76 -21.12
N ARG A 118 18.03 -17.03 -20.09
CA ARG A 118 18.28 -18.19 -19.25
C ARG A 118 18.05 -19.51 -19.97
N GLU A 119 17.11 -19.55 -20.90
CA GLU A 119 16.99 -20.73 -21.76
C GLU A 119 18.16 -20.88 -22.73
N LYS A 120 18.56 -19.80 -23.41
CA LYS A 120 19.63 -19.93 -24.40
C LYS A 120 20.90 -20.48 -23.77
N MET A 121 21.31 -19.93 -22.64
CA MET A 121 22.51 -20.43 -21.99
C MET A 121 22.37 -21.91 -21.63
N THR A 122 21.19 -22.31 -21.16
CA THR A 122 20.95 -23.70 -20.81
C THR A 122 21.04 -24.64 -22.01
N GLN A 123 20.38 -24.28 -23.12
CA GLN A 123 20.43 -25.13 -24.30
C GLN A 123 21.82 -25.21 -24.93
N ILE A 124 22.58 -24.11 -24.91
CA ILE A 124 23.95 -24.15 -25.42
C ILE A 124 24.81 -25.09 -24.57
N MET A 125 24.67 -25.02 -23.26
CA MET A 125 25.42 -25.90 -22.38
C MET A 125 25.05 -27.37 -22.56
N PHE A 126 23.76 -27.68 -22.68
CA PHE A 126 23.34 -29.06 -22.86
C PHE A 126 23.58 -29.65 -24.24
N GLU A 127 23.73 -28.87 -25.30
CA GLU A 127 23.76 -29.46 -26.63
C GLU A 127 24.93 -29.07 -27.52
N THR A 128 25.61 -27.95 -27.29
CA THR A 128 26.94 -27.80 -27.86
C THR A 128 28.01 -28.47 -27.01
N PHE A 129 28.16 -28.02 -25.77
CA PHE A 129 29.24 -28.51 -24.93
C PHE A 129 28.92 -29.84 -24.24
N ASN A 130 27.64 -30.19 -24.13
CA ASN A 130 27.20 -31.44 -23.50
C ASN A 130 27.67 -31.56 -22.05
N VAL A 131 27.49 -30.49 -21.30
CA VAL A 131 27.81 -30.48 -19.88
C VAL A 131 27.02 -31.57 -19.17
N PRO A 132 27.52 -32.14 -18.07
CA PRO A 132 26.69 -33.07 -17.31
C PRO A 132 25.59 -32.39 -16.51
N ALA A 133 25.80 -31.16 -16.05
CA ALA A 133 24.79 -30.48 -15.24
C ALA A 133 25.10 -28.99 -15.24
N MET A 134 24.13 -28.21 -14.79
CA MET A 134 24.25 -26.76 -14.84
C MET A 134 23.50 -26.16 -13.67
N TYR A 135 23.85 -24.93 -13.33
CA TYR A 135 23.10 -24.12 -12.39
C TYR A 135 23.21 -22.66 -12.80
N VAL A 136 22.34 -21.82 -12.26
CA VAL A 136 22.40 -20.40 -12.59
C VAL A 136 22.16 -19.57 -11.34
N ALA A 137 23.23 -19.24 -10.62
CA ALA A 137 23.17 -18.48 -9.39
C ALA A 137 23.01 -16.99 -9.67
N ILE A 138 22.61 -16.25 -8.63
CA ILE A 138 22.36 -14.82 -8.71
C ILE A 138 23.51 -14.10 -8.03
N GLN A 139 24.20 -13.24 -8.78
CA GLN A 139 25.55 -12.82 -8.43
C GLN A 139 25.65 -12.23 -7.03
N ALA A 140 24.71 -11.36 -6.66
CA ALA A 140 24.82 -10.68 -5.37
C ALA A 140 24.73 -11.65 -4.20
N VAL A 141 23.99 -12.74 -4.35
CA VAL A 141 23.89 -13.74 -3.29
C VAL A 141 25.24 -14.41 -3.06
N LEU A 142 25.99 -14.67 -4.12
CA LEU A 142 27.31 -15.28 -3.96
C LEU A 142 28.29 -14.34 -3.29
N SER A 143 28.14 -13.04 -3.50
CA SER A 143 29.07 -12.08 -2.92
C SER A 143 29.07 -12.16 -1.41
N LEU A 144 27.93 -12.52 -0.81
CA LEU A 144 27.78 -12.49 0.63
C LEU A 144 28.58 -13.59 1.33
N TYR A 145 28.77 -14.74 0.69
CA TYR A 145 29.57 -15.79 1.30
C TYR A 145 31.03 -15.39 1.48
N ALA A 146 31.53 -14.42 0.74
CA ALA A 146 32.92 -14.02 0.91
C ALA A 146 33.19 -13.50 2.30
N SER A 147 32.22 -12.82 2.90
CA SER A 147 32.34 -12.36 4.28
C SER A 147 31.93 -13.40 5.31
N GLY A 148 31.34 -14.51 4.89
CA GLY A 148 30.84 -15.49 5.83
C GLY A 148 29.69 -15.00 6.68
N ARG A 149 29.01 -13.95 6.25
CA ARG A 149 27.84 -13.42 6.92
C ARG A 149 26.58 -14.15 6.46
N THR A 150 25.49 -13.96 7.21
CA THR A 150 24.18 -14.43 6.77
C THR A 150 23.14 -13.34 6.81
N THR A 151 23.53 -12.10 7.01
CA THR A 151 22.60 -10.99 7.00
C THR A 151 23.34 -9.74 6.58
N GLY A 152 22.75 -8.99 5.66
CA GLY A 152 23.38 -7.80 5.16
C GLY A 152 22.69 -7.29 3.91
N ILE A 153 22.89 -6.03 3.58
CA ILE A 153 22.51 -5.49 2.28
C ILE A 153 23.76 -5.48 1.41
N VAL A 154 23.63 -6.04 0.21
CA VAL A 154 24.73 -6.09 -0.74
C VAL A 154 24.54 -5.00 -1.78
N LEU A 155 25.57 -4.19 -1.97
CA LEU A 155 25.65 -3.25 -3.08
C LEU A 155 26.74 -3.74 -4.02
N ASP A 156 26.35 -4.17 -5.21
CA ASP A 156 27.25 -4.76 -6.17
C ASP A 156 27.16 -4.00 -7.49
N SER A 157 28.31 -3.63 -8.03
CA SER A 157 28.36 -2.66 -9.13
C SER A 157 29.51 -3.07 -10.05
N GLY A 158 29.19 -3.88 -11.05
CA GLY A 158 30.17 -4.40 -11.96
C GLY A 158 30.44 -3.48 -13.14
N ASP A 159 31.04 -4.07 -14.18
CA ASP A 159 31.27 -3.33 -15.42
C ASP A 159 29.99 -2.79 -16.01
N GLY A 160 28.89 -3.53 -15.88
CA GLY A 160 27.71 -3.20 -16.67
C GLY A 160 26.36 -3.02 -16.00
N VAL A 161 26.24 -3.29 -14.70
CA VAL A 161 24.98 -3.03 -14.00
C VAL A 161 25.27 -2.85 -12.52
N THR A 162 24.38 -2.16 -11.83
CA THR A 162 24.38 -2.05 -10.37
C THR A 162 23.06 -2.54 -9.81
N HIS A 163 23.12 -3.29 -8.72
CA HIS A 163 21.89 -3.78 -8.10
C HIS A 163 22.06 -3.86 -6.60
N ASN A 164 20.93 -3.90 -5.90
CA ASN A 164 20.87 -4.11 -4.46
C ASN A 164 20.01 -5.31 -4.13
N VAL A 165 20.45 -6.12 -3.17
CA VAL A 165 19.64 -7.23 -2.67
C VAL A 165 19.79 -7.28 -1.16
N PRO A 166 18.74 -6.97 -0.39
CA PRO A 166 18.79 -7.23 1.06
C PRO A 166 18.50 -8.70 1.35
N ILE A 167 19.34 -9.30 2.17
CA ILE A 167 19.13 -10.66 2.67
C ILE A 167 19.05 -10.62 4.18
N TYR A 168 18.01 -11.23 4.73
CA TYR A 168 17.83 -11.38 6.17
C TYR A 168 17.64 -12.85 6.52
N GLU A 169 18.45 -13.34 7.46
CA GLU A 169 18.38 -14.73 7.94
C GLU A 169 18.38 -15.74 6.80
N GLY A 170 19.11 -15.43 5.75
CA GLY A 170 19.09 -16.31 4.61
C GLY A 170 17.83 -16.27 3.78
N TYR A 171 16.92 -15.36 4.06
CA TYR A 171 15.79 -15.11 3.17
C TYR A 171 16.07 -13.86 2.35
N ALA A 172 15.97 -13.98 1.04
CA ALA A 172 15.89 -12.82 0.16
C ALA A 172 14.50 -12.22 0.18
N LEU A 173 14.43 -10.92 -0.12
CA LEU A 173 13.17 -10.17 -0.13
C LEU A 173 12.93 -9.68 -1.55
N PRO A 174 12.34 -10.53 -2.41
CA PRO A 174 12.31 -10.23 -3.85
C PRO A 174 11.47 -9.02 -4.22
N HIS A 175 10.70 -8.45 -3.30
CA HIS A 175 9.99 -7.20 -3.58
C HIS A 175 10.87 -5.98 -3.43
N ALA A 176 12.08 -6.10 -2.89
CA ALA A 176 12.90 -4.95 -2.54
C ALA A 176 14.07 -4.71 -3.47
N ILE A 177 14.31 -5.61 -4.43
CA ILE A 177 15.49 -5.51 -5.29
C ILE A 177 15.42 -4.28 -6.19
N MET A 178 16.54 -3.58 -6.30
CA MET A 178 16.70 -2.44 -7.19
C MET A 178 17.70 -2.81 -8.28
N ARG A 179 17.34 -2.54 -9.53
CA ARG A 179 18.26 -2.58 -10.65
C ARG A 179 18.54 -1.18 -11.16
N LEU A 180 19.82 -0.80 -11.20
CA LEU A 180 20.28 0.52 -11.59
C LEU A 180 21.34 0.40 -12.67
N ASP A 181 21.02 0.83 -13.88
CA ASP A 181 21.87 0.63 -15.06
C ASP A 181 22.94 1.72 -15.21
N LEU A 182 23.73 1.93 -14.17
CA LEU A 182 24.82 2.90 -14.15
C LEU A 182 26.09 2.21 -13.67
N ALA A 183 27.15 2.29 -14.45
CA ALA A 183 28.25 1.36 -14.28
C ALA A 183 29.52 1.93 -14.91
N GLY A 184 30.62 1.21 -14.70
CA GLY A 184 31.91 1.65 -15.19
C GLY A 184 31.96 1.98 -16.67
N ARG A 185 31.22 1.24 -17.49
CA ARG A 185 31.18 1.56 -18.92
C ARG A 185 30.63 2.95 -19.19
N ASP A 186 29.70 3.42 -18.37
CA ASP A 186 29.21 4.79 -18.52
C ASP A 186 30.23 5.81 -18.04
N LEU A 187 30.91 5.53 -16.93
CA LEU A 187 31.95 6.45 -16.45
C LEU A 187 33.08 6.59 -17.45
N THR A 188 33.45 5.53 -18.16
CA THR A 188 34.49 5.64 -19.17
C THR A 188 34.05 6.50 -20.34
N ASP A 189 32.83 6.28 -20.83
CA ASP A 189 32.31 7.08 -21.93
C ASP A 189 32.11 8.54 -21.54
N TYR A 190 31.93 8.83 -20.26
CA TYR A 190 31.91 10.21 -19.79
C TYR A 190 33.30 10.80 -19.66
N LEU A 191 34.30 10.01 -19.28
CA LEU A 191 35.66 10.51 -19.18
C LEU A 191 36.22 10.98 -20.52
N MET A 192 35.82 10.34 -21.62
CA MET A 192 36.19 10.82 -22.95
C MET A 192 35.72 12.24 -23.25
N LYS A 193 34.62 12.69 -22.65
CA LYS A 193 34.15 14.04 -22.96
C LYS A 193 34.86 15.12 -22.16
N ILE A 194 35.23 14.86 -20.91
CA ILE A 194 35.92 15.90 -20.15
C ILE A 194 37.40 15.98 -20.47
N LEU A 195 38.03 14.88 -20.91
CA LEU A 195 39.37 14.98 -21.46
C LEU A 195 39.43 15.82 -22.72
N THR A 196 38.38 15.81 -23.54
CA THR A 196 38.38 16.61 -24.76
C THR A 196 38.42 18.11 -24.47
N GLU A 197 38.07 18.54 -23.27
CA GLU A 197 38.28 19.94 -22.88
C GLU A 197 39.74 20.36 -23.00
N ARG A 198 40.68 19.45 -22.77
CA ARG A 198 42.10 19.78 -22.88
C ARG A 198 42.68 19.47 -24.26
N GLY A 199 41.85 19.16 -25.23
CA GLY A 199 42.30 18.94 -26.59
C GLY A 199 42.80 17.55 -26.92
N TYR A 200 43.11 16.71 -25.94
CA TYR A 200 43.36 15.32 -26.24
C TYR A 200 42.12 14.71 -26.88
N SER A 201 42.31 13.94 -27.93
CA SER A 201 41.21 13.39 -28.72
C SER A 201 41.30 11.88 -28.78
N PHE A 202 40.22 11.21 -28.40
CA PHE A 202 40.07 9.78 -28.56
C PHE A 202 38.71 9.52 -29.19
N VAL A 203 38.64 8.51 -30.04
CA VAL A 203 37.45 8.30 -30.87
C VAL A 203 37.11 6.82 -30.95
N THR A 204 38.11 5.99 -31.18
CA THR A 204 37.90 4.63 -31.64
C THR A 204 37.88 3.65 -30.48
N THR A 205 37.39 2.45 -30.79
CA THR A 205 37.35 1.39 -29.79
C THR A 205 38.75 1.00 -29.34
N ALA A 206 39.74 1.20 -30.21
CA ALA A 206 41.12 1.02 -29.79
C ALA A 206 41.55 2.05 -28.76
N GLU A 207 40.91 3.22 -28.72
CA GLU A 207 41.29 4.25 -27.77
C GLU A 207 40.48 4.25 -26.49
N ARG A 208 39.25 3.74 -26.52
CA ARG A 208 38.48 3.50 -25.30
C ARG A 208 39.26 2.65 -24.31
N GLU A 209 39.90 1.59 -24.80
CA GLU A 209 40.77 0.72 -24.02
C GLU A 209 42.06 1.39 -23.56
N ILE A 210 42.33 2.62 -23.95
CA ILE A 210 43.43 3.39 -23.40
C ILE A 210 42.96 4.36 -22.33
N VAL A 211 41.81 5.01 -22.52
CA VAL A 211 41.25 5.86 -21.49
C VAL A 211 40.97 5.06 -20.22
N ARG A 212 40.45 3.85 -20.36
CA ARG A 212 40.19 3.00 -19.21
C ARG A 212 41.43 2.77 -18.36
N ASP A 213 42.61 2.80 -18.95
CA ASP A 213 43.82 2.66 -18.14
C ASP A 213 44.12 3.89 -17.30
N ILE A 214 43.58 5.06 -17.66
CA ILE A 214 43.71 6.24 -16.82
C ILE A 214 42.86 6.08 -15.56
N LYS A 215 41.60 5.71 -15.74
CA LYS A 215 40.64 5.71 -14.65
C LYS A 215 41.05 4.75 -13.54
N GLU A 216 41.70 3.66 -13.89
CA GLU A 216 42.23 2.73 -12.89
C GLU A 216 43.45 3.26 -12.15
N LYS A 217 43.97 4.43 -12.50
CA LYS A 217 45.25 4.77 -11.87
C LYS A 217 45.26 6.14 -11.21
N LEU A 218 44.57 7.14 -11.76
CA LEU A 218 44.69 8.50 -11.27
C LEU A 218 43.45 9.06 -10.60
N CYS A 219 42.31 8.39 -10.68
CA CYS A 219 41.08 8.92 -10.14
C CYS A 219 40.88 8.55 -8.67
N TYR A 220 40.31 9.47 -7.90
CA TYR A 220 39.97 9.22 -6.51
C TYR A 220 38.75 10.05 -6.15
N VAL A 221 38.10 9.67 -5.06
CA VAL A 221 36.84 10.28 -4.64
C VAL A 221 37.11 11.34 -3.56
N ALA A 222 36.63 12.55 -3.80
CA ALA A 222 36.69 13.63 -2.83
C ALA A 222 35.63 13.45 -1.74
N LEU A 223 36.00 13.79 -0.51
CA LEU A 223 35.05 13.80 0.60
C LEU A 223 34.18 15.04 0.63
N ASP A 224 34.66 16.17 0.11
CA ASP A 224 33.88 17.41 0.12
C ASP A 224 34.13 18.09 -1.22
N PHE A 225 33.42 17.58 -2.24
CA PHE A 225 33.65 17.95 -3.62
C PHE A 225 33.65 19.46 -3.85
N GLU A 226 32.80 20.20 -3.15
CA GLU A 226 32.77 21.65 -3.32
C GLU A 226 34.04 22.33 -2.86
N ASN A 227 34.57 21.94 -1.69
CA ASN A 227 35.84 22.49 -1.23
C ASN A 227 37.00 22.02 -2.09
N GLU A 228 36.97 20.75 -2.50
CA GLU A 228 38.00 20.22 -3.37
C GLU A 228 38.08 20.99 -4.69
N MET A 229 36.95 21.14 -5.36
CA MET A 229 36.95 21.85 -6.65
C MET A 229 37.29 23.32 -6.51
N ALA A 230 36.90 23.96 -5.40
CA ALA A 230 37.31 25.33 -5.15
C ALA A 230 38.82 25.43 -4.90
N THR A 231 39.41 24.43 -4.26
CA THR A 231 40.86 24.44 -4.05
C THR A 231 41.62 24.14 -5.33
N ALA A 232 41.10 23.23 -6.16
CA ALA A 232 41.78 22.83 -7.38
C ALA A 232 42.03 23.98 -8.35
N ALA A 233 41.33 25.10 -8.21
CA ALA A 233 41.67 26.28 -8.99
C ALA A 233 43.03 26.86 -8.66
N SER A 234 43.62 26.53 -7.52
CA SER A 234 44.89 27.14 -7.14
C SER A 234 45.95 26.13 -6.71
N SER A 235 45.53 25.02 -6.10
CA SER A 235 46.46 24.02 -5.58
C SER A 235 47.00 23.14 -6.70
N SER A 236 48.00 23.67 -7.40
CA SER A 236 48.63 22.98 -8.52
C SER A 236 49.19 21.61 -8.14
N SER A 237 49.47 21.38 -6.86
CA SER A 237 49.91 20.07 -6.37
C SER A 237 48.89 18.97 -6.58
N LEU A 238 47.68 19.32 -7.00
CA LEU A 238 46.71 18.31 -7.41
C LEU A 238 47.11 17.63 -8.71
N GLU A 239 47.70 18.37 -9.65
CA GLU A 239 47.84 17.91 -11.02
C GLU A 239 48.89 16.82 -11.15
N LYS A 240 48.61 15.85 -12.04
CA LYS A 240 49.40 14.64 -12.23
C LYS A 240 49.63 14.42 -13.72
N SER A 241 50.68 13.66 -14.03
CA SER A 241 51.09 13.43 -15.41
C SER A 241 51.26 11.94 -15.68
N TYR A 242 50.94 11.53 -16.90
CA TYR A 242 50.89 10.13 -17.28
C TYR A 242 51.30 10.02 -18.74
N GLU A 243 51.84 8.86 -19.13
CA GLU A 243 52.29 8.63 -20.49
C GLU A 243 51.36 7.70 -21.26
N LEU A 244 51.01 8.09 -22.47
CA LEU A 244 50.35 7.24 -23.46
C LEU A 244 51.29 6.12 -23.91
N PRO A 245 50.88 5.25 -24.84
CA PRO A 245 51.84 4.27 -25.39
C PRO A 245 53.03 4.88 -26.11
N ASP A 246 52.81 5.78 -27.06
CA ASP A 246 53.83 6.71 -27.49
C ASP A 246 54.15 7.71 -26.37
N GLY A 247 55.26 8.41 -26.53
CA GLY A 247 55.78 9.20 -25.43
C GLY A 247 54.99 10.46 -25.13
N GLN A 248 53.80 10.58 -25.73
CA GLN A 248 52.97 11.76 -25.50
C GLN A 248 52.60 11.83 -24.03
N VAL A 249 53.04 12.89 -23.34
CA VAL A 249 52.64 13.13 -21.97
C VAL A 249 51.27 13.77 -21.90
N ILE A 250 50.54 13.44 -20.84
CA ILE A 250 49.20 13.96 -20.57
C ILE A 250 49.25 14.61 -19.20
N THR A 251 48.58 15.74 -19.04
CA THR A 251 48.43 16.39 -17.75
C THR A 251 46.96 16.47 -17.35
N ILE A 252 46.68 16.12 -16.09
CA ILE A 252 45.33 15.91 -15.59
C ILE A 252 45.17 16.71 -14.30
N GLY A 253 44.02 17.35 -14.13
CA GLY A 253 43.85 18.19 -12.95
C GLY A 253 42.59 17.88 -12.16
N ASN A 254 41.64 18.82 -12.09
CA ASN A 254 40.37 18.53 -11.45
C ASN A 254 39.61 17.39 -12.14
N GLU A 255 40.00 17.05 -13.36
CA GLU A 255 39.50 15.85 -14.02
C GLU A 255 39.84 14.56 -13.29
N ARG A 256 40.76 14.59 -12.33
CA ARG A 256 41.02 13.40 -11.52
C ARG A 256 39.79 12.96 -10.75
N PHE A 257 38.98 13.89 -10.26
CA PHE A 257 37.90 13.50 -9.37
C PHE A 257 36.49 13.80 -9.86
N ARG A 258 36.33 14.69 -10.85
CA ARG A 258 35.01 14.86 -11.46
C ARG A 258 34.49 13.59 -12.13
N CYS A 259 35.35 12.63 -12.44
CA CYS A 259 34.85 11.35 -12.94
C CYS A 259 34.09 10.56 -11.87
N PRO A 260 34.71 10.03 -10.80
CA PRO A 260 33.96 9.18 -9.87
C PRO A 260 32.89 9.92 -9.09
N GLU A 261 32.88 11.25 -9.11
CA GLU A 261 31.77 12.02 -8.58
C GLU A 261 30.44 11.70 -9.28
N THR A 262 30.50 11.14 -10.49
CA THR A 262 29.28 10.78 -11.22
C THR A 262 28.41 9.78 -10.46
N LEU A 263 29.03 8.82 -9.77
CA LEU A 263 28.24 7.82 -9.06
C LEU A 263 27.36 8.41 -7.98
N PHE A 264 27.75 9.55 -7.41
CA PHE A 264 26.94 10.20 -6.41
C PHE A 264 26.02 11.28 -6.96
N GLN A 265 26.19 11.72 -8.21
CA GLN A 265 25.32 12.72 -8.83
C GLN A 265 25.12 12.41 -10.30
N PRO A 266 24.35 11.38 -10.61
CA PRO A 266 24.20 10.95 -12.01
C PRO A 266 23.63 12.00 -12.94
N SER A 267 22.97 13.03 -12.42
CA SER A 267 22.55 14.14 -13.28
C SER A 267 23.70 14.81 -14.03
N PHE A 268 24.94 14.61 -13.60
CA PHE A 268 26.08 15.09 -14.39
C PHE A 268 26.14 14.42 -15.75
N ILE A 269 25.81 13.12 -15.83
CA ILE A 269 25.70 12.48 -17.13
C ILE A 269 24.26 12.50 -17.59
N GLY A 270 23.45 13.36 -16.98
CA GLY A 270 22.06 13.52 -17.35
C GLY A 270 21.16 12.37 -16.97
N MET A 271 21.63 11.44 -16.16
CA MET A 271 20.82 10.32 -15.75
C MET A 271 19.77 10.81 -14.76
N GLU A 272 18.54 10.30 -14.89
CA GLU A 272 17.49 10.70 -13.96
C GLU A 272 17.53 9.91 -12.66
N SER A 273 17.91 8.64 -12.72
CA SER A 273 17.91 7.78 -11.54
C SER A 273 18.82 8.34 -10.45
N ALA A 274 18.40 8.12 -9.20
CA ALA A 274 19.12 8.57 -8.01
C ALA A 274 20.50 7.93 -7.87
N GLY A 275 21.33 8.58 -7.07
CA GLY A 275 22.68 8.10 -6.83
C GLY A 275 22.73 6.81 -6.05
N ILE A 276 23.90 6.18 -6.08
CA ILE A 276 24.05 4.82 -5.54
C ILE A 276 23.73 4.76 -4.07
N HIS A 277 23.95 5.84 -3.31
CA HIS A 277 23.55 5.81 -1.91
C HIS A 277 22.06 6.02 -1.74
N GLU A 278 21.42 6.76 -2.64
CA GLU A 278 19.97 6.95 -2.52
C GLU A 278 19.20 5.69 -2.85
N THR A 279 19.69 4.87 -3.78
CA THR A 279 19.10 3.55 -3.97
C THR A 279 19.49 2.55 -2.89
N THR A 280 20.70 2.69 -2.33
CA THR A 280 21.08 1.85 -1.21
C THR A 280 20.19 2.11 0.01
N TYR A 281 19.92 3.38 0.27
CA TYR A 281 18.98 3.74 1.32
C TYR A 281 17.56 3.28 1.01
N ASN A 282 17.06 3.63 -0.17
CA ASN A 282 15.66 3.36 -0.51
C ASN A 282 15.32 1.89 -0.68
N SER A 283 16.32 1.00 -0.78
CA SER A 283 16.03 -0.42 -0.68
C SER A 283 15.76 -0.88 0.75
N ILE A 284 16.45 -0.29 1.72
CA ILE A 284 16.14 -0.57 3.13
C ILE A 284 14.73 -0.13 3.49
N MET A 285 14.27 0.99 2.96
CA MET A 285 12.92 1.46 3.28
C MET A 285 11.81 0.56 2.75
N LYS A 286 12.12 -0.42 1.91
CA LYS A 286 11.13 -1.43 1.55
C LYS A 286 10.98 -2.51 2.60
N CYS A 287 11.89 -2.59 3.57
CA CYS A 287 11.87 -3.65 4.56
C CYS A 287 10.93 -3.35 5.72
N ASP A 288 10.45 -4.41 6.34
CA ASP A 288 9.66 -4.30 7.56
C ASP A 288 10.42 -3.59 8.67
N ILE A 289 9.69 -2.76 9.42
CA ILE A 289 10.25 -1.77 10.33
C ILE A 289 11.00 -2.40 11.50
N ASP A 290 11.03 -3.74 11.55
CA ASP A 290 11.92 -4.39 12.50
C ASP A 290 13.37 -4.36 12.04
N ILE A 291 13.64 -4.88 10.84
CA ILE A 291 14.98 -5.39 10.54
C ILE A 291 15.98 -4.30 10.19
N ARG A 292 15.53 -3.07 9.98
CA ARG A 292 16.41 -2.00 9.54
C ARG A 292 17.64 -1.86 10.43
N LYS A 293 17.47 -2.01 11.74
CA LYS A 293 18.60 -1.92 12.66
C LYS A 293 19.71 -2.90 12.33
N ASP A 294 19.37 -4.09 11.81
CA ASP A 294 20.38 -5.08 11.51
C ASP A 294 21.10 -4.81 10.19
N LEU A 295 20.41 -4.26 9.20
CA LEU A 295 21.02 -4.02 7.91
C LEU A 295 22.03 -2.87 7.96
N TYR A 296 21.77 -1.83 8.73
CA TYR A 296 22.78 -0.79 8.91
C TYR A 296 24.08 -1.28 9.52
N ALA A 297 24.11 -2.47 10.11
CA ALA A 297 25.38 -3.01 10.61
C ALA A 297 26.12 -3.92 9.64
N ASN A 298 25.56 -4.25 8.47
CA ASN A 298 26.14 -5.27 7.60
C ASN A 298 26.07 -4.83 6.13
N ASN A 299 26.45 -3.59 5.87
CA ASN A 299 26.31 -2.99 4.55
C ASN A 299 27.58 -3.26 3.74
N VAL A 300 27.55 -4.33 2.96
CA VAL A 300 28.73 -4.89 2.31
C VAL A 300 28.77 -4.46 0.85
N MET A 301 29.96 -4.09 0.37
CA MET A 301 30.17 -3.64 -1.00
C MET A 301 31.02 -4.65 -1.75
N SER A 302 30.73 -4.81 -3.04
CA SER A 302 31.62 -5.58 -3.90
C SER A 302 31.56 -5.02 -5.32
N GLY A 303 32.52 -5.43 -6.12
CA GLY A 303 32.63 -5.05 -7.52
C GLY A 303 33.69 -3.99 -7.73
N GLY A 304 34.37 -4.09 -8.88
CA GLY A 304 35.54 -3.26 -9.12
C GLY A 304 35.30 -1.77 -9.06
N THR A 305 34.11 -1.32 -9.44
CA THR A 305 33.84 0.11 -9.36
C THR A 305 33.66 0.61 -7.96
N THR A 306 34.01 -0.16 -6.95
CA THR A 306 34.19 0.36 -5.59
C THR A 306 35.64 0.33 -5.15
N MET A 307 36.58 0.10 -6.06
CA MET A 307 37.98 0.07 -5.69
C MET A 307 38.59 1.46 -5.50
N TYR A 308 37.96 2.51 -6.01
CA TYR A 308 38.57 3.83 -5.94
C TYR A 308 38.93 4.17 -4.49
N PRO A 309 40.15 4.63 -4.23
CA PRO A 309 40.52 5.09 -2.89
C PRO A 309 39.52 6.09 -2.31
N GLY A 310 39.04 5.80 -1.10
CA GLY A 310 38.18 6.72 -0.39
C GLY A 310 36.69 6.59 -0.62
N ILE A 311 36.25 5.54 -1.33
CA ILE A 311 34.81 5.43 -1.61
C ILE A 311 34.03 5.11 -0.34
N ALA A 312 34.58 4.26 0.53
CA ALA A 312 33.86 3.88 1.74
C ALA A 312 33.65 5.07 2.69
N ASP A 313 34.68 5.91 2.84
CA ASP A 313 34.55 7.10 3.67
C ASP A 313 33.49 8.05 3.16
N ARG A 314 33.35 8.19 1.85
CA ARG A 314 32.26 8.99 1.29
C ARG A 314 30.90 8.35 1.57
N MET A 315 30.77 7.05 1.35
CA MET A 315 29.51 6.35 1.58
C MET A 315 28.97 6.57 2.99
N GLN A 316 29.82 6.40 4.00
CA GLN A 316 29.42 6.60 5.39
C GLN A 316 28.90 8.02 5.65
N LYS A 317 29.63 9.04 5.20
CA LYS A 317 29.17 10.41 5.41
C LYS A 317 27.87 10.72 4.67
N GLU A 318 27.68 10.15 3.48
CA GLU A 318 26.41 10.36 2.78
C GLU A 318 25.24 9.70 3.48
N ILE A 319 25.34 8.41 3.79
CA ILE A 319 24.19 7.72 4.38
C ILE A 319 23.91 8.19 5.81
N THR A 320 24.92 8.68 6.53
CA THR A 320 24.66 9.29 7.83
C THR A 320 23.73 10.49 7.76
N ALA A 321 23.65 11.17 6.61
CA ALA A 321 22.70 12.26 6.49
C ALA A 321 21.27 11.76 6.32
N LEU A 322 21.08 10.58 5.73
CA LEU A 322 19.75 10.05 5.50
C LEU A 322 19.20 9.28 6.69
N ALA A 323 19.96 8.30 7.19
CA ALA A 323 19.48 7.50 8.30
C ALA A 323 19.47 8.34 9.57
N PRO A 324 18.48 8.15 10.44
CA PRO A 324 18.46 8.87 11.71
C PRO A 324 19.71 8.62 12.53
N SER A 325 20.04 9.60 13.37
CA SER A 325 21.06 9.47 14.39
C SER A 325 20.66 8.42 15.43
N THR A 326 21.61 8.15 16.33
CA THR A 326 21.60 7.04 17.29
C THR A 326 21.67 5.67 16.62
N MET A 327 21.36 5.59 15.33
CA MET A 327 21.66 4.38 14.58
C MET A 327 23.11 4.44 14.10
N LYS A 328 23.93 3.49 14.53
CA LYS A 328 25.30 3.37 14.04
C LYS A 328 25.33 2.73 12.66
N ILE A 329 26.30 3.16 11.85
CA ILE A 329 26.44 2.67 10.48
C ILE A 329 27.87 2.15 10.30
N LYS A 330 28.00 1.01 9.65
CA LYS A 330 29.28 0.30 9.55
C LYS A 330 29.48 -0.21 8.12
N ILE A 331 30.06 0.62 7.26
CA ILE A 331 30.30 0.23 5.88
C ILE A 331 31.45 -0.77 5.86
N ILE A 332 31.16 -2.02 5.51
CA ILE A 332 32.15 -3.09 5.50
C ILE A 332 32.64 -3.22 4.06
N ALA A 333 33.78 -2.57 3.77
CA ALA A 333 34.39 -2.53 2.45
C ALA A 333 35.75 -3.20 2.53
N PRO A 334 35.80 -4.53 2.52
CA PRO A 334 37.05 -5.22 2.78
C PRO A 334 37.97 -5.19 1.56
N PRO A 335 39.25 -5.47 1.76
CA PRO A 335 40.17 -5.69 0.63
C PRO A 335 39.87 -6.96 -0.13
N GLU A 336 40.41 -7.02 -1.36
CA GLU A 336 40.15 -8.05 -2.36
C GLU A 336 38.72 -8.09 -2.87
N ARG A 337 37.90 -7.10 -2.55
CA ARG A 337 36.51 -7.06 -3.00
C ARG A 337 36.35 -7.02 -4.52
N LYS A 338 37.45 -7.00 -5.26
CA LYS A 338 37.42 -7.24 -6.70
C LYS A 338 37.21 -8.71 -7.08
N TYR A 339 37.24 -9.64 -6.14
CA TYR A 339 37.04 -11.05 -6.49
C TYR A 339 35.95 -11.75 -5.70
N SER A 340 35.27 -11.07 -4.79
CA SER A 340 34.39 -11.76 -3.86
C SER A 340 33.35 -12.59 -4.59
N VAL A 341 32.79 -12.04 -5.67
CA VAL A 341 31.79 -12.77 -6.43
C VAL A 341 32.34 -14.07 -6.99
N TRP A 342 33.64 -14.14 -7.26
CA TRP A 342 34.21 -15.42 -7.64
C TRP A 342 34.59 -16.30 -6.45
N ILE A 343 35.18 -15.71 -5.41
CA ILE A 343 35.59 -16.50 -4.25
C ILE A 343 34.39 -17.17 -3.59
N GLY A 344 33.32 -16.41 -3.38
CA GLY A 344 32.07 -17.00 -2.92
C GLY A 344 31.53 -18.10 -3.80
N GLY A 345 31.76 -18.00 -5.10
CA GLY A 345 31.43 -19.12 -5.98
C GLY A 345 32.23 -20.37 -5.68
N SER A 346 33.53 -20.23 -5.41
CA SER A 346 34.34 -21.39 -5.07
C SER A 346 33.87 -22.10 -3.81
N ILE A 347 33.46 -21.34 -2.79
CA ILE A 347 32.98 -21.93 -1.54
C ILE A 347 31.65 -22.66 -1.74
N LEU A 348 30.67 -21.97 -2.33
CA LEU A 348 29.35 -22.57 -2.52
C LEU A 348 29.41 -23.85 -3.33
N ALA A 349 30.19 -23.88 -4.40
CA ALA A 349 30.28 -25.10 -5.18
C ALA A 349 30.95 -26.25 -4.43
N SER A 350 31.60 -25.99 -3.31
CA SER A 350 32.18 -27.05 -2.48
C SER A 350 31.29 -27.43 -1.30
N LEU A 351 30.23 -26.69 -1.04
CA LEU A 351 29.37 -26.96 0.10
C LEU A 351 28.52 -28.21 -0.14
N SER A 352 28.58 -29.14 0.82
CA SER A 352 28.11 -30.51 0.63
C SER A 352 26.63 -30.59 0.24
N THR A 353 25.80 -29.68 0.76
CA THR A 353 24.36 -29.74 0.52
C THR A 353 23.96 -29.30 -0.88
N PHE A 354 24.79 -28.56 -1.60
CA PHE A 354 24.41 -28.02 -2.89
C PHE A 354 24.15 -29.11 -3.94
N GLN A 355 24.67 -30.31 -3.72
CA GLN A 355 24.46 -31.44 -4.64
C GLN A 355 23.00 -31.78 -4.89
N GLN A 356 22.08 -31.27 -4.06
CA GLN A 356 20.65 -31.42 -4.35
C GLN A 356 20.16 -30.56 -5.52
N MET A 357 20.89 -29.53 -5.93
CA MET A 357 20.36 -28.53 -6.85
C MET A 357 20.81 -28.67 -8.29
N TRP A 358 21.79 -29.54 -8.58
CA TRP A 358 22.27 -29.67 -9.95
C TRP A 358 21.17 -30.12 -10.91
N ILE A 359 20.86 -29.26 -11.89
CA ILE A 359 19.86 -29.55 -12.90
C ILE A 359 20.40 -30.67 -13.80
N THR A 360 19.78 -31.84 -13.74
CA THR A 360 20.33 -32.96 -14.49
C THR A 360 20.00 -32.83 -15.98
N LYS A 361 20.85 -33.47 -16.79
CA LYS A 361 20.55 -33.64 -18.21
C LYS A 361 19.22 -34.32 -18.46
N GLN A 362 18.91 -35.35 -17.67
CA GLN A 362 17.66 -36.09 -17.88
C GLN A 362 16.43 -35.22 -17.66
N GLU A 363 16.49 -34.34 -16.68
CA GLU A 363 15.37 -33.47 -16.33
C GLU A 363 15.07 -32.43 -17.41
N TYR A 364 16.10 -31.90 -18.07
CA TYR A 364 15.87 -31.00 -19.21
C TYR A 364 15.20 -31.68 -20.39
N ASP A 365 15.58 -32.90 -20.73
CA ASP A 365 14.93 -33.57 -21.86
C ASP A 365 13.46 -33.85 -21.64
N GLU A 366 13.01 -33.98 -20.39
CA GLU A 366 11.58 -34.14 -20.16
C GLU A 366 10.83 -32.80 -20.12
N ALA A 367 11.35 -31.81 -19.40
CA ALA A 367 10.62 -30.56 -19.22
C ALA A 367 10.75 -29.61 -20.40
N GLY A 368 11.83 -29.70 -21.17
CA GLY A 368 12.21 -28.63 -22.06
C GLY A 368 12.83 -27.45 -21.35
N PRO A 369 13.37 -26.51 -22.12
CA PRO A 369 14.20 -25.43 -21.54
C PRO A 369 13.57 -24.67 -20.39
N SER A 370 12.23 -24.63 -20.30
CA SER A 370 11.59 -23.82 -19.28
C SER A 370 11.89 -24.29 -17.87
N ILE A 371 12.49 -25.46 -17.71
CA ILE A 371 12.76 -26.02 -16.39
C ILE A 371 13.53 -25.03 -15.51
N VAL A 372 14.42 -24.25 -16.10
CA VAL A 372 15.24 -23.34 -15.30
C VAL A 372 14.47 -22.16 -14.75
N HIS A 373 13.23 -21.94 -15.18
CA HIS A 373 12.40 -20.94 -14.50
C HIS A 373 11.86 -21.45 -13.17
N ARG A 374 11.93 -22.76 -12.94
CA ARG A 374 11.37 -23.37 -11.73
C ARG A 374 12.32 -23.32 -10.53
N LYS A 375 13.58 -22.91 -10.71
CA LYS A 375 14.59 -23.09 -9.69
C LYS A 375 15.41 -21.81 -9.50
N CYS A 376 14.70 -20.69 -9.37
CA CYS A 376 15.30 -19.38 -9.19
C CYS A 376 14.24 -18.47 -8.58
N PHE A 377 14.54 -17.18 -8.48
CA PHE A 377 13.53 -16.23 -8.05
C PHE A 377 12.51 -16.01 -9.16
N THR B 7 6.97 -35.88 42.91
CA THR B 7 5.72 -35.78 43.68
C THR B 7 5.16 -34.38 43.59
N THR B 8 5.97 -33.45 43.12
CA THR B 8 5.55 -32.07 42.94
C THR B 8 4.71 -31.94 41.68
N ALA B 9 3.73 -31.05 41.73
CA ALA B 9 2.88 -30.79 40.57
C ALA B 9 3.54 -29.83 39.60
N LEU B 10 3.22 -30.00 38.32
CA LEU B 10 3.50 -29.02 37.27
C LEU B 10 2.31 -28.09 37.17
N VAL B 11 2.44 -26.87 37.69
CA VAL B 11 1.43 -25.85 37.46
C VAL B 11 1.69 -25.25 36.08
N CYS B 12 0.94 -25.69 35.09
CA CYS B 12 0.99 -25.13 33.75
C CYS B 12 -0.05 -24.01 33.67
N ASP B 13 -0.31 -23.50 32.48
CA ASP B 13 -1.37 -22.51 32.32
C ASP B 13 -1.79 -22.43 30.87
N ASN B 14 -2.97 -21.84 30.67
CA ASN B 14 -3.46 -21.45 29.35
C ASN B 14 -3.84 -19.97 29.39
N GLY B 15 -2.84 -19.14 29.65
CA GLY B 15 -2.99 -17.72 29.44
C GLY B 15 -3.23 -17.41 27.98
N SER B 16 -4.06 -16.40 27.73
CA SER B 16 -4.31 -16.00 26.35
C SER B 16 -3.12 -15.26 25.78
N GLY B 17 -2.35 -14.59 26.62
CA GLY B 17 -1.22 -13.84 26.17
C GLY B 17 0.06 -14.58 26.50
N LEU B 18 0.43 -14.63 27.77
CA LEU B 18 1.68 -15.26 28.19
C LEU B 18 1.41 -16.61 28.84
N VAL B 19 1.99 -17.66 28.26
CA VAL B 19 2.09 -18.93 28.96
C VAL B 19 2.96 -18.77 30.20
N LYS B 20 2.59 -19.45 31.28
CA LYS B 20 3.31 -19.37 32.54
C LYS B 20 3.49 -20.78 33.05
N ALA B 21 4.70 -21.11 33.48
CA ALA B 21 4.98 -22.47 33.95
C ALA B 21 6.06 -22.45 35.00
N GLY B 22 5.97 -23.39 35.94
CA GLY B 22 6.98 -23.57 36.96
C GLY B 22 6.50 -24.52 38.03
N PHE B 23 7.40 -25.28 38.62
CA PHE B 23 7.01 -26.28 39.59
C PHE B 23 6.31 -25.66 40.79
N ALA B 24 5.43 -26.44 41.40
CA ALA B 24 4.84 -26.07 42.68
C ALA B 24 5.92 -26.01 43.76
N GLY B 25 5.66 -25.18 44.77
CA GLY B 25 6.62 -24.97 45.83
C GLY B 25 7.71 -23.98 45.50
N ASP B 26 7.87 -23.61 44.25
CA ASP B 26 8.60 -22.41 43.89
C ASP B 26 7.68 -21.19 44.04
N ASP B 27 8.30 -20.02 44.15
CA ASP B 27 7.59 -18.78 44.41
C ASP B 27 7.52 -17.86 43.20
N ALA B 28 8.17 -18.20 42.09
CA ALA B 28 8.03 -17.40 40.88
C ALA B 28 8.12 -18.32 39.67
N PRO B 29 7.38 -18.01 38.61
CA PRO B 29 7.40 -18.87 37.42
C PRO B 29 8.79 -18.90 36.77
N ARG B 30 9.19 -20.10 36.33
CA ARG B 30 10.49 -20.24 35.72
C ARG B 30 10.53 -19.78 34.28
N ALA B 31 9.41 -19.84 33.57
CA ALA B 31 9.37 -19.36 32.19
C ALA B 31 8.10 -18.55 31.94
N VAL B 32 8.27 -17.48 31.17
CA VAL B 32 7.15 -16.70 30.65
C VAL B 32 7.51 -16.31 29.22
N PHE B 33 6.65 -16.67 28.27
CA PHE B 33 6.91 -16.31 26.89
C PHE B 33 5.61 -16.23 26.12
N PRO B 34 5.54 -15.40 25.09
CA PRO B 34 4.32 -15.28 24.30
C PRO B 34 3.91 -16.59 23.62
N SER B 35 2.61 -16.80 23.54
CA SER B 35 1.97 -18.00 22.99
C SER B 35 1.93 -18.02 21.47
N ILE B 36 2.98 -17.61 20.76
CA ILE B 36 2.91 -17.39 19.32
C ILE B 36 3.54 -18.56 18.58
N VAL B 37 2.85 -19.03 17.53
CA VAL B 37 3.43 -19.86 16.49
C VAL B 37 3.62 -19.01 15.24
N GLY B 38 4.81 -19.11 14.65
CA GLY B 38 5.11 -18.39 13.43
C GLY B 38 5.73 -19.28 12.37
N ARG B 39 5.45 -18.95 11.11
CA ARG B 39 5.94 -19.73 9.98
C ARG B 39 6.47 -18.78 8.92
N PRO B 40 7.52 -19.17 8.21
CA PRO B 40 8.17 -18.25 7.26
C PRO B 40 7.24 -17.81 6.14
N ARG B 41 7.36 -16.54 5.77
CA ARG B 41 6.59 -15.97 4.68
C ARG B 41 7.29 -16.03 3.32
N HIS B 42 8.61 -16.28 3.28
CA HIS B 42 9.35 -16.26 2.03
C HIS B 42 10.32 -17.44 1.98
N GLN B 43 10.73 -17.77 0.76
CA GLN B 43 11.63 -18.90 0.53
C GLN B 43 13.06 -18.63 0.98
N GLY B 44 13.66 -19.65 1.60
CA GLY B 44 15.07 -19.62 1.95
C GLY B 44 15.95 -19.68 0.71
N VAL B 45 16.97 -18.83 0.66
CA VAL B 45 17.74 -18.66 -0.57
C VAL B 45 19.24 -18.68 -0.30
N MET B 46 19.66 -18.29 0.90
CA MET B 46 20.99 -18.66 1.39
C MET B 46 20.94 -20.10 1.90
N VAL B 47 21.42 -21.03 1.08
CA VAL B 47 21.27 -22.44 1.40
C VAL B 47 22.04 -22.80 2.68
N GLY B 48 21.51 -23.77 3.40
CA GLY B 48 22.20 -24.34 4.55
C GLY B 48 22.16 -23.53 5.83
N MET B 49 21.08 -22.80 6.09
CA MET B 49 20.95 -22.08 7.35
C MET B 49 20.80 -23.00 8.55
N GLY B 50 20.42 -24.26 8.33
CA GLY B 50 19.80 -25.02 9.41
C GLY B 50 18.43 -24.48 9.79
N GLN B 51 17.61 -24.14 8.80
CA GLN B 51 16.31 -23.53 9.02
C GLN B 51 15.33 -24.54 9.64
N LYS B 52 14.20 -24.01 10.09
CA LYS B 52 13.14 -24.80 10.68
C LYS B 52 11.82 -24.43 10.02
N ASP B 53 10.88 -25.37 10.03
CA ASP B 53 9.54 -25.09 9.52
C ASP B 53 8.77 -24.10 10.38
N SER B 54 9.00 -24.07 11.69
CA SER B 54 8.21 -23.17 12.51
C SER B 54 8.98 -22.71 13.74
N TYR B 55 8.62 -21.52 14.23
CA TYR B 55 9.32 -20.88 15.33
C TYR B 55 8.29 -20.54 16.41
N VAL B 56 8.67 -20.70 17.66
CA VAL B 56 7.75 -20.53 18.78
C VAL B 56 8.47 -19.85 19.95
N GLY B 57 7.74 -19.02 20.68
CA GLY B 57 8.32 -18.31 21.80
C GLY B 57 9.28 -17.18 21.43
N ASP B 58 10.42 -17.15 22.13
CA ASP B 58 11.43 -16.11 21.89
C ASP B 58 11.91 -16.06 20.45
N GLU B 59 11.99 -17.21 19.78
CA GLU B 59 12.41 -17.25 18.38
C GLU B 59 11.59 -16.28 17.53
N ALA B 60 10.28 -16.29 17.72
CA ALA B 60 9.35 -15.51 16.93
C ALA B 60 9.30 -14.05 17.30
N GLN B 61 9.66 -13.69 18.53
CA GLN B 61 9.86 -12.27 18.80
C GLN B 61 11.16 -11.70 18.23
N SER B 62 12.10 -12.54 17.80
CA SER B 62 13.34 -12.04 17.19
C SER B 62 13.31 -12.03 15.67
N LYS B 63 12.85 -13.12 15.05
CA LYS B 63 12.68 -13.20 13.60
C LYS B 63 11.50 -12.38 13.09
N ARG B 64 11.07 -11.42 13.89
CA ARG B 64 9.76 -10.79 13.78
C ARG B 64 9.53 -10.07 12.46
N GLY B 65 10.53 -9.93 11.60
CA GLY B 65 10.32 -9.35 10.30
C GLY B 65 9.97 -10.26 9.14
N ILE B 66 9.99 -11.57 9.32
CA ILE B 66 9.86 -12.48 8.19
C ILE B 66 8.82 -13.57 8.48
N LEU B 67 8.08 -13.43 9.58
CA LEU B 67 7.18 -14.48 10.02
C LEU B 67 5.74 -14.01 9.93
N THR B 68 4.87 -14.92 9.52
CA THR B 68 3.45 -14.89 9.86
C THR B 68 3.23 -15.40 11.28
N LEU B 69 2.61 -14.57 12.11
CA LEU B 69 2.36 -14.89 13.51
C LEU B 69 0.89 -15.18 13.71
N LYS B 70 0.59 -16.21 14.49
CA LYS B 70 -0.76 -16.55 14.88
C LYS B 70 -0.82 -16.74 16.39
N TYR B 71 -1.93 -16.32 16.96
CA TYR B 71 -2.26 -16.74 18.31
C TYR B 71 -3.29 -17.85 18.25
N PRO B 72 -3.03 -19.00 18.87
CA PRO B 72 -3.99 -20.10 18.81
C PRO B 72 -5.13 -19.97 19.82
N ILE B 73 -5.19 -18.89 20.58
CA ILE B 73 -6.18 -18.72 21.63
C ILE B 73 -6.97 -17.45 21.32
N GLU B 74 -8.29 -17.58 21.25
CA GLU B 74 -9.15 -16.42 21.07
C GLU B 74 -10.31 -16.45 22.06
N HIC B 75 -10.33 -15.48 22.96
CA HIC B 75 -11.39 -15.34 23.93
C HIC B 75 -11.46 -16.57 24.82
O HIC B 75 -12.50 -17.05 25.27
CB HIC B 75 -12.80 -15.16 23.33
CG HIC B 75 -12.82 -14.06 22.37
ND1 HIC B 75 -13.62 -14.01 21.22
CD2 HIC B 75 -12.05 -12.90 22.46
CE1 HIC B 75 -13.34 -12.84 20.63
NE2 HIC B 75 -12.38 -12.12 21.34
CZ HIC B 75 -11.84 -10.84 21.02
N GLY B 76 -10.28 -17.12 25.07
CA GLY B 76 -10.15 -18.37 25.82
C GLY B 76 -10.60 -19.65 25.14
N ILE B 77 -11.00 -19.58 23.88
CA ILE B 77 -11.42 -20.76 23.14
C ILE B 77 -10.32 -21.11 22.15
N ILE B 78 -9.77 -22.32 22.30
CA ILE B 78 -8.70 -22.76 21.41
C ILE B 78 -9.27 -23.10 20.04
N THR B 79 -8.79 -22.41 19.01
CA THR B 79 -9.37 -22.53 17.67
C THR B 79 -8.61 -23.50 16.77
N ASN B 80 -7.39 -23.89 17.13
CA ASN B 80 -6.60 -24.77 16.27
C ASN B 80 -5.76 -25.66 17.17
N TRP B 81 -6.07 -26.96 17.19
CA TRP B 81 -5.41 -27.88 18.11
C TRP B 81 -4.02 -28.29 17.66
N ASP B 82 -3.69 -28.15 16.39
CA ASP B 82 -2.35 -28.55 15.94
C ASP B 82 -1.34 -27.46 16.22
N ASP B 83 -1.75 -26.20 16.18
CA ASP B 83 -0.92 -25.12 16.72
C ASP B 83 -0.77 -25.27 18.23
N MET B 84 -1.88 -25.46 18.93
CA MET B 84 -1.87 -25.49 20.40
C MET B 84 -1.06 -26.66 20.93
N GLU B 85 -1.07 -27.78 20.23
CA GLU B 85 -0.26 -28.92 20.65
C GLU B 85 1.25 -28.67 20.52
N LYS B 86 1.68 -27.89 19.54
CA LYS B 86 3.10 -27.57 19.46
C LYS B 86 3.58 -26.72 20.63
N ILE B 87 2.80 -25.72 21.04
CA ILE B 87 3.21 -24.86 22.15
C ILE B 87 3.53 -25.67 23.41
N TRP B 88 2.67 -26.62 23.77
CA TRP B 88 2.98 -27.46 24.92
C TRP B 88 4.19 -28.34 24.67
N HIS B 89 4.31 -28.90 23.46
CA HIS B 89 5.44 -29.74 23.13
C HIS B 89 6.76 -28.99 23.30
N HIS B 90 6.75 -27.68 23.10
CA HIS B 90 7.88 -26.84 23.45
C HIS B 90 8.00 -26.65 24.95
N THR B 91 6.88 -26.37 25.62
CA THR B 91 6.91 -26.02 27.03
C THR B 91 7.58 -27.07 27.90
N PHE B 92 7.21 -28.34 27.74
CA PHE B 92 7.80 -29.38 28.57
C PHE B 92 9.24 -29.70 28.18
N TYR B 93 9.49 -29.97 26.90
CA TYR B 93 10.77 -30.55 26.50
C TYR B 93 11.91 -29.55 26.41
N ASN B 94 11.65 -28.28 26.26
CA ASN B 94 12.73 -27.32 26.01
C ASN B 94 12.85 -26.25 27.07
N GLU B 95 11.73 -25.75 27.60
CA GLU B 95 11.80 -24.67 28.57
C GLU B 95 11.93 -25.18 30.00
N LEU B 96 11.02 -26.06 30.44
CA LEU B 96 11.26 -26.73 31.71
C LEU B 96 12.26 -27.87 31.59
N ARG B 97 12.41 -28.47 30.40
CA ARG B 97 13.27 -29.63 30.23
C ARG B 97 12.96 -30.72 31.25
N VAL B 98 11.68 -31.08 31.33
CA VAL B 98 11.24 -32.13 32.24
C VAL B 98 10.24 -33.02 31.51
N ALA B 99 10.39 -34.32 31.67
CA ALA B 99 9.49 -35.27 31.04
C ALA B 99 8.15 -35.29 31.78
N PRO B 100 7.03 -35.12 31.08
CA PRO B 100 5.75 -34.94 31.78
C PRO B 100 5.14 -36.21 32.30
N GLU B 101 5.53 -37.38 31.79
CA GLU B 101 4.92 -38.62 32.22
C GLU B 101 5.26 -39.02 33.64
N GLU B 102 6.07 -38.25 34.36
CA GLU B 102 6.21 -38.46 35.79
C GLU B 102 5.21 -37.68 36.61
N HIS B 103 4.75 -36.54 36.12
CA HIS B 103 4.26 -35.50 36.99
C HIS B 103 2.78 -35.21 36.75
N PRO B 104 1.98 -35.08 37.81
CA PRO B 104 0.63 -34.54 37.65
C PRO B 104 0.64 -33.12 37.11
N THR B 105 -0.25 -32.86 36.16
CA THR B 105 -0.29 -31.61 35.44
C THR B 105 -1.60 -30.90 35.71
N LEU B 106 -1.51 -29.66 36.20
CA LEU B 106 -2.67 -28.86 36.55
C LEU B 106 -2.84 -27.78 35.49
N LEU B 107 -3.98 -27.78 34.82
CA LEU B 107 -4.30 -26.76 33.84
C LEU B 107 -5.33 -25.80 34.41
N THR B 108 -5.64 -24.76 33.64
CA THR B 108 -6.67 -23.80 34.00
C THR B 108 -7.48 -23.46 32.76
N GLU B 109 -8.70 -22.95 32.99
CA GLU B 109 -9.43 -22.31 31.92
C GLU B 109 -10.42 -21.33 32.53
N ALA B 110 -10.89 -20.40 31.70
CA ALA B 110 -12.01 -19.55 32.07
C ALA B 110 -13.28 -20.37 32.28
N PRO B 111 -14.16 -19.93 33.19
CA PRO B 111 -15.50 -20.53 33.28
C PRO B 111 -16.38 -20.13 32.10
N LEU B 112 -17.47 -20.90 31.93
CA LEU B 112 -18.39 -20.72 30.81
C LEU B 112 -17.68 -20.87 29.47
N ASN B 113 -17.18 -22.08 29.25
CA ASN B 113 -16.55 -22.42 27.99
C ASN B 113 -17.27 -23.58 27.32
N PRO B 114 -17.20 -23.68 26.00
CA PRO B 114 -17.80 -24.83 25.32
C PRO B 114 -17.17 -26.13 25.78
N LYS B 115 -18.02 -27.05 26.24
CA LYS B 115 -17.53 -28.23 26.93
C LYS B 115 -16.56 -29.05 26.10
N ALA B 116 -16.71 -29.04 24.77
CA ALA B 116 -15.79 -29.81 23.93
C ALA B 116 -14.32 -29.48 24.17
N ASN B 117 -14.00 -28.25 24.56
CA ASN B 117 -12.61 -27.92 24.84
C ASN B 117 -12.06 -28.68 26.03
N ARG B 118 -12.89 -28.91 27.04
CA ARG B 118 -12.42 -29.63 28.22
C ARG B 118 -12.14 -31.09 27.94
N GLU B 119 -12.87 -31.71 27.02
CA GLU B 119 -12.51 -33.05 26.57
C GLU B 119 -11.21 -33.07 25.76
N LYS B 120 -11.06 -32.16 24.80
CA LYS B 120 -9.87 -32.19 23.96
C LYS B 120 -8.60 -32.10 24.78
N MET B 121 -8.55 -31.15 25.71
CA MET B 121 -7.36 -31.01 26.54
C MET B 121 -7.10 -32.29 27.33
N THR B 122 -8.17 -32.91 27.85
CA THR B 122 -8.03 -34.15 28.61
C THR B 122 -7.48 -35.29 27.77
N GLN B 123 -8.04 -35.51 26.58
CA GLN B 123 -7.56 -36.58 25.72
C GLN B 123 -6.14 -36.38 25.22
N ILE B 124 -5.75 -35.13 24.93
CA ILE B 124 -4.38 -34.86 24.53
C ILE B 124 -3.40 -35.17 25.66
N MET B 125 -3.76 -34.78 26.88
CA MET B 125 -2.91 -35.08 28.03
C MET B 125 -2.80 -36.57 28.30
N PHE B 126 -3.91 -37.31 28.21
CA PHE B 126 -3.85 -38.75 28.46
C PHE B 126 -3.24 -39.60 27.35
N GLU B 127 -3.17 -39.13 26.11
CA GLU B 127 -2.78 -40.03 25.03
C GLU B 127 -1.65 -39.54 24.12
N THR B 128 -1.39 -38.24 24.03
CA THR B 128 -0.09 -37.83 23.49
C THR B 128 0.98 -37.84 24.58
N PHE B 129 0.82 -37.04 25.62
CA PHE B 129 1.85 -36.87 26.62
C PHE B 129 1.84 -37.99 27.66
N ASN B 130 0.73 -38.69 27.83
CA ASN B 130 0.59 -39.80 28.78
C ASN B 130 0.86 -39.33 30.22
N VAL B 131 0.24 -38.22 30.60
CA VAL B 131 0.34 -37.70 31.96
C VAL B 131 -0.18 -38.75 32.93
N PRO B 132 0.29 -38.79 34.18
CA PRO B 132 -0.31 -39.69 35.15
C PRO B 132 -1.67 -39.22 35.64
N ALA B 133 -1.92 -37.92 35.70
CA ALA B 133 -3.18 -37.40 36.20
C ALA B 133 -3.35 -35.96 35.75
N MET B 134 -4.56 -35.44 35.89
CA MET B 134 -4.88 -34.12 35.39
C MET B 134 -5.94 -33.50 36.27
N TYR B 135 -6.03 -32.18 36.22
CA TYR B 135 -7.13 -31.44 36.82
C TYR B 135 -7.40 -30.20 35.98
N VAL B 136 -8.55 -29.59 36.18
CA VAL B 136 -8.87 -28.37 35.44
C VAL B 136 -9.54 -27.36 36.35
N ALA B 137 -8.73 -26.51 36.97
CA ALA B 137 -9.21 -25.50 37.90
C ALA B 137 -9.77 -24.28 37.16
N ILE B 138 -10.51 -23.46 37.89
CA ILE B 138 -11.17 -22.28 37.36
C ILE B 138 -10.39 -21.06 37.83
N GLN B 139 -9.91 -20.26 36.88
CA GLN B 139 -8.81 -19.34 37.14
C GLN B 139 -9.10 -18.39 38.31
N ALA B 140 -10.30 -17.80 38.33
CA ALA B 140 -10.59 -16.79 39.35
C ALA B 140 -10.55 -17.36 40.75
N VAL B 141 -10.91 -18.63 40.92
CA VAL B 141 -10.85 -19.28 42.23
C VAL B 141 -9.42 -19.36 42.73
N LEU B 142 -8.47 -19.65 41.85
CA LEU B 142 -7.07 -19.72 42.25
C LEU B 142 -6.54 -18.36 42.64
N SER B 143 -7.03 -17.29 42.01
CA SER B 143 -6.53 -15.96 42.32
C SER B 143 -6.73 -15.60 43.78
N LEU B 144 -7.79 -16.13 44.39
CA LEU B 144 -8.15 -15.75 45.75
C LEU B 144 -7.18 -16.28 46.79
N TYR B 145 -6.56 -17.43 46.56
CA TYR B 145 -5.57 -17.94 47.51
C TYR B 145 -4.34 -17.06 47.63
N ALA B 146 -4.06 -16.21 46.63
CA ALA B 146 -2.89 -15.36 46.75
C ALA B 146 -3.00 -14.39 47.91
N SER B 147 -4.21 -13.94 48.23
CA SER B 147 -4.43 -13.10 49.39
C SER B 147 -4.67 -13.88 50.67
N GLY B 148 -4.83 -15.19 50.59
CA GLY B 148 -5.14 -15.98 51.77
C GLY B 148 -6.49 -15.68 52.37
N ARG B 149 -7.39 -15.09 51.59
CA ARG B 149 -8.75 -14.80 52.01
C ARG B 149 -9.64 -16.01 51.74
N THR B 150 -10.83 -16.00 52.33
CA THR B 150 -11.86 -16.98 52.00
C THR B 150 -13.19 -16.32 51.65
N THR B 151 -13.21 -15.01 51.47
CA THR B 151 -14.43 -14.34 51.07
C THR B 151 -14.04 -13.08 50.30
N GLY B 152 -14.69 -12.86 49.17
CA GLY B 152 -14.39 -11.72 48.34
C GLY B 152 -15.00 -11.85 46.97
N ILE B 153 -15.14 -10.73 46.27
CA ILE B 153 -15.47 -10.74 44.85
C ILE B 153 -14.17 -10.57 44.09
N VAL B 154 -13.94 -11.44 43.12
CA VAL B 154 -12.74 -11.39 42.29
C VAL B 154 -13.11 -10.77 40.95
N LEU B 155 -12.35 -9.75 40.56
CA LEU B 155 -12.39 -9.18 39.22
C LEU B 155 -11.07 -9.52 38.54
N ASP B 156 -11.14 -10.38 37.53
CA ASP B 156 -9.96 -10.88 36.84
C ASP B 156 -10.09 -10.60 35.36
N SER B 157 -9.03 -10.03 34.77
CA SER B 157 -9.12 -9.46 33.43
C SER B 157 -7.77 -9.70 32.74
N GLY B 158 -7.68 -10.81 32.03
CA GLY B 158 -6.46 -11.22 31.38
C GLY B 158 -6.31 -10.63 30.00
N ASP B 159 -5.42 -11.26 29.22
CA ASP B 159 -5.23 -10.86 27.82
C ASP B 159 -6.52 -10.97 27.03
N GLY B 160 -7.35 -11.97 27.33
CA GLY B 160 -8.44 -12.28 26.42
C GLY B 160 -9.86 -12.37 26.94
N VAL B 161 -10.10 -12.29 28.24
CA VAL B 161 -11.46 -12.28 28.77
C VAL B 161 -11.46 -11.60 30.12
N THR B 162 -12.62 -11.09 30.52
CA THR B 162 -12.86 -10.57 31.87
C THR B 162 -14.04 -11.31 32.49
N HIS B 163 -13.93 -11.65 33.76
CA HIS B 163 -15.02 -12.33 34.44
C HIS B 163 -15.06 -11.91 35.91
N ASN B 164 -16.22 -12.14 36.53
CA ASN B 164 -16.43 -11.93 37.96
C ASN B 164 -16.93 -13.21 38.60
N VAL B 165 -16.41 -13.52 39.78
CA VAL B 165 -16.90 -14.65 40.56
C VAL B 165 -16.98 -14.21 42.02
N PRO B 166 -18.17 -14.07 42.60
CA PRO B 166 -18.27 -13.89 44.05
C PRO B 166 -18.15 -15.22 44.78
N ILE B 167 -17.29 -15.25 45.78
CA ILE B 167 -17.15 -16.40 46.67
C ILE B 167 -17.46 -15.98 48.09
N TYR B 168 -18.34 -16.72 48.76
CA TYR B 168 -18.69 -16.51 50.16
C TYR B 168 -18.47 -17.79 50.94
N GLU B 169 -17.70 -17.70 52.03
CA GLU B 169 -17.42 -18.83 52.91
C GLU B 169 -16.95 -20.06 52.15
N GLY B 170 -16.19 -19.84 51.09
CA GLY B 170 -15.77 -20.96 50.29
C GLY B 170 -16.85 -21.58 49.43
N TYR B 171 -18.03 -20.98 49.36
CA TYR B 171 -19.03 -21.39 48.39
C TYR B 171 -19.03 -20.39 47.24
N ALA B 172 -18.88 -20.91 46.02
CA ALA B 172 -19.18 -20.13 44.82
C ALA B 172 -20.68 -20.05 44.58
N LEU B 173 -21.09 -18.98 43.89
CA LEU B 173 -22.50 -18.73 43.58
C LEU B 173 -22.66 -18.77 42.06
N PRO B 174 -22.84 -19.96 41.49
CA PRO B 174 -22.75 -20.12 40.03
C PRO B 174 -23.85 -19.41 39.25
N HIS B 175 -24.87 -18.90 39.90
CA HIS B 175 -25.87 -18.09 39.22
C HIS B 175 -25.45 -16.64 39.02
N ALA B 176 -24.34 -16.21 39.62
CA ALA B 176 -23.96 -14.80 39.65
C ALA B 176 -22.80 -14.46 38.74
N ILE B 177 -22.16 -15.45 38.12
CA ILE B 177 -20.95 -15.22 37.34
C ILE B 177 -21.25 -14.39 36.10
N MET B 178 -20.40 -13.40 35.82
CA MET B 178 -20.45 -12.58 34.63
C MET B 178 -19.24 -12.89 33.76
N ARG B 179 -19.47 -13.12 32.47
CA ARG B 179 -18.42 -13.17 31.47
C ARG B 179 -18.50 -11.95 30.56
N LEU B 180 -17.41 -11.20 30.47
CA LEU B 180 -17.32 -9.96 29.70
C LEU B 180 -16.12 -10.03 28.77
N ASP B 181 -16.37 -10.08 27.47
CA ASP B 181 -15.33 -10.31 26.46
C ASP B 181 -14.64 -9.02 26.02
N LEU B 182 -14.11 -8.28 26.99
CA LEU B 182 -13.38 -7.04 26.74
C LEU B 182 -12.05 -7.10 27.49
N ALA B 183 -10.95 -6.89 26.77
CA ALA B 183 -9.65 -7.32 27.28
C ALA B 183 -8.54 -6.57 26.56
N GLY B 184 -7.32 -6.78 27.05
CA GLY B 184 -6.17 -6.09 26.50
C GLY B 184 -6.00 -6.20 25.00
N ARG B 185 -6.35 -7.34 24.42
CA ARG B 185 -6.28 -7.48 22.97
C ARG B 185 -7.17 -6.47 22.24
N ASP B 186 -8.31 -6.14 22.83
CA ASP B 186 -9.16 -5.11 22.24
C ASP B 186 -8.58 -3.71 22.41
N LEU B 187 -8.01 -3.42 23.59
CA LEU B 187 -7.38 -2.12 23.80
C LEU B 187 -6.21 -1.89 22.86
N THR B 188 -5.45 -2.93 22.56
CA THR B 188 -4.35 -2.76 21.61
C THR B 188 -4.85 -2.47 20.21
N ASP B 189 -5.85 -3.21 19.75
CA ASP B 189 -6.43 -2.97 18.43
C ASP B 189 -7.11 -1.61 18.33
N TYR B 190 -7.56 -1.05 19.44
CA TYR B 190 -8.06 0.31 19.44
C TYR B 190 -6.95 1.35 19.47
N LEU B 191 -5.83 1.06 20.12
CA LEU B 191 -4.70 2.00 20.13
C LEU B 191 -4.13 2.23 18.74
N MET B 192 -4.14 1.22 17.88
CA MET B 192 -3.74 1.40 16.49
C MET B 192 -4.57 2.44 15.73
N LYS B 193 -5.83 2.64 16.09
CA LYS B 193 -6.63 3.63 15.35
C LYS B 193 -6.40 5.06 15.82
N ILE B 194 -6.17 5.29 17.10
CA ILE B 194 -5.95 6.67 17.52
C ILE B 194 -4.52 7.14 17.27
N LEU B 195 -3.54 6.24 17.23
CA LEU B 195 -2.22 6.62 16.75
C LEU B 195 -2.23 7.04 15.28
N THR B 196 -3.10 6.45 14.46
CA THR B 196 -3.16 6.83 13.05
C THR B 196 -3.60 8.28 12.85
N GLU B 197 -4.26 8.88 13.85
CA GLU B 197 -4.53 10.33 13.78
C GLU B 197 -3.27 11.15 13.61
N ARG B 198 -2.14 10.71 14.16
CA ARG B 198 -0.89 11.44 14.02
C ARG B 198 -0.05 10.98 12.85
N GLY B 199 -0.59 10.14 11.97
CA GLY B 199 0.10 9.71 10.78
C GLY B 199 1.04 8.54 10.92
N TYR B 200 1.43 8.16 12.14
CA TYR B 200 2.14 6.90 12.30
C TYR B 200 1.25 5.76 11.83
N SER B 201 1.83 4.84 11.07
CA SER B 201 1.07 3.76 10.45
C SER B 201 1.62 2.41 10.87
N PHE B 202 0.74 1.56 11.39
CA PHE B 202 1.06 0.17 11.68
C PHE B 202 -0.05 -0.68 11.10
N VAL B 203 0.31 -1.87 10.60
CA VAL B 203 -0.62 -2.68 9.83
C VAL B 203 -0.49 -4.15 10.20
N THR B 204 0.74 -4.62 10.28
CA THR B 204 1.03 -6.05 10.26
C THR B 204 1.13 -6.61 11.67
N THR B 205 1.06 -7.94 11.74
CA THR B 205 1.20 -8.63 13.01
C THR B 205 2.57 -8.39 13.63
N ALA B 206 3.58 -8.12 12.80
CA ALA B 206 4.87 -7.71 13.31
C ALA B 206 4.81 -6.34 13.99
N GLU B 207 3.84 -5.50 13.64
CA GLU B 207 3.76 -4.17 14.23
C GLU B 207 2.80 -4.09 15.40
N ARG B 208 1.80 -4.97 15.48
CA ARG B 208 0.97 -5.08 16.67
C ARG B 208 1.81 -5.32 17.91
N GLU B 209 2.80 -6.20 17.81
CA GLU B 209 3.78 -6.47 18.86
C GLU B 209 4.72 -5.32 19.16
N ILE B 210 4.65 -4.22 18.41
CA ILE B 210 5.38 -3.01 18.75
C ILE B 210 4.48 -1.98 19.43
N VAL B 211 3.24 -1.86 18.99
CA VAL B 211 2.30 -0.97 19.68
C VAL B 211 2.09 -1.42 21.11
N ARG B 212 1.99 -2.74 21.34
CA ARG B 212 1.82 -3.26 22.68
C ARG B 212 2.94 -2.82 23.62
N ASP B 213 4.13 -2.57 23.11
CA ASP B 213 5.19 -2.06 23.97
C ASP B 213 4.96 -0.62 24.41
N ILE B 214 4.17 0.15 23.67
CA ILE B 214 3.81 1.50 24.11
C ILE B 214 2.87 1.43 25.31
N LYS B 215 1.82 0.63 25.19
CA LYS B 215 0.76 0.60 26.18
C LYS B 215 1.27 0.19 27.55
N GLU B 216 2.26 -0.67 27.60
CA GLU B 216 2.88 -1.05 28.86
C GLU B 216 3.76 0.04 29.44
N LYS B 217 3.96 1.16 28.79
CA LYS B 217 4.96 2.08 29.33
C LYS B 217 4.46 3.50 29.53
N LEU B 218 3.60 4.01 28.65
CA LEU B 218 3.23 5.42 28.69
C LEU B 218 1.79 5.70 29.10
N CYS B 219 0.93 4.70 29.18
CA CYS B 219 -0.48 4.92 29.46
C CYS B 219 -0.76 4.93 30.96
N TYR B 220 -1.70 5.77 31.37
CA TYR B 220 -2.14 5.84 32.76
C TYR B 220 -3.60 6.28 32.78
N VAL B 221 -4.27 6.02 33.89
CA VAL B 221 -5.70 6.29 34.05
C VAL B 221 -5.92 7.62 34.75
N ALA B 222 -6.70 8.48 34.11
CA ALA B 222 -7.11 9.75 34.71
C ALA B 222 -8.21 9.54 35.73
N LEU B 223 -8.15 10.32 36.81
CA LEU B 223 -9.21 10.32 37.82
C LEU B 223 -10.42 11.16 37.41
N ASP B 224 -10.23 12.19 36.59
CA ASP B 224 -11.33 13.06 36.18
C ASP B 224 -11.11 13.37 34.69
N PHE B 225 -11.47 12.39 33.86
CA PHE B 225 -11.15 12.41 32.44
C PHE B 225 -11.57 13.70 31.74
N GLU B 226 -12.71 14.28 32.14
CA GLU B 226 -13.15 15.52 31.51
C GLU B 226 -12.23 16.70 31.81
N ASN B 227 -11.79 16.85 33.06
CA ASN B 227 -10.82 17.90 33.38
C ASN B 227 -9.46 17.61 32.78
N GLU B 228 -9.04 16.35 32.79
CA GLU B 228 -7.77 15.97 32.18
C GLU B 228 -7.74 16.32 30.69
N MET B 229 -8.75 15.89 29.94
CA MET B 229 -8.77 16.16 28.51
C MET B 229 -8.93 17.65 28.20
N ALA B 230 -9.64 18.40 29.03
CA ALA B 230 -9.70 19.84 28.85
C ALA B 230 -8.35 20.50 29.12
N THR B 231 -7.59 19.98 30.08
CA THR B 231 -6.26 20.52 30.36
C THR B 231 -5.26 20.15 29.27
N ALA B 232 -5.35 18.93 28.74
CA ALA B 232 -4.40 18.44 27.74
C ALA B 232 -4.37 19.29 26.47
N ALA B 233 -5.39 20.11 26.22
CA ALA B 233 -5.32 21.06 25.13
C ALA B 233 -4.25 22.13 25.32
N SER B 234 -3.77 22.34 26.54
CA SER B 234 -2.81 23.42 26.77
C SER B 234 -1.57 22.99 27.55
N SER B 235 -1.73 22.03 28.45
CA SER B 235 -0.63 21.57 29.31
C SER B 235 0.31 20.65 28.55
N SER B 236 1.20 21.26 27.77
CA SER B 236 2.17 20.54 26.95
C SER B 236 3.05 19.60 27.77
N SER B 237 3.19 19.84 29.08
CA SER B 237 3.93 18.95 29.97
C SER B 237 3.33 17.55 30.06
N LEU B 238 2.15 17.35 29.50
CA LEU B 238 1.59 16.00 29.38
C LEU B 238 2.37 15.15 28.38
N GLU B 239 2.85 15.76 27.28
CA GLU B 239 3.32 15.00 26.13
C GLU B 239 4.66 14.32 26.40
N LYS B 240 4.82 13.12 25.85
CA LYS B 240 5.95 12.24 26.08
C LYS B 240 6.46 11.69 24.76
N SER B 241 7.73 11.28 24.75
CA SER B 241 8.38 10.81 23.54
C SER B 241 9.03 9.45 23.77
N TYR B 242 9.04 8.64 22.71
CA TYR B 242 9.47 7.25 22.80
C TYR B 242 10.11 6.88 21.46
N GLU B 243 11.01 5.90 21.49
CA GLU B 243 11.72 5.47 20.28
C GLU B 243 11.23 4.10 19.82
N LEU B 244 10.96 3.99 18.52
CA LEU B 244 10.76 2.73 17.82
C LEU B 244 12.04 1.91 17.79
N PRO B 245 12.05 0.73 17.16
CA PRO B 245 13.33 0.02 17.00
C PRO B 245 14.38 0.76 16.19
N ASP B 246 14.04 1.22 14.98
CA ASP B 246 14.79 2.29 14.34
C ASP B 246 14.61 3.59 15.09
N GLY B 247 15.48 4.56 14.78
CA GLY B 247 15.57 5.76 15.59
C GLY B 247 14.39 6.69 15.46
N GLN B 248 13.32 6.26 14.79
CA GLN B 248 12.16 7.11 14.59
C GLN B 248 11.57 7.46 15.95
N VAL B 249 11.57 8.75 16.28
CA VAL B 249 10.91 9.22 17.50
C VAL B 249 9.41 9.36 17.29
N ILE B 250 8.67 9.11 18.37
CA ILE B 250 7.21 9.22 18.39
C ILE B 250 6.86 10.20 19.49
N THR B 251 5.85 11.05 19.24
CA THR B 251 5.33 11.95 20.26
C THR B 251 3.87 11.64 20.56
N ILE B 252 3.53 11.58 21.83
CA ILE B 252 2.24 11.09 22.32
C ILE B 252 1.66 12.12 23.27
N GLY B 253 0.35 12.36 23.18
CA GLY B 253 -0.24 13.39 24.02
C GLY B 253 -1.45 12.92 24.80
N ASN B 254 -2.63 13.46 24.53
CA ASN B 254 -3.84 12.96 25.17
C ASN B 254 -4.10 11.49 24.83
N GLU B 255 -3.46 10.96 23.80
CA GLU B 255 -3.47 9.54 23.53
C GLU B 255 -2.87 8.70 24.65
N ARG B 256 -2.15 9.30 25.59
CA ARG B 256 -1.68 8.53 26.74
C ARG B 256 -2.82 7.95 27.56
N PHE B 257 -3.93 8.65 27.69
CA PHE B 257 -4.97 8.19 28.61
C PHE B 257 -6.29 7.86 27.96
N ARG B 258 -6.58 8.33 26.74
CA ARG B 258 -7.77 7.87 26.05
C ARG B 258 -7.79 6.37 25.78
N CYS B 259 -6.65 5.71 25.83
CA CYS B 259 -6.66 4.25 25.75
C CYS B 259 -7.29 3.57 26.97
N PRO B 260 -6.70 3.61 28.16
CA PRO B 260 -7.30 2.85 29.29
C PRO B 260 -8.64 3.39 29.75
N GLU B 261 -9.05 4.58 29.30
CA GLU B 261 -10.40 5.04 29.51
C GLU B 261 -11.45 4.13 28.88
N THR B 262 -11.06 3.30 27.92
CA THR B 262 -11.98 2.37 27.28
C THR B 262 -12.61 1.38 28.26
N LEU B 263 -11.85 0.92 29.25
CA LEU B 263 -12.40 -0.04 30.20
C LEU B 263 -13.56 0.51 31.00
N PHE B 264 -13.62 1.82 31.20
CA PHE B 264 -14.74 2.42 31.90
C PHE B 264 -15.85 2.93 31.00
N GLN B 265 -15.63 3.03 29.68
CA GLN B 265 -16.65 3.48 28.74
C GLN B 265 -16.53 2.71 27.43
N PRO B 266 -16.90 1.44 27.42
CA PRO B 266 -16.71 0.60 26.23
C PRO B 266 -17.41 1.10 24.98
N SER B 267 -18.43 1.95 25.11
CA SER B 267 -19.03 2.57 23.94
C SER B 267 -18.03 3.34 23.07
N PHE B 268 -16.87 3.71 23.61
CA PHE B 268 -15.82 4.28 22.75
C PHE B 268 -15.36 3.32 21.68
N ILE B 269 -15.27 2.03 22.00
CA ILE B 269 -14.98 1.04 20.97
C ILE B 269 -16.28 0.45 20.44
N GLY B 270 -17.39 1.13 20.72
CA GLY B 270 -18.70 0.71 20.24
C GLY B 270 -19.26 -0.51 20.92
N MET B 271 -18.66 -0.97 22.00
CA MET B 271 -19.14 -2.14 22.71
C MET B 271 -20.43 -1.77 23.44
N GLU B 272 -21.41 -2.67 23.42
CA GLU B 272 -22.66 -2.40 24.11
C GLU B 272 -22.58 -2.73 25.60
N SER B 273 -21.82 -3.77 25.97
CA SER B 273 -21.74 -4.19 27.36
C SER B 273 -21.21 -3.09 28.27
N ALA B 274 -21.73 -3.09 29.49
CA ALA B 274 -21.37 -2.10 30.51
C ALA B 274 -19.89 -2.17 30.91
N GLY B 275 -19.42 -1.09 31.51
CA GLY B 275 -18.04 -0.99 31.95
C GLY B 275 -17.73 -1.92 33.10
N ILE B 276 -16.43 -2.12 33.32
CA ILE B 276 -15.96 -3.14 34.27
C ILE B 276 -16.46 -2.89 35.68
N HIS B 277 -16.69 -1.63 36.05
CA HIS B 277 -17.27 -1.39 37.37
C HIS B 277 -18.76 -1.66 37.41
N GLU B 278 -19.45 -1.46 36.29
CA GLU B 278 -20.89 -1.73 36.27
C GLU B 278 -21.19 -3.22 36.32
N THR B 279 -20.34 -4.06 35.72
CA THR B 279 -20.48 -5.49 35.91
C THR B 279 -19.96 -5.94 37.28
N THR B 280 -18.96 -5.27 37.82
CA THR B 280 -18.51 -5.59 39.17
C THR B 280 -19.60 -5.31 40.19
N TYR B 281 -20.28 -4.18 40.03
CA TYR B 281 -21.43 -3.87 40.88
C TYR B 281 -22.59 -4.84 40.64
N ASN B 282 -22.99 -5.02 39.40
CA ASN B 282 -24.17 -5.82 39.09
C ASN B 282 -24.01 -7.31 39.38
N SER B 283 -22.81 -7.81 39.61
CA SER B 283 -22.66 -9.16 40.14
C SER B 283 -22.99 -9.25 41.62
N ILE B 284 -22.66 -8.22 42.39
CA ILE B 284 -23.07 -8.18 43.79
C ILE B 284 -24.59 -8.15 43.94
N MET B 285 -25.29 -7.44 43.06
CA MET B 285 -26.74 -7.38 43.15
C MET B 285 -27.44 -8.71 42.87
N LYS B 286 -26.74 -9.73 42.39
CA LYS B 286 -27.30 -11.07 42.32
C LYS B 286 -27.27 -11.80 43.65
N CYS B 287 -26.54 -11.29 44.64
CA CYS B 287 -26.38 -11.98 45.91
C CYS B 287 -27.53 -11.68 46.86
N ASP B 288 -27.76 -12.63 47.77
CA ASP B 288 -28.72 -12.45 48.86
C ASP B 288 -28.38 -11.25 49.73
N ILE B 289 -29.43 -10.53 50.14
CA ILE B 289 -29.33 -9.20 50.72
C ILE B 289 -28.61 -9.20 52.05
N ASP B 290 -28.19 -10.37 52.53
CA ASP B 290 -27.29 -10.39 53.68
C ASP B 290 -25.86 -10.02 53.31
N ILE B 291 -25.28 -10.72 52.34
CA ILE B 291 -23.83 -10.83 52.29
C ILE B 291 -23.16 -9.61 51.66
N ARG B 292 -23.92 -8.72 51.04
CA ARG B 292 -23.34 -7.57 50.34
C ARG B 292 -22.36 -6.80 51.20
N LYS B 293 -22.66 -6.62 52.48
CA LYS B 293 -21.77 -5.90 53.37
C LYS B 293 -20.39 -6.52 53.43
N ASP B 294 -20.26 -7.83 53.29
CA ASP B 294 -18.96 -8.49 53.37
C ASP B 294 -18.17 -8.37 52.07
N LEU B 295 -18.85 -8.39 50.93
CA LEU B 295 -18.16 -8.32 49.65
C LEU B 295 -17.55 -6.94 49.38
N TYR B 296 -18.23 -5.87 49.79
CA TYR B 296 -17.62 -4.54 49.66
C TYR B 296 -16.33 -4.39 50.47
N ALA B 297 -16.03 -5.28 51.40
CA ALA B 297 -14.76 -5.21 52.11
C ALA B 297 -13.64 -6.06 51.52
N ASN B 298 -13.89 -6.86 50.48
CA ASN B 298 -12.91 -7.83 50.00
C ASN B 298 -12.89 -7.88 48.48
N ASN B 299 -12.87 -6.71 47.85
CA ASN B 299 -12.97 -6.58 46.40
C ASN B 299 -11.58 -6.63 45.79
N VAL B 300 -11.16 -7.83 45.38
CA VAL B 300 -9.79 -8.12 44.99
C VAL B 300 -9.67 -8.14 43.48
N MET B 301 -8.60 -7.54 42.97
CA MET B 301 -8.32 -7.45 41.54
C MET B 301 -7.11 -8.30 41.18
N SER B 302 -7.14 -8.89 40.00
CA SER B 302 -5.94 -9.52 39.46
C SER B 302 -5.96 -9.45 37.95
N GLY B 303 -4.80 -9.71 37.36
CA GLY B 303 -4.61 -9.73 35.93
C GLY B 303 -3.90 -8.48 35.44
N GLY B 304 -3.06 -8.68 34.42
CA GLY B 304 -2.17 -7.61 33.98
C GLY B 304 -2.86 -6.33 33.56
N THR B 305 -4.06 -6.43 33.00
CA THR B 305 -4.75 -5.20 32.62
C THR B 305 -5.28 -4.43 33.77
N THR B 306 -4.86 -4.71 35.00
CA THR B 306 -5.06 -3.81 36.13
C THR B 306 -3.75 -3.22 36.62
N MET B 307 -2.66 -3.37 35.88
CA MET B 307 -1.38 -2.83 36.31
C MET B 307 -1.25 -1.33 36.08
N TYR B 308 -2.09 -0.73 35.24
CA TYR B 308 -1.92 0.68 34.92
C TYR B 308 -1.90 1.51 36.20
N PRO B 309 -0.93 2.40 36.36
CA PRO B 309 -0.93 3.32 37.51
C PRO B 309 -2.25 4.05 37.69
N GLY B 310 -2.79 3.97 38.91
CA GLY B 310 -3.99 4.70 39.26
C GLY B 310 -5.31 4.03 39.00
N ILE B 311 -5.32 2.74 38.64
CA ILE B 311 -6.59 2.08 38.35
C ILE B 311 -7.42 1.89 39.60
N ALA B 312 -6.78 1.55 40.72
CA ALA B 312 -7.52 1.32 41.96
C ALA B 312 -8.21 2.58 42.47
N ASP B 313 -7.52 3.72 42.40
CA ASP B 313 -8.12 4.99 42.81
C ASP B 313 -9.34 5.36 41.97
N ARG B 314 -9.31 5.06 40.68
CA ARG B 314 -10.50 5.25 39.84
C ARG B 314 -11.63 4.31 40.24
N MET B 315 -11.32 3.03 40.44
CA MET B 315 -12.34 2.05 40.81
C MET B 315 -13.12 2.46 42.05
N GLN B 316 -12.42 2.88 43.10
CA GLN B 316 -13.07 3.32 44.34
C GLN B 316 -14.01 4.49 44.12
N LYS B 317 -13.57 5.53 43.40
CA LYS B 317 -14.45 6.67 43.15
C LYS B 317 -15.65 6.30 42.29
N GLU B 318 -15.48 5.41 41.33
CA GLU B 318 -16.63 4.96 40.54
C GLU B 318 -17.65 4.18 41.36
N ILE B 319 -17.21 3.14 42.07
CA ILE B 319 -18.17 2.30 42.78
C ILE B 319 -18.80 3.03 43.97
N THR B 320 -18.10 4.02 44.54
CA THR B 320 -18.71 4.84 45.58
C THR B 320 -19.95 5.60 45.08
N ALA B 321 -20.06 5.86 43.79
CA ALA B 321 -21.27 6.48 43.28
C ALA B 321 -22.44 5.51 43.20
N LEU B 322 -22.17 4.22 43.01
CA LEU B 322 -23.22 3.23 42.88
C LEU B 322 -23.68 2.69 44.23
N ALA B 323 -22.76 2.21 45.05
CA ALA B 323 -23.13 1.64 46.33
C ALA B 323 -23.58 2.75 47.28
N PRO B 324 -24.58 2.49 48.10
CA PRO B 324 -25.01 3.50 49.08
C PRO B 324 -23.87 3.92 50.00
N SER B 325 -23.99 5.15 50.50
CA SER B 325 -23.13 5.65 51.56
C SER B 325 -23.35 4.87 52.86
N THR B 326 -22.51 5.20 53.85
CA THR B 326 -22.33 4.46 55.10
C THR B 326 -21.75 3.07 54.89
N MET B 327 -21.83 2.52 53.69
CA MET B 327 -21.06 1.32 53.38
C MET B 327 -19.65 1.72 52.96
N LYS B 328 -18.66 1.27 53.72
CA LYS B 328 -17.26 1.47 53.36
C LYS B 328 -16.82 0.52 52.25
N ILE B 329 -15.92 0.99 51.40
CA ILE B 329 -15.44 0.22 50.25
C ILE B 329 -13.92 0.17 50.32
N LYS B 330 -13.35 -1.00 50.06
CA LYS B 330 -11.91 -1.23 50.26
C LYS B 330 -11.36 -2.03 49.08
N ILE B 331 -10.94 -1.32 48.03
CA ILE B 331 -10.38 -1.98 46.86
C ILE B 331 -8.99 -2.51 47.20
N ILE B 332 -8.85 -3.83 47.24
CA ILE B 332 -7.59 -4.47 47.62
C ILE B 332 -6.88 -4.83 46.33
N ALA B 333 -5.96 -3.95 45.90
CA ALA B 333 -5.19 -4.08 44.66
C ALA B 333 -3.73 -4.21 45.02
N PRO B 334 -3.28 -5.38 45.43
CA PRO B 334 -1.92 -5.53 45.95
C PRO B 334 -0.89 -5.54 44.84
N PRO B 335 0.38 -5.31 45.18
CA PRO B 335 1.47 -5.51 44.22
C PRO B 335 1.69 -6.98 43.87
N GLU B 336 2.39 -7.19 42.76
CA GLU B 336 2.61 -8.49 42.12
C GLU B 336 1.35 -9.15 41.58
N ARG B 337 0.22 -8.44 41.54
CA ARG B 337 -1.03 -8.98 41.03
C ARG B 337 -0.96 -9.44 39.57
N LYS B 338 0.18 -9.25 38.90
CA LYS B 338 0.44 -9.89 37.62
C LYS B 338 0.73 -11.39 37.71
N TYR B 339 0.90 -11.96 38.90
CA TYR B 339 1.20 -13.38 39.00
C TYR B 339 0.26 -14.15 39.91
N SER B 340 -0.72 -13.50 40.53
CA SER B 340 -1.48 -14.16 41.59
C SER B 340 -2.09 -15.46 41.10
N VAL B 341 -2.63 -15.46 39.88
CA VAL B 341 -3.25 -16.66 39.33
C VAL B 341 -2.25 -17.80 39.25
N TRP B 342 -0.96 -17.50 39.07
CA TRP B 342 0.01 -18.59 39.13
C TRP B 342 0.46 -18.91 40.56
N ILE B 343 0.69 -17.89 41.39
CA ILE B 343 1.13 -18.14 42.77
C ILE B 343 0.11 -18.96 43.53
N GLY B 344 -1.16 -18.56 43.44
CA GLY B 344 -2.23 -19.37 44.01
C GLY B 344 -2.26 -20.80 43.49
N GLY B 345 -1.89 -21.00 42.23
CA GLY B 345 -1.74 -22.36 41.74
C GLY B 345 -0.64 -23.14 42.45
N SER B 346 0.49 -22.51 42.72
CA SER B 346 1.56 -23.19 43.46
C SER B 346 1.13 -23.62 44.85
N ILE B 347 0.37 -22.80 45.56
CA ILE B 347 -0.09 -23.14 46.90
C ILE B 347 -1.09 -24.29 46.88
N LEU B 348 -2.14 -24.17 46.06
CA LEU B 348 -3.17 -25.20 46.00
C LEU B 348 -2.61 -26.56 45.63
N ALA B 349 -1.69 -26.62 44.68
CA ALA B 349 -1.12 -27.92 44.33
C ALA B 349 -0.27 -28.52 45.42
N SER B 350 0.10 -27.75 46.44
CA SER B 350 0.83 -28.27 47.58
C SER B 350 -0.05 -28.59 48.78
N LEU B 351 -1.32 -28.19 48.73
CA LEU B 351 -2.22 -28.41 49.87
C LEU B 351 -2.61 -29.88 49.98
N SER B 352 -2.41 -30.42 51.19
CA SER B 352 -2.42 -31.87 51.41
C SER B 352 -3.72 -32.54 51.01
N THR B 353 -4.86 -31.86 51.16
CA THR B 353 -6.16 -32.45 50.89
C THR B 353 -6.47 -32.59 49.40
N PHE B 354 -5.79 -31.83 48.54
CA PHE B 354 -6.12 -31.85 47.12
C PHE B 354 -5.88 -33.20 46.46
N GLN B 355 -5.05 -34.06 47.07
CA GLN B 355 -4.78 -35.40 46.54
C GLN B 355 -6.03 -36.26 46.34
N GLN B 356 -7.17 -35.88 46.91
CA GLN B 356 -8.42 -36.56 46.61
C GLN B 356 -8.98 -36.29 45.22
N MET B 357 -8.53 -35.23 44.54
CA MET B 357 -9.20 -34.76 43.33
C MET B 357 -8.51 -35.15 42.03
N TRP B 358 -7.29 -35.69 42.07
CA TRP B 358 -6.60 -36.02 40.83
C TRP B 358 -7.36 -37.06 40.01
N ILE B 359 -7.76 -36.68 38.81
CA ILE B 359 -8.47 -37.55 37.88
C ILE B 359 -7.49 -38.62 37.41
N THR B 360 -7.72 -39.87 37.81
CA THR B 360 -6.76 -40.91 37.47
C THR B 360 -6.88 -41.32 36.01
N LYS B 361 -5.78 -41.85 35.49
CA LYS B 361 -5.79 -42.48 34.18
C LYS B 361 -6.81 -43.62 34.10
N GLN B 362 -6.91 -44.43 35.14
CA GLN B 362 -7.82 -45.57 35.11
C GLN B 362 -9.28 -45.13 34.98
N GLU B 363 -9.63 -44.03 35.65
CA GLU B 363 -11.00 -43.53 35.64
C GLU B 363 -11.43 -43.00 34.28
N TYR B 364 -10.53 -42.38 33.54
CA TYR B 364 -10.84 -41.95 32.18
C TYR B 364 -11.09 -43.12 31.23
N ASP B 365 -10.31 -44.19 31.31
CA ASP B 365 -10.56 -45.33 30.41
C ASP B 365 -11.91 -46.00 30.64
N GLU B 366 -12.48 -45.92 31.84
CA GLU B 366 -13.81 -46.48 32.04
C GLU B 366 -14.93 -45.50 31.63
N ALA B 367 -14.83 -44.24 32.01
CA ALA B 367 -15.92 -43.30 31.75
C ALA B 367 -15.91 -42.74 30.35
N GLY B 368 -14.75 -42.67 29.70
CA GLY B 368 -14.58 -41.84 28.54
C GLY B 368 -14.47 -40.37 28.88
N PRO B 369 -14.13 -39.56 27.87
CA PRO B 369 -13.75 -38.15 28.12
C PRO B 369 -14.75 -37.35 28.94
N SER B 370 -16.02 -37.73 28.95
CA SER B 370 -17.04 -36.93 29.63
C SER B 370 -16.82 -36.84 31.13
N ILE B 371 -15.92 -37.67 31.69
CA ILE B 371 -15.69 -37.70 33.12
C ILE B 371 -15.39 -36.32 33.68
N VAL B 372 -14.70 -35.47 32.92
CA VAL B 372 -14.34 -34.16 33.44
C VAL B 372 -15.50 -33.20 33.55
N HIS B 373 -16.67 -33.53 33.01
CA HIS B 373 -17.84 -32.73 33.30
C HIS B 373 -18.39 -33.00 34.69
N ARG B 374 -17.98 -34.08 35.33
CA ARG B 374 -18.48 -34.48 36.63
C ARG B 374 -17.79 -33.78 37.80
N LYS B 375 -16.71 -33.04 37.56
CA LYS B 375 -15.85 -32.58 38.65
C LYS B 375 -15.50 -31.11 38.46
N CYS B 376 -16.51 -30.30 38.19
CA CYS B 376 -16.37 -28.86 37.98
C CYS B 376 -17.74 -28.23 38.23
N PHE B 377 -17.85 -26.93 37.93
CA PHE B 377 -19.16 -26.28 37.99
C PHE B 377 -20.02 -26.75 36.82
N THR C 7 24.73 50.57 -32.85
CA THR C 7 23.93 49.72 -31.98
C THR C 7 23.75 48.35 -32.59
N THR C 8 24.05 48.23 -33.88
CA THR C 8 23.95 46.96 -34.58
C THR C 8 25.15 46.08 -34.23
N ALA C 9 24.91 44.78 -34.18
CA ALA C 9 25.98 43.83 -33.91
C ALA C 9 26.77 43.51 -35.17
N LEU C 10 28.05 43.21 -34.98
CA LEU C 10 28.90 42.59 -35.98
C LEU C 10 28.81 41.08 -35.83
N VAL C 11 28.07 40.43 -36.72
CA VAL C 11 28.09 38.97 -36.77
C VAL C 11 29.32 38.54 -37.55
N CYS C 12 30.37 38.16 -36.83
CA CYS C 12 31.58 37.62 -37.42
C CYS C 12 31.42 36.10 -37.50
N ASP C 13 32.50 35.39 -37.82
CA ASP C 13 32.44 33.95 -37.80
C ASP C 13 33.84 33.36 -37.74
N ASN C 14 33.90 32.09 -37.37
CA ASN C 14 35.11 31.27 -37.45
C ASN C 14 34.78 30.01 -38.24
N GLY C 15 34.39 30.20 -39.49
CA GLY C 15 34.33 29.09 -40.41
C GLY C 15 35.71 28.49 -40.64
N SER C 16 35.75 27.18 -40.81
CA SER C 16 37.01 26.52 -41.08
C SER C 16 37.47 26.79 -42.50
N GLY C 17 36.53 27.01 -43.41
CA GLY C 17 36.86 27.25 -44.79
C GLY C 17 36.71 28.72 -45.11
N LEU C 18 35.47 29.21 -45.18
CA LEU C 18 35.20 30.58 -45.56
C LEU C 18 34.83 31.41 -44.34
N VAL C 19 35.59 32.46 -44.07
CA VAL C 19 35.14 33.50 -43.15
C VAL C 19 33.92 34.20 -43.73
N LYS C 20 32.97 34.54 -42.86
CA LYS C 20 31.74 35.18 -43.26
C LYS C 20 31.51 36.36 -42.33
N ALA C 21 31.18 37.52 -42.88
CA ALA C 21 30.97 38.70 -42.06
C ALA C 21 29.96 39.63 -42.69
N GLY C 22 29.21 40.33 -41.85
CA GLY C 22 28.27 41.33 -42.31
C GLY C 22 27.38 41.79 -41.18
N PHE C 23 26.98 43.05 -41.19
CA PHE C 23 26.20 43.59 -40.09
C PHE C 23 24.89 42.84 -39.91
N ALA C 24 24.41 42.83 -38.66
CA ALA C 24 23.07 42.33 -38.37
C ALA C 24 22.02 43.22 -39.02
N GLY C 25 20.88 42.62 -39.32
CA GLY C 25 19.81 43.31 -40.00
C GLY C 25 19.96 43.39 -41.50
N ASP C 26 21.15 43.07 -42.03
CA ASP C 26 21.28 42.72 -43.43
C ASP C 26 20.89 41.25 -43.65
N ASP C 27 20.57 40.93 -44.89
CA ASP C 27 20.08 39.61 -45.24
C ASP C 27 21.09 38.75 -45.98
N ALA C 28 22.26 39.28 -46.33
CA ALA C 28 23.29 38.48 -46.94
C ALA C 28 24.66 38.98 -46.50
N PRO C 29 25.62 38.08 -46.33
CA PRO C 29 26.96 38.51 -45.88
C PRO C 29 27.63 39.43 -46.89
N ARG C 30 28.28 40.47 -46.38
CA ARG C 30 28.96 41.42 -47.26
C ARG C 30 30.28 40.92 -47.78
N ALA C 31 30.96 40.05 -47.04
CA ALA C 31 32.22 39.49 -47.52
C ALA C 31 32.29 38.00 -47.24
N VAL C 32 32.86 37.27 -48.21
CA VAL C 32 33.18 35.86 -48.05
C VAL C 32 34.51 35.64 -48.74
N PHE C 33 35.50 35.14 -48.01
CA PHE C 33 36.80 34.87 -48.61
C PHE C 33 37.51 33.77 -47.85
N PRO C 34 38.37 33.01 -48.51
CA PRO C 34 39.10 31.94 -47.84
C PRO C 34 40.00 32.43 -46.71
N SER C 35 40.09 31.63 -45.65
CA SER C 35 40.84 31.90 -44.44
C SER C 35 42.34 31.66 -44.57
N ILE C 36 42.97 32.04 -45.68
CA ILE C 36 44.34 31.63 -45.96
C ILE C 36 45.31 32.76 -45.66
N VAL C 37 46.40 32.44 -44.97
CA VAL C 37 47.60 33.26 -44.90
C VAL C 37 48.66 32.64 -45.79
N GLY C 38 49.30 33.48 -46.62
CA GLY C 38 50.37 33.03 -47.47
C GLY C 38 51.59 33.93 -47.41
N ARG C 39 52.76 33.31 -47.59
CA ARG C 39 54.02 34.02 -47.51
C ARG C 39 54.90 33.61 -48.69
N PRO C 40 55.71 34.53 -49.21
CA PRO C 40 56.47 34.23 -50.44
C PRO C 40 57.46 33.10 -50.24
N ARG C 41 57.59 32.25 -51.26
CA ARG C 41 58.54 31.16 -51.26
C ARG C 41 59.90 31.52 -51.86
N HIS C 42 60.01 32.62 -52.61
CA HIS C 42 61.26 32.95 -53.28
C HIS C 42 61.55 34.44 -53.13
N GLN C 43 62.82 34.79 -53.32
CA GLN C 43 63.27 36.17 -53.18
C GLN C 43 62.82 37.08 -54.31
N GLY C 44 62.41 38.29 -53.93
CA GLY C 44 62.11 39.34 -54.89
C GLY C 44 63.34 39.83 -55.60
N VAL C 45 63.26 39.98 -56.92
CA VAL C 45 64.46 40.24 -57.73
C VAL C 45 64.23 41.37 -58.72
N MET C 46 62.98 41.58 -59.15
CA MET C 46 62.60 42.86 -59.74
C MET C 46 62.37 43.88 -58.64
N VAL C 47 63.36 44.73 -58.41
CA VAL C 47 63.31 45.63 -57.27
C VAL C 47 62.14 46.60 -57.39
N GLY C 48 61.60 47.00 -56.25
CA GLY C 48 60.59 48.05 -56.20
C GLY C 48 59.18 47.66 -56.58
N MET C 49 58.77 46.42 -56.32
CA MET C 49 57.39 46.02 -56.59
C MET C 49 56.39 46.73 -55.69
N GLY C 50 56.82 47.27 -54.57
CA GLY C 50 55.89 47.49 -53.47
C GLY C 50 55.39 46.21 -52.85
N GLN C 51 56.28 45.24 -52.64
CA GLN C 51 55.91 43.93 -52.14
C GLN C 51 55.48 44.00 -50.68
N LYS C 52 54.90 42.89 -50.21
CA LYS C 52 54.45 42.74 -48.84
C LYS C 52 55.00 41.44 -48.27
N ASP C 53 55.14 41.42 -46.94
CA ASP C 53 55.57 40.19 -46.27
C ASP C 53 54.52 39.09 -46.33
N SER C 54 53.22 39.43 -46.37
CA SER C 54 52.22 38.37 -46.35
C SER C 54 50.96 38.79 -47.07
N TYR C 55 50.26 37.79 -47.61
CA TYR C 55 49.06 38.01 -48.41
C TYR C 55 47.93 37.20 -47.81
N VAL C 56 46.73 37.77 -47.81
CA VAL C 56 45.58 37.17 -47.16
C VAL C 56 44.32 37.39 -48.00
N GLY C 57 43.43 36.40 -47.99
CA GLY C 57 42.20 36.50 -48.77
C GLY C 57 42.39 36.38 -50.28
N ASP C 58 41.72 37.27 -51.02
CA ASP C 58 41.78 37.25 -52.48
C ASP C 58 43.19 37.36 -53.03
N GLU C 59 44.07 38.09 -52.35
CA GLU C 59 45.45 38.22 -52.78
C GLU C 59 46.10 36.85 -52.99
N ALA C 60 45.88 35.94 -52.04
CA ALA C 60 46.50 34.63 -52.05
C ALA C 60 45.85 33.64 -53.01
N GLN C 61 44.59 33.84 -53.37
CA GLN C 61 44.05 33.07 -54.47
C GLN C 61 44.54 33.53 -55.85
N SER C 62 45.14 34.71 -55.97
CA SER C 62 45.67 35.17 -57.25
C SER C 62 47.17 34.91 -57.42
N LYS C 63 47.97 35.24 -56.40
CA LYS C 63 49.40 34.97 -56.39
C LYS C 63 49.72 33.49 -56.21
N ARG C 64 48.75 32.63 -56.50
CA ARG C 64 48.71 31.25 -56.05
C ARG C 64 49.86 30.39 -56.56
N GLY C 65 50.70 30.91 -57.45
CA GLY C 65 51.88 30.16 -57.88
C GLY C 65 53.17 30.36 -57.14
N ILE C 66 53.24 31.29 -56.19
CA ILE C 66 54.51 31.65 -55.58
C ILE C 66 54.41 31.69 -54.07
N LEU C 67 53.29 31.23 -53.52
CA LEU C 67 53.03 31.35 -52.10
C LEU C 67 53.00 29.98 -51.44
N THR C 68 53.56 29.91 -50.23
CA THR C 68 53.18 28.93 -49.22
C THR C 68 51.88 29.32 -48.55
N LEU C 69 50.89 28.43 -48.60
CA LEU C 69 49.58 28.68 -48.04
C LEU C 69 49.40 27.84 -46.77
N LYS C 70 48.80 28.45 -45.76
CA LYS C 70 48.47 27.78 -44.52
C LYS C 70 47.02 28.07 -44.17
N TYR C 71 46.35 27.07 -43.64
CA TYR C 71 45.10 27.32 -42.95
C TYR C 71 45.34 27.33 -41.45
N PRO C 72 44.95 28.39 -40.74
CA PRO C 72 45.20 28.43 -39.30
C PRO C 72 44.16 27.68 -38.48
N ILE C 73 43.20 27.02 -39.11
CA ILE C 73 42.12 26.33 -38.41
C ILE C 73 42.17 24.86 -38.80
N GLU C 74 42.23 23.99 -37.80
CA GLU C 74 42.17 22.56 -38.05
C GLU C 74 41.18 21.89 -37.12
N HIC C 75 40.11 21.35 -37.67
CA HIC C 75 39.11 20.64 -36.91
C HIC C 75 38.46 21.56 -35.89
O HIC C 75 38.09 21.20 -34.78
CB HIC C 75 39.63 19.42 -36.14
CG HIC C 75 40.37 18.50 -37.02
ND1 HIC C 75 41.47 17.73 -36.63
CD2 HIC C 75 40.08 18.28 -38.38
CE1 HIC C 75 41.84 17.05 -37.73
NE2 HIC C 75 41.02 17.36 -38.82
CZ HIC C 75 41.11 16.83 -40.14
N GLY C 76 38.34 22.81 -36.29
CA GLY C 76 37.85 23.85 -35.41
C GLY C 76 38.73 24.31 -34.28
N ILE C 77 39.95 23.78 -34.19
CA ILE C 77 40.89 24.18 -33.15
C ILE C 77 41.96 25.06 -33.78
N ILE C 78 42.06 26.30 -33.30
CA ILE C 78 43.04 27.24 -33.83
C ILE C 78 44.42 26.87 -33.35
N THR C 79 45.33 26.59 -34.30
CA THR C 79 46.65 26.06 -33.98
C THR C 79 47.72 27.13 -33.91
N ASN C 80 47.47 28.32 -34.44
CA ASN C 80 48.49 29.37 -34.48
C ASN C 80 47.81 30.71 -34.32
N TRP C 81 48.02 31.36 -33.18
CA TRP C 81 47.31 32.61 -32.88
C TRP C 81 47.85 33.82 -33.61
N ASP C 82 49.09 33.78 -34.09
CA ASP C 82 49.63 34.93 -34.79
C ASP C 82 49.18 34.97 -36.24
N ASP C 83 48.96 33.81 -36.85
CA ASP C 83 48.25 33.75 -38.12
C ASP C 83 46.80 34.17 -37.94
N MET C 84 46.13 33.61 -36.95
CA MET C 84 44.70 33.86 -36.76
C MET C 84 44.41 35.31 -36.44
N GLU C 85 45.30 35.97 -35.71
CA GLU C 85 45.12 37.38 -35.42
C GLU C 85 45.24 38.28 -36.66
N LYS C 86 46.06 37.92 -37.63
CA LYS C 86 46.11 38.70 -38.86
C LYS C 86 44.81 38.64 -39.65
N ILE C 87 44.20 37.46 -39.77
CA ILE C 87 42.97 37.34 -40.53
C ILE C 87 41.89 38.31 -40.03
N TRP C 88 41.69 38.38 -38.72
CA TRP C 88 40.73 39.35 -38.21
C TRP C 88 41.18 40.77 -38.45
N HIS C 89 42.46 41.05 -38.27
CA HIS C 89 42.98 42.41 -38.51
C HIS C 89 42.69 42.86 -39.93
N HIS C 90 42.65 41.93 -40.87
CA HIS C 90 42.18 42.23 -42.23
C HIS C 90 40.67 42.41 -42.26
N THR C 91 39.94 41.51 -41.60
CA THR C 91 38.48 41.49 -41.70
C THR C 91 37.84 42.82 -41.32
N PHE C 92 38.22 43.39 -40.17
CA PHE C 92 37.61 44.64 -39.75
C PHE C 92 38.10 45.84 -40.58
N TYR C 93 39.40 46.01 -40.71
CA TYR C 93 39.94 47.28 -41.23
C TYR C 93 39.87 47.41 -42.75
N ASN C 94 39.77 46.32 -43.49
CA ASN C 94 39.86 46.42 -44.95
C ASN C 94 38.61 45.92 -45.66
N GLU C 95 37.98 44.86 -45.19
CA GLU C 95 36.83 44.31 -45.87
C GLU C 95 35.53 44.97 -45.43
N LEU C 96 35.24 44.98 -44.13
CA LEU C 96 34.13 45.79 -43.67
C LEU C 96 34.47 47.27 -43.56
N ARG C 97 35.74 47.61 -43.38
CA ARG C 97 36.16 48.99 -43.18
C ARG C 97 35.36 49.65 -42.07
N VAL C 98 35.31 49.00 -40.92
CA VAL C 98 34.61 49.51 -39.76
C VAL C 98 35.47 49.30 -38.52
N ALA C 99 35.55 50.33 -37.69
CA ALA C 99 36.33 50.23 -36.46
C ALA C 99 35.58 49.40 -35.43
N PRO C 100 36.20 48.37 -34.85
CA PRO C 100 35.46 47.41 -34.01
C PRO C 100 35.17 47.93 -32.62
N GLU C 101 35.90 48.92 -32.13
CA GLU C 101 35.70 49.40 -30.76
C GLU C 101 34.38 50.13 -30.55
N GLU C 102 33.56 50.28 -31.58
CA GLU C 102 32.19 50.74 -31.35
C GLU C 102 31.21 49.61 -31.11
N HIS C 103 31.47 48.43 -31.66
CA HIS C 103 30.41 47.49 -31.95
C HIS C 103 30.56 46.20 -31.16
N PRO C 104 29.49 45.69 -30.56
CA PRO C 104 29.50 44.33 -30.03
C PRO C 104 29.77 43.30 -31.11
N THR C 105 30.63 42.34 -30.78
CA THR C 105 31.10 41.34 -31.74
C THR C 105 30.67 39.97 -31.30
N LEU C 106 29.96 39.27 -32.17
CA LEU C 106 29.44 37.93 -31.90
C LEU C 106 30.27 36.92 -32.67
N LEU C 107 30.90 36.01 -31.96
CA LEU C 107 31.68 34.94 -32.57
C LEU C 107 30.92 33.63 -32.47
N THR C 108 31.47 32.59 -33.10
CA THR C 108 30.91 31.25 -33.00
C THR C 108 32.04 30.26 -32.83
N GLU C 109 31.69 29.08 -32.32
CA GLU C 109 32.61 27.94 -32.39
C GLU C 109 31.81 26.66 -32.33
N ALA C 110 32.44 25.57 -32.75
CA ALA C 110 31.88 24.24 -32.54
C ALA C 110 31.80 23.91 -31.05
N PRO C 111 30.81 23.12 -30.64
CA PRO C 111 30.80 22.58 -29.28
C PRO C 111 31.87 21.50 -29.08
N LEU C 112 32.16 21.22 -27.81
CA LEU C 112 33.19 20.25 -27.42
C LEU C 112 34.55 20.69 -27.97
N ASN C 113 35.02 21.83 -27.49
CA ASN C 113 36.33 22.34 -27.84
C ASN C 113 37.18 22.51 -26.59
N PRO C 114 38.50 22.43 -26.72
CA PRO C 114 39.38 22.68 -25.57
C PRO C 114 39.18 24.09 -25.04
N LYS C 115 38.88 24.17 -23.74
CA LYS C 115 38.43 25.43 -23.15
C LYS C 115 39.43 26.56 -23.34
N ALA C 116 40.72 26.25 -23.40
CA ALA C 116 41.71 27.30 -23.60
C ALA C 116 41.45 28.17 -24.82
N ASN C 117 40.84 27.62 -25.88
CA ASN C 117 40.54 28.44 -27.05
C ASN C 117 39.53 29.53 -26.74
N ARG C 118 38.55 29.23 -25.89
CA ARG C 118 37.54 30.22 -25.56
C ARG C 118 38.09 31.39 -24.76
N GLU C 119 39.10 31.15 -23.92
CA GLU C 119 39.80 32.26 -23.27
C GLU C 119 40.63 33.09 -24.25
N LYS C 120 41.41 32.43 -25.12
CA LYS C 120 42.27 33.19 -26.03
C LYS C 120 41.47 34.15 -26.88
N MET C 121 40.38 33.68 -27.48
CA MET C 121 39.57 34.57 -28.30
C MET C 121 39.04 35.73 -27.48
N THR C 122 38.62 35.47 -26.24
CA THR C 122 38.11 36.52 -25.36
C THR C 122 39.17 37.57 -25.04
N GLN C 123 40.36 37.14 -24.65
CA GLN C 123 41.41 38.09 -24.31
C GLN C 123 41.90 38.90 -25.51
N ILE C 124 41.96 38.28 -26.69
CA ILE C 124 42.33 39.03 -27.89
C ILE C 124 41.31 40.10 -28.20
N MET C 125 40.02 39.77 -28.09
CA MET C 125 38.97 40.74 -28.34
C MET C 125 38.98 41.88 -27.32
N PHE C 126 39.18 41.58 -26.03
CA PHE C 126 39.21 42.63 -25.02
C PHE C 126 40.47 43.48 -24.98
N GLU C 127 41.61 43.03 -25.51
CA GLU C 127 42.84 43.78 -25.27
C GLU C 127 43.67 44.11 -26.50
N THR C 128 43.52 43.41 -27.62
CA THR C 128 44.00 43.97 -28.88
C THR C 128 42.97 44.92 -29.49
N PHE C 129 41.79 44.40 -29.82
CA PHE C 129 40.80 45.18 -30.54
C PHE C 129 39.98 46.08 -29.62
N ASN C 130 39.93 45.79 -28.33
CA ASN C 130 39.18 46.58 -27.34
C ASN C 130 37.71 46.67 -27.68
N VAL C 131 37.11 45.52 -28.00
CA VAL C 131 35.67 45.44 -28.27
C VAL C 131 34.91 45.93 -27.04
N PRO C 132 33.70 46.47 -27.21
CA PRO C 132 32.90 46.79 -26.02
C PRO C 132 32.29 45.57 -25.36
N ALA C 133 31.99 44.52 -26.10
CA ALA C 133 31.36 43.33 -25.53
C ALA C 133 31.54 42.16 -26.48
N MET C 134 31.27 40.96 -25.99
CA MET C 134 31.52 39.76 -26.77
C MET C 134 30.52 38.70 -26.37
N TYR C 135 30.31 37.73 -27.25
CA TYR C 135 29.55 36.52 -26.94
C TYR C 135 30.14 35.37 -27.74
N VAL C 136 29.80 34.15 -27.33
CA VAL C 136 30.31 32.99 -28.07
C VAL C 136 29.20 31.95 -28.21
N ALA C 137 28.45 32.05 -29.30
CA ALA C 137 27.34 31.15 -29.58
C ALA C 137 27.83 29.81 -30.14
N ILE C 138 26.93 28.83 -30.11
CA ILE C 138 27.22 27.47 -30.56
C ILE C 138 26.55 27.27 -31.90
N GLN C 139 27.34 26.95 -32.92
CA GLN C 139 26.93 27.14 -34.31
C GLN C 139 25.62 26.45 -34.65
N ALA C 140 25.45 25.19 -34.22
CA ALA C 140 24.26 24.44 -34.61
C ALA C 140 22.97 25.07 -34.07
N VAL C 141 23.05 25.71 -32.91
CA VAL C 141 21.89 26.37 -32.33
C VAL C 141 21.43 27.53 -33.20
N LEU C 142 22.39 28.28 -33.77
CA LEU C 142 22.03 29.39 -34.64
C LEU C 142 21.41 28.90 -35.94
N SER C 143 21.82 27.74 -36.42
CA SER C 143 21.28 27.24 -37.68
C SER C 143 19.78 27.06 -37.62
N LEU C 144 19.25 26.76 -36.43
CA LEU C 144 17.83 26.44 -36.29
C LEU C 144 16.93 27.64 -36.46
N TYR C 145 17.39 28.84 -36.10
CA TYR C 145 16.57 30.03 -36.33
C TYR C 145 16.31 30.33 -37.80
N ALA C 146 17.14 29.82 -38.70
CA ALA C 146 16.90 30.09 -40.11
C ALA C 146 15.57 29.52 -40.58
N SER C 147 15.15 28.40 -40.02
CA SER C 147 13.85 27.82 -40.33
C SER C 147 12.73 28.39 -39.46
N GLY C 148 13.05 29.15 -38.42
CA GLY C 148 12.02 29.63 -37.51
C GLY C 148 11.35 28.54 -36.70
N ARG C 149 11.99 27.38 -36.59
CA ARG C 149 11.50 26.27 -35.79
C ARG C 149 11.96 26.41 -34.36
N THR C 150 11.35 25.63 -33.47
CA THR C 150 11.84 25.51 -32.10
C THR C 150 12.03 24.07 -31.68
N THR C 151 11.96 23.13 -32.62
CA THR C 151 12.20 21.73 -32.30
C THR C 151 12.72 21.05 -33.54
N GLY C 152 13.77 20.26 -33.38
CA GLY C 152 14.38 19.59 -34.50
C GLY C 152 15.75 19.04 -34.15
N ILE C 153 16.22 18.07 -34.92
CA ILE C 153 17.60 17.63 -34.87
C ILE C 153 18.35 18.34 -35.97
N VAL C 154 19.47 18.96 -35.63
CA VAL C 154 20.31 19.66 -36.60
C VAL C 154 21.49 18.78 -36.95
N LEU C 155 21.71 18.58 -38.24
CA LEU C 155 22.91 17.97 -38.77
C LEU C 155 23.68 19.04 -39.53
N ASP C 156 24.83 19.42 -38.99
CA ASP C 156 25.62 20.51 -39.54
C ASP C 156 27.02 20.01 -39.84
N SER C 157 27.52 20.31 -41.04
CA SER C 157 28.73 19.66 -41.54
C SER C 157 29.47 20.69 -42.38
N GLY C 158 30.38 21.41 -41.74
CA GLY C 158 31.14 22.46 -42.39
C GLY C 158 32.39 21.97 -43.07
N ASP C 159 33.28 22.92 -43.34
CA ASP C 159 34.58 22.58 -43.91
C ASP C 159 35.35 21.61 -43.03
N GLY C 160 35.24 21.74 -41.72
CA GLY C 160 36.16 21.04 -40.85
C GLY C 160 35.63 20.15 -39.73
N VAL C 161 34.33 20.12 -39.47
CA VAL C 161 33.78 19.21 -38.47
C VAL C 161 32.32 18.95 -38.78
N THR C 162 31.81 17.82 -38.30
CA THR C 162 30.39 17.50 -38.34
C THR C 162 29.89 17.24 -36.92
N HIS C 163 28.70 17.74 -36.61
CA HIS C 163 28.13 17.52 -35.29
C HIS C 163 26.62 17.42 -35.37
N ASN C 164 26.02 16.82 -34.34
CA ASN C 164 24.58 16.75 -34.17
C ASN C 164 24.18 17.35 -32.84
N VAL C 165 23.08 18.11 -32.84
CA VAL C 165 22.52 18.63 -31.60
C VAL C 165 21.01 18.49 -31.69
N PRO C 166 20.38 17.63 -30.89
CA PRO C 166 18.91 17.65 -30.78
C PRO C 166 18.46 18.75 -29.84
N ILE C 167 17.49 19.54 -30.29
CA ILE C 167 16.84 20.54 -29.46
C ILE C 167 15.35 20.24 -29.38
N TYR C 168 14.82 20.20 -28.16
CA TYR C 168 13.40 20.02 -27.91
C TYR C 168 12.87 21.17 -27.05
N GLU C 169 11.81 21.82 -27.52
CA GLU C 169 11.16 22.92 -26.81
C GLU C 169 12.15 23.98 -26.35
N GLY C 170 13.17 24.22 -27.16
CA GLY C 170 14.17 25.16 -26.75
C GLY C 170 15.11 24.68 -25.67
N TYR C 171 15.03 23.42 -25.28
CA TYR C 171 16.04 22.83 -24.42
C TYR C 171 16.99 21.99 -25.26
N ALA C 172 18.28 22.26 -25.14
CA ALA C 172 19.32 21.35 -25.62
C ALA C 172 19.49 20.18 -24.67
N LEU C 173 19.97 19.06 -25.22
CA LEU C 173 20.19 17.84 -24.46
C LEU C 173 21.68 17.52 -24.50
N PRO C 174 22.46 18.12 -23.60
CA PRO C 174 23.93 18.07 -23.73
C PRO C 174 24.54 16.69 -23.56
N HIS C 175 23.78 15.70 -23.12
CA HIS C 175 24.27 14.33 -23.09
C HIS C 175 24.21 13.63 -24.44
N ALA C 176 23.56 14.21 -25.44
CA ALA C 176 23.29 13.53 -26.69
C ALA C 176 24.13 14.01 -27.86
N ILE C 177 24.95 15.05 -27.67
CA ILE C 177 25.70 15.64 -28.76
C ILE C 177 26.75 14.68 -29.29
N MET C 178 26.85 14.59 -30.62
CA MET C 178 27.88 13.81 -31.31
C MET C 178 28.81 14.77 -32.04
N ARG C 179 30.12 14.57 -31.87
CA ARG C 179 31.14 15.20 -32.67
C ARG C 179 31.80 14.18 -33.59
N LEU C 180 31.77 14.46 -34.90
CA LEU C 180 32.30 13.55 -35.93
C LEU C 180 33.25 14.33 -36.82
N ASP C 181 34.54 14.00 -36.76
CA ASP C 181 35.60 14.75 -37.44
C ASP C 181 35.80 14.31 -38.89
N LEU C 182 34.72 14.32 -39.68
CA LEU C 182 34.74 13.97 -41.09
C LEU C 182 34.06 15.08 -41.87
N ALA C 183 34.75 15.62 -42.88
CA ALA C 183 34.36 16.92 -43.42
C ALA C 183 34.94 17.09 -44.81
N GLY C 184 34.54 18.19 -45.44
CA GLY C 184 34.97 18.47 -46.80
C GLY C 184 36.47 18.44 -47.02
N ARG C 185 37.25 18.89 -46.03
CA ARG C 185 38.70 18.82 -46.17
C ARG C 185 39.20 17.40 -46.34
N ASP C 186 38.54 16.42 -45.72
CA ASP C 186 38.90 15.03 -45.93
C ASP C 186 38.48 14.53 -47.30
N LEU C 187 37.29 14.90 -47.75
CA LEU C 187 36.85 14.50 -49.08
C LEU C 187 37.75 15.05 -50.19
N THR C 188 38.27 16.27 -50.01
CA THR C 188 39.19 16.80 -51.01
C THR C 188 40.51 16.04 -51.03
N ASP C 189 41.07 15.75 -49.86
CA ASP C 189 42.31 14.98 -49.79
C ASP C 189 42.14 13.55 -50.30
N TYR C 190 40.93 13.02 -50.25
CA TYR C 190 40.66 11.73 -50.87
C TYR C 190 40.47 11.82 -52.38
N LEU C 191 39.90 12.92 -52.87
CA LEU C 191 39.75 13.08 -54.31
C LEU C 191 41.08 13.14 -55.05
N MET C 192 42.12 13.70 -54.42
CA MET C 192 43.46 13.65 -54.99
C MET C 192 43.99 12.25 -55.24
N LYS C 193 43.57 11.25 -54.46
CA LYS C 193 44.09 9.90 -54.70
C LYS C 193 43.37 9.16 -55.82
N ILE C 194 42.08 9.36 -55.98
CA ILE C 194 41.40 8.64 -57.07
C ILE C 194 41.61 9.31 -58.43
N LEU C 195 41.83 10.62 -58.47
CA LEU C 195 42.26 11.24 -59.73
C LEU C 195 43.62 10.73 -60.19
N THR C 196 44.52 10.40 -59.26
CA THR C 196 45.82 9.88 -59.65
C THR C 196 45.74 8.55 -60.40
N GLU C 197 44.64 7.81 -60.26
CA GLU C 197 44.43 6.63 -61.09
C GLU C 197 44.47 6.95 -62.58
N ARG C 198 44.04 8.14 -62.98
CA ARG C 198 44.07 8.52 -64.38
C ARG C 198 45.33 9.27 -64.78
N GLY C 199 46.33 9.31 -63.92
CA GLY C 199 47.60 9.93 -64.24
C GLY C 199 47.70 11.43 -64.04
N TYR C 200 46.58 12.14 -63.90
CA TYR C 200 46.68 13.53 -63.48
C TYR C 200 47.33 13.59 -62.11
N SER C 201 48.26 14.53 -61.94
CA SER C 201 49.05 14.62 -60.72
C SER C 201 48.91 16.00 -60.10
N PHE C 202 48.54 16.02 -58.83
CA PHE C 202 48.52 17.24 -58.03
C PHE C 202 49.23 16.93 -56.72
N VAL C 203 49.94 17.92 -56.19
CA VAL C 203 50.84 17.69 -55.06
C VAL C 203 50.75 18.85 -54.07
N THR C 204 50.78 20.06 -54.58
CA THR C 204 51.07 21.23 -53.77
C THR C 204 49.80 21.90 -53.26
N THR C 205 49.98 22.77 -52.28
CA THR C 205 48.86 23.52 -51.73
C THR C 205 48.24 24.43 -52.78
N ALA C 206 49.04 24.85 -53.76
CA ALA C 206 48.48 25.57 -54.90
C ALA C 206 47.56 24.71 -55.74
N GLU C 207 47.72 23.38 -55.71
CA GLU C 207 46.89 22.50 -56.53
C GLU C 207 45.70 21.93 -55.78
N ARG C 208 45.77 21.83 -54.45
CA ARG C 208 44.60 21.48 -53.65
C ARG C 208 43.45 22.43 -53.92
N GLU C 209 43.73 23.72 -53.99
CA GLU C 209 42.78 24.76 -54.36
C GLU C 209 42.28 24.69 -55.79
N ILE C 210 42.82 23.78 -56.60
CA ILE C 210 42.28 23.54 -57.93
C ILE C 210 41.39 22.30 -57.96
N VAL C 211 41.77 21.26 -57.24
CA VAL C 211 40.90 20.08 -57.13
C VAL C 211 39.58 20.45 -56.49
N ARG C 212 39.61 21.30 -55.47
CA ARG C 212 38.38 21.72 -54.82
C ARG C 212 37.39 22.37 -55.79
N ASP C 213 37.88 22.98 -56.87
CA ASP C 213 36.96 23.52 -57.85
C ASP C 213 36.25 22.45 -58.67
N ILE C 214 36.82 21.25 -58.75
CA ILE C 214 36.14 20.13 -59.40
C ILE C 214 34.94 19.68 -58.56
N LYS C 215 35.19 19.45 -57.28
CA LYS C 215 34.19 18.84 -56.40
C LYS C 215 32.94 19.69 -56.31
N GLU C 216 33.08 21.01 -56.38
CA GLU C 216 31.92 21.89 -56.39
C GLU C 216 31.16 21.86 -57.70
N LYS C 217 31.60 21.15 -58.71
CA LYS C 217 30.92 21.32 -59.99
C LYS C 217 30.44 20.03 -60.64
N LEU C 218 31.18 18.94 -60.50
CA LEU C 218 30.88 17.72 -61.24
C LEU C 218 30.40 16.55 -60.38
N CYS C 219 30.48 16.63 -59.07
CA CYS C 219 30.13 15.51 -58.21
C CYS C 219 28.65 15.53 -57.84
N TYR C 220 28.07 14.32 -57.75
CA TYR C 220 26.69 14.17 -57.32
C TYR C 220 26.55 12.83 -56.62
N VAL C 221 25.48 12.68 -55.84
CA VAL C 221 25.26 11.50 -55.01
C VAL C 221 24.31 10.53 -55.72
N ALA C 222 24.76 9.30 -55.86
CA ALA C 222 23.93 8.22 -56.41
C ALA C 222 22.93 7.73 -55.37
N LEU C 223 21.73 7.40 -55.83
CA LEU C 223 20.71 6.78 -54.98
C LEU C 223 20.94 5.29 -54.77
N ASP C 224 21.55 4.60 -55.74
CA ASP C 224 21.77 3.17 -55.65
C ASP C 224 23.17 2.88 -56.19
N PHE C 225 24.16 3.18 -55.35
CA PHE C 225 25.56 3.18 -55.74
C PHE C 225 26.00 1.90 -56.46
N GLU C 226 25.47 0.75 -56.04
CA GLU C 226 25.85 -0.51 -56.68
C GLU C 226 25.35 -0.61 -58.12
N ASN C 227 24.11 -0.20 -58.37
CA ASN C 227 23.62 -0.17 -59.76
C ASN C 227 24.30 0.91 -60.58
N GLU C 228 24.53 2.07 -59.97
CA GLU C 228 25.24 3.15 -60.65
C GLU C 228 26.62 2.73 -61.10
N MET C 229 27.41 2.17 -60.18
CA MET C 229 28.78 1.77 -60.53
C MET C 229 28.80 0.60 -61.52
N ALA C 230 27.82 -0.31 -61.45
CA ALA C 230 27.73 -1.35 -62.46
C ALA C 230 27.37 -0.79 -63.83
N THR C 231 26.55 0.26 -63.87
CA THR C 231 26.21 0.87 -65.15
C THR C 231 27.37 1.69 -65.71
N ALA C 232 28.11 2.37 -64.84
CA ALA C 232 29.20 3.24 -65.28
C ALA C 232 30.28 2.50 -66.05
N ALA C 233 30.36 1.17 -65.95
CA ALA C 233 31.26 0.42 -66.81
C ALA C 233 30.89 0.49 -68.28
N SER C 234 29.67 0.87 -68.63
CA SER C 234 29.26 0.85 -70.02
C SER C 234 28.61 2.15 -70.48
N SER C 235 27.90 2.83 -69.59
CA SER C 235 27.17 4.06 -69.94
C SER C 235 28.11 5.25 -70.02
N SER C 236 28.78 5.35 -71.17
CA SER C 236 29.74 6.42 -71.42
C SER C 236 29.13 7.82 -71.28
N SER C 237 27.81 7.94 -71.39
CA SER C 237 27.11 9.21 -71.16
C SER C 237 27.27 9.74 -69.75
N LEU C 238 27.84 8.95 -68.84
CA LEU C 238 28.19 9.45 -67.52
C LEU C 238 29.36 10.44 -67.58
N GLU C 239 30.32 10.21 -68.46
CA GLU C 239 31.60 10.89 -68.40
C GLU C 239 31.49 12.36 -68.82
N LYS C 240 32.27 13.21 -68.13
CA LYS C 240 32.23 14.65 -68.28
C LYS C 240 33.64 15.19 -68.39
N SER C 241 33.76 16.39 -68.99
CA SER C 241 35.05 17.00 -69.25
C SER C 241 35.10 18.42 -68.72
N TYR C 242 36.28 18.83 -68.27
CA TYR C 242 36.47 20.09 -67.57
C TYR C 242 37.86 20.61 -67.91
N GLU C 243 38.04 21.92 -67.85
CA GLU C 243 39.32 22.56 -68.17
C GLU C 243 40.03 23.07 -66.92
N LEU C 244 41.31 22.75 -66.81
CA LEU C 244 42.23 23.36 -65.86
C LEU C 244 42.44 24.84 -66.17
N PRO C 245 43.29 25.56 -65.42
CA PRO C 245 43.61 26.94 -65.82
C PRO C 245 44.29 27.07 -67.17
N ASP C 246 45.39 26.33 -67.39
CA ASP C 246 45.83 26.06 -68.76
C ASP C 246 44.84 25.15 -69.48
N GLY C 247 44.98 25.06 -70.79
CA GLY C 247 43.97 24.44 -71.61
C GLY C 247 43.90 22.92 -71.48
N GLN C 248 44.60 22.37 -70.50
CA GLN C 248 44.61 20.93 -70.32
C GLN C 248 43.21 20.45 -70.00
N VAL C 249 42.64 19.63 -70.87
CA VAL C 249 41.33 19.02 -70.60
C VAL C 249 41.48 17.82 -69.69
N ILE C 250 40.46 17.60 -68.86
CA ILE C 250 40.38 16.49 -67.93
C ILE C 250 39.11 15.72 -68.25
N THR C 251 39.17 14.40 -68.18
CA THR C 251 37.98 13.56 -68.33
C THR C 251 37.73 12.76 -67.06
N ILE C 252 36.47 12.74 -66.62
CA ILE C 252 36.06 12.22 -65.32
C ILE C 252 34.92 11.24 -65.54
N GLY C 253 34.93 10.13 -64.81
CA GLY C 253 33.90 9.13 -65.03
C GLY C 253 33.19 8.69 -63.77
N ASN C 254 33.33 7.43 -63.36
CA ASN C 254 32.77 6.99 -62.09
C ASN C 254 33.36 7.75 -60.91
N GLU C 255 34.49 8.43 -61.10
CA GLU C 255 35.03 9.36 -60.11
C GLU C 255 34.10 10.51 -59.80
N ARG C 256 33.08 10.75 -60.62
CA ARG C 256 32.11 11.79 -60.27
C ARG C 256 31.39 11.49 -58.96
N PHE C 257 31.10 10.23 -58.67
CA PHE C 257 30.26 9.93 -57.52
C PHE C 257 30.92 9.10 -56.43
N ARG C 258 32.02 8.41 -56.72
CA ARG C 258 32.77 7.76 -55.64
C ARG C 258 33.31 8.73 -54.60
N CYS C 259 33.40 10.02 -54.91
CA CYS C 259 33.78 10.98 -53.88
C CYS C 259 32.69 11.16 -52.82
N PRO C 260 31.51 11.74 -53.11
CA PRO C 260 30.54 11.98 -52.03
C PRO C 260 29.95 10.73 -51.42
N GLU C 261 30.16 9.57 -52.03
CA GLU C 261 29.83 8.30 -51.39
C GLU C 261 30.60 8.08 -50.09
N THR C 262 31.72 8.78 -49.90
CA THR C 262 32.49 8.66 -48.67
C THR C 262 31.70 9.02 -47.42
N LEU C 263 30.83 10.02 -47.51
CA LEU C 263 30.07 10.43 -46.32
C LEU C 263 29.15 9.33 -45.81
N PHE C 264 28.71 8.43 -46.67
CA PHE C 264 27.88 7.32 -46.24
C PHE C 264 28.65 6.04 -45.93
N GLN C 265 29.92 5.94 -46.31
CA GLN C 265 30.74 4.76 -46.03
C GLN C 265 32.18 5.18 -45.73
N PRO C 266 32.41 5.78 -44.57
CA PRO C 266 33.74 6.31 -44.26
C PRO C 266 34.86 5.28 -44.27
N SER C 267 34.55 3.99 -44.14
CA SER C 267 35.58 2.97 -44.31
C SER C 267 36.30 3.03 -45.64
N PHE C 268 35.74 3.70 -46.66
CA PHE C 268 36.49 3.92 -47.89
C PHE C 268 37.73 4.77 -47.66
N ILE C 269 37.67 5.74 -46.77
CA ILE C 269 38.87 6.48 -46.38
C ILE C 269 39.46 5.87 -45.13
N GLY C 270 39.05 4.65 -44.81
CA GLY C 270 39.56 3.93 -43.66
C GLY C 270 39.11 4.45 -42.32
N MET C 271 38.14 5.36 -42.29
CA MET C 271 37.66 5.91 -41.03
C MET C 271 36.84 4.84 -40.32
N GLU C 272 37.01 4.74 -39.00
CA GLU C 272 36.24 3.75 -38.24
C GLU C 272 34.85 4.27 -37.89
N SER C 273 34.71 5.56 -37.64
CA SER C 273 33.42 6.11 -37.22
C SER C 273 32.34 5.88 -38.26
N ALA C 274 31.11 5.68 -37.77
CA ALA C 274 29.94 5.42 -38.59
C ALA C 274 29.60 6.59 -39.51
N GLY C 275 28.81 6.28 -40.54
CA GLY C 275 28.40 7.27 -41.51
C GLY C 275 27.45 8.30 -40.94
N ILE C 276 27.29 9.40 -41.68
CA ILE C 276 26.57 10.57 -41.16
C ILE C 276 25.12 10.25 -40.84
N HIS C 277 24.52 9.27 -41.52
CA HIS C 277 23.16 8.89 -41.12
C HIS C 277 23.15 8.00 -39.90
N GLU C 278 24.19 7.20 -39.69
CA GLU C 278 24.23 6.36 -38.50
C GLU C 278 24.45 7.16 -37.23
N THR C 279 25.22 8.25 -37.30
CA THR C 279 25.29 9.17 -36.16
C THR C 279 24.05 10.03 -36.03
N THR C 280 23.41 10.38 -37.16
CA THR C 280 22.15 11.12 -37.08
C THR C 280 21.08 10.29 -36.40
N TYR C 281 21.00 9.01 -36.75
CA TYR C 281 20.08 8.10 -36.06
C TYR C 281 20.47 7.90 -34.59
N ASN C 282 21.73 7.55 -34.32
CA ASN C 282 22.14 7.20 -32.97
C ASN C 282 22.14 8.36 -32.00
N SER C 283 22.04 9.61 -32.47
CA SER C 283 21.78 10.70 -31.54
C SER C 283 20.33 10.75 -31.07
N ILE C 284 19.38 10.40 -31.93
CA ILE C 284 17.99 10.27 -31.52
C ILE C 284 17.81 9.19 -30.46
N MET C 285 18.53 8.08 -30.58
CA MET C 285 18.39 7.00 -29.62
C MET C 285 18.89 7.36 -28.22
N LYS C 286 19.58 8.49 -28.05
CA LYS C 286 19.88 8.98 -26.71
C LYS C 286 18.71 9.70 -26.05
N CYS C 287 17.67 10.02 -26.80
CA CYS C 287 16.55 10.79 -26.27
C CYS C 287 15.53 9.91 -25.56
N ASP C 288 14.81 10.52 -24.63
CA ASP C 288 13.69 9.86 -23.96
C ASP C 288 12.62 9.41 -24.95
N ILE C 289 12.07 8.24 -24.67
CA ILE C 289 11.24 7.48 -25.61
C ILE C 289 9.94 8.20 -25.96
N ASP C 290 9.70 9.35 -25.36
CA ASP C 290 8.61 10.19 -25.84
C ASP C 290 8.92 10.91 -27.14
N ILE C 291 10.02 11.67 -27.16
CA ILE C 291 10.13 12.78 -28.12
C ILE C 291 10.54 12.35 -29.50
N ARG C 292 10.94 11.09 -29.69
CA ARG C 292 11.45 10.63 -30.98
C ARG C 292 10.48 10.93 -32.11
N LYS C 293 9.18 10.78 -31.87
CA LYS C 293 8.18 11.06 -32.89
C LYS C 293 8.28 12.48 -33.43
N ASP C 294 8.66 13.44 -32.58
CA ASP C 294 8.75 14.84 -33.01
C ASP C 294 10.00 15.14 -33.80
N LEU C 295 11.12 14.50 -33.46
CA LEU C 295 12.37 14.77 -34.14
C LEU C 295 12.39 14.22 -35.56
N TYR C 296 11.79 13.07 -35.81
CA TYR C 296 11.67 12.59 -37.19
C TYR C 296 10.88 13.52 -38.10
N ALA C 297 10.15 14.48 -37.57
CA ALA C 297 9.46 15.45 -38.41
C ALA C 297 10.23 16.75 -38.66
N ASN C 298 11.38 16.96 -38.04
CA ASN C 298 12.07 18.25 -38.09
C ASN C 298 13.57 18.07 -38.25
N ASN C 299 13.96 17.21 -39.18
CA ASN C 299 15.36 16.82 -39.36
C ASN C 299 16.01 17.76 -40.36
N VAL C 300 16.65 18.83 -39.85
CA VAL C 300 17.11 19.95 -40.64
C VAL C 300 18.60 19.82 -40.90
N MET C 301 19.02 20.12 -42.13
CA MET C 301 20.40 20.05 -42.54
C MET C 301 20.95 21.44 -42.84
N SER C 302 22.22 21.66 -42.55
CA SER C 302 22.90 22.87 -42.98
C SER C 302 24.37 22.58 -43.21
N GLY C 303 25.02 23.50 -43.89
CA GLY C 303 26.43 23.45 -44.19
C GLY C 303 26.70 23.04 -45.61
N GLY C 304 27.75 23.62 -46.20
CA GLY C 304 28.00 23.47 -47.62
C GLY C 304 28.16 22.04 -48.10
N THR C 305 28.70 21.17 -47.26
CA THR C 305 28.84 19.78 -47.70
C THR C 305 27.54 19.04 -47.74
N THR C 306 26.39 19.71 -47.68
CA THR C 306 25.12 19.12 -48.05
C THR C 306 24.55 19.74 -49.31
N MET C 307 25.33 20.51 -50.05
CA MET C 307 24.84 21.13 -51.27
C MET C 307 24.78 20.16 -52.45
N TYR C 308 25.48 19.04 -52.40
CA TYR C 308 25.53 18.15 -53.56
C TYR C 308 24.13 17.79 -54.01
N PRO C 309 23.82 17.90 -55.30
CA PRO C 309 22.53 17.45 -55.81
C PRO C 309 22.17 16.03 -55.39
N GLY C 310 20.98 15.88 -54.81
CA GLY C 310 20.48 14.57 -54.46
C GLY C 310 20.82 14.04 -53.08
N ILE C 311 21.42 14.85 -52.21
CA ILE C 311 21.81 14.34 -50.89
C ILE C 311 20.57 14.06 -50.03
N ALA C 312 19.56 14.91 -50.11
CA ALA C 312 18.36 14.73 -49.28
C ALA C 312 17.62 13.45 -49.64
N ASP C 313 17.49 13.15 -50.93
CA ASP C 313 16.85 11.92 -51.36
C ASP C 313 17.57 10.68 -50.87
N ARG C 314 18.89 10.70 -50.83
CA ARG C 314 19.64 9.60 -50.25
C ARG C 314 19.41 9.48 -48.75
N MET C 315 19.46 10.60 -48.03
CA MET C 315 19.26 10.60 -46.59
C MET C 315 17.94 9.93 -46.18
N GLN C 316 16.85 10.31 -46.84
CA GLN C 316 15.54 9.73 -46.55
C GLN C 316 15.51 8.21 -46.76
N LYS C 317 16.03 7.72 -47.88
CA LYS C 317 16.05 6.28 -48.11
C LYS C 317 16.93 5.54 -47.12
N GLU C 318 18.05 6.13 -46.72
CA GLU C 318 18.87 5.48 -45.70
C GLU C 318 18.19 5.41 -44.34
N ILE C 319 17.70 6.53 -43.83
CA ILE C 319 17.14 6.52 -42.48
C ILE C 319 15.82 5.75 -42.42
N THR C 320 15.09 5.67 -43.52
CA THR C 320 13.91 4.81 -43.57
C THR C 320 14.21 3.34 -43.31
N ALA C 321 15.44 2.90 -43.58
CA ALA C 321 15.79 1.52 -43.23
C ALA C 321 16.03 1.34 -41.74
N LEU C 322 16.46 2.38 -41.04
CA LEU C 322 16.75 2.28 -39.61
C LEU C 322 15.51 2.51 -38.76
N ALA C 323 14.82 3.62 -38.96
CA ALA C 323 13.66 3.93 -38.14
C ALA C 323 12.52 2.98 -38.50
N PRO C 324 11.72 2.56 -37.51
CA PRO C 324 10.57 1.72 -37.82
C PRO C 324 9.62 2.38 -38.80
N SER C 325 8.89 1.54 -39.53
CA SER C 325 7.78 1.96 -40.35
C SER C 325 6.64 2.53 -39.50
N THR C 326 5.63 3.06 -40.19
CA THR C 326 4.54 3.87 -39.65
C THR C 326 5.02 5.21 -39.09
N MET C 327 6.30 5.35 -38.80
CA MET C 327 6.86 6.67 -38.51
C MET C 327 7.21 7.34 -39.83
N LYS C 328 6.58 8.48 -40.10
CA LYS C 328 6.93 9.29 -41.26
C LYS C 328 8.21 10.09 -41.02
N ILE C 329 8.97 10.29 -42.09
CA ILE C 329 10.25 10.99 -42.02
C ILE C 329 10.23 12.13 -43.03
N LYS C 330 10.70 13.30 -42.62
CA LYS C 330 10.59 14.51 -43.44
C LYS C 330 11.92 15.28 -43.40
N ILE C 331 12.83 14.96 -44.31
CA ILE C 331 14.12 15.62 -44.37
C ILE C 331 13.91 17.03 -44.92
N ILE C 332 14.11 18.05 -44.08
CA ILE C 332 13.90 19.44 -44.45
C ILE C 332 15.25 20.00 -44.86
N ALA C 333 15.52 20.00 -46.16
CA ALA C 333 16.78 20.46 -46.75
C ALA C 333 16.49 21.66 -47.64
N PRO C 334 16.31 22.85 -47.06
CA PRO C 334 15.86 23.98 -47.84
C PRO C 334 16.98 24.57 -48.68
N PRO C 335 16.63 25.37 -49.69
CA PRO C 335 17.64 26.16 -50.42
C PRO C 335 18.26 27.26 -49.57
N GLU C 336 19.41 27.75 -50.04
CA GLU C 336 20.28 28.69 -49.35
C GLU C 336 20.90 28.15 -48.08
N ARG C 337 20.79 26.86 -47.80
CA ARG C 337 21.36 26.26 -46.60
C ARG C 337 22.88 26.40 -46.50
N LYS C 338 23.53 27.00 -47.50
CA LYS C 338 24.91 27.43 -47.37
C LYS C 338 25.11 28.67 -46.51
N TYR C 339 24.06 29.36 -46.08
CA TYR C 339 24.23 30.55 -45.27
C TYR C 339 23.46 30.54 -43.96
N SER C 340 22.71 29.49 -43.67
CA SER C 340 21.77 29.53 -42.55
C SER C 340 22.48 29.90 -41.26
N VAL C 341 23.66 29.34 -41.03
CA VAL C 341 24.42 29.63 -39.81
C VAL C 341 24.74 31.12 -39.70
N TRP C 342 24.89 31.81 -40.83
CA TRP C 342 25.04 33.26 -40.74
C TRP C 342 23.72 34.00 -40.66
N ILE C 343 22.71 33.60 -41.44
CA ILE C 343 21.42 34.29 -41.40
C ILE C 343 20.80 34.22 -40.02
N GLY C 344 20.78 33.03 -39.42
CA GLY C 344 20.35 32.89 -38.04
C GLY C 344 21.13 33.77 -37.07
N GLY C 345 22.41 33.99 -37.33
CA GLY C 345 23.15 34.96 -36.54
C GLY C 345 22.62 36.37 -36.66
N SER C 346 22.27 36.80 -37.87
CA SER C 346 21.70 38.13 -38.04
C SER C 346 20.40 38.32 -37.27
N ILE C 347 19.53 37.31 -37.23
CA ILE C 347 18.27 37.42 -36.51
C ILE C 347 18.48 37.48 -35.01
N LEU C 348 19.23 36.52 -34.46
CA LEU C 348 19.47 36.47 -33.03
C LEU C 348 20.09 37.74 -32.50
N ALA C 349 21.06 38.30 -33.20
CA ALA C 349 21.67 39.54 -32.72
C ALA C 349 20.72 40.73 -32.75
N SER C 350 19.59 40.62 -33.44
CA SER C 350 18.58 41.67 -33.44
C SER C 350 17.45 41.43 -32.46
N LEU C 351 17.38 40.23 -31.86
CA LEU C 351 16.30 39.90 -30.95
C LEU C 351 16.44 40.64 -29.62
N SER C 352 15.37 41.33 -29.23
CA SER C 352 15.41 42.34 -28.17
C SER C 352 15.91 41.80 -26.84
N THR C 353 15.60 40.54 -26.52
CA THR C 353 15.95 39.97 -25.22
C THR C 353 17.43 39.63 -25.08
N PHE C 354 18.16 39.46 -26.19
CA PHE C 354 19.54 39.03 -26.12
C PHE C 354 20.45 40.03 -25.41
N GLN C 355 20.03 41.30 -25.31
CA GLN C 355 20.81 42.33 -24.61
C GLN C 355 21.14 41.99 -23.15
N GLN C 356 20.48 40.99 -22.57
CA GLN C 356 20.87 40.51 -21.24
C GLN C 356 22.17 39.72 -21.22
N MET C 357 22.66 39.22 -22.36
CA MET C 357 23.73 38.25 -22.36
C MET C 357 25.11 38.81 -22.73
N TRP C 358 25.20 40.06 -23.18
CA TRP C 358 26.49 40.62 -23.58
C TRP C 358 27.46 40.66 -22.42
N ILE C 359 28.58 39.92 -22.56
CA ILE C 359 29.63 39.88 -21.55
C ILE C 359 30.31 41.24 -21.52
N THR C 360 30.16 41.98 -20.44
CA THR C 360 30.70 43.33 -20.40
C THR C 360 32.21 43.31 -20.20
N LYS C 361 32.85 44.38 -20.65
CA LYS C 361 34.26 44.62 -20.35
C LYS C 361 34.53 44.64 -18.85
N GLN C 362 33.64 45.27 -18.08
CA GLN C 362 33.87 45.39 -16.64
C GLN C 362 33.88 44.02 -15.96
N GLU C 363 33.01 43.12 -16.41
CA GLU C 363 32.88 41.79 -15.82
C GLU C 363 34.11 40.92 -16.05
N TYR C 364 34.75 41.04 -17.21
CA TYR C 364 36.01 40.33 -17.45
C TYR C 364 37.14 40.80 -16.56
N ASP C 365 37.29 42.11 -16.33
CA ASP C 365 38.37 42.57 -15.47
C ASP C 365 38.25 42.09 -14.02
N GLU C 366 37.03 41.80 -13.56
CA GLU C 366 36.92 41.25 -12.21
C GLU C 366 37.11 39.73 -12.16
N ALA C 367 36.50 39.00 -13.08
CA ALA C 367 36.55 37.54 -13.01
C ALA C 367 37.83 36.95 -13.59
N GLY C 368 38.48 37.65 -14.53
CA GLY C 368 39.47 37.03 -15.37
C GLY C 368 38.86 36.16 -16.45
N PRO C 369 39.70 35.72 -17.38
CA PRO C 369 39.20 35.06 -18.61
C PRO C 369 38.23 33.92 -18.39
N SER C 370 38.26 33.26 -17.23
CA SER C 370 37.42 32.09 -17.02
C SER C 370 35.94 32.41 -17.05
N ILE C 371 35.57 33.69 -17.03
CA ILE C 371 34.16 34.10 -16.99
C ILE C 371 33.36 33.45 -18.10
N VAL C 372 33.97 33.26 -19.28
CA VAL C 372 33.22 32.70 -20.40
C VAL C 372 32.90 31.23 -20.26
N HIS C 373 33.47 30.54 -19.28
CA HIS C 373 33.01 29.20 -18.99
C HIS C 373 31.68 29.17 -18.25
N ARG C 374 31.27 30.31 -17.70
CA ARG C 374 30.05 30.40 -16.92
C ARG C 374 28.79 30.60 -17.75
N LYS C 375 28.91 30.85 -19.05
CA LYS C 375 27.78 31.30 -19.85
C LYS C 375 27.68 30.53 -21.16
N CYS C 376 27.79 29.21 -21.06
CA CYS C 376 27.71 28.31 -22.20
C CYS C 376 27.33 26.93 -21.67
N PHE C 377 27.37 25.92 -22.55
CA PHE C 377 27.17 24.55 -22.09
C PHE C 377 28.39 24.07 -21.30
N THR D 7 -25.17 30.63 -6.26
CA THR D 7 -25.81 29.85 -5.20
C THR D 7 -25.48 28.38 -5.36
N THR D 8 -24.96 28.01 -6.52
CA THR D 8 -24.56 26.63 -6.79
C THR D 8 -23.22 26.34 -6.12
N ALA D 9 -23.07 25.10 -5.68
CA ALA D 9 -21.81 24.67 -5.07
C ALA D 9 -20.79 24.29 -6.11
N LEU D 10 -19.52 24.50 -5.77
CA LEU D 10 -18.38 23.94 -6.49
C LEU D 10 -18.05 22.59 -5.87
N VAL D 11 -18.41 21.51 -6.55
CA VAL D 11 -17.95 20.19 -6.13
C VAL D 11 -16.54 19.98 -6.67
N CYS D 12 -15.56 20.19 -5.82
CA CYS D 12 -14.16 19.93 -6.14
C CYS D 12 -13.85 18.49 -5.76
N ASP D 13 -12.57 18.13 -5.78
CA ASP D 13 -12.19 16.81 -5.31
C ASP D 13 -10.71 16.76 -4.99
N ASN D 14 -10.33 15.74 -4.23
CA ASN D 14 -8.94 15.38 -3.99
C ASN D 14 -8.75 13.91 -4.36
N GLY D 15 -8.98 13.61 -5.62
CA GLY D 15 -8.57 12.32 -6.14
C GLY D 15 -7.06 12.18 -6.11
N SER D 16 -6.60 10.96 -5.86
CA SER D 16 -5.18 10.71 -5.83
C SER D 16 -4.61 10.69 -7.24
N GLY D 17 -5.43 10.33 -8.22
CA GLY D 17 -4.98 10.26 -9.59
C GLY D 17 -5.51 11.44 -10.36
N LEU D 18 -6.82 11.46 -10.64
CA LEU D 18 -7.43 12.51 -11.46
C LEU D 18 -8.21 13.46 -10.57
N VAL D 19 -7.83 14.74 -10.60
CA VAL D 19 -8.71 15.79 -10.09
C VAL D 19 -9.99 15.85 -10.92
N LYS D 20 -11.11 16.09 -10.25
CA LYS D 20 -12.41 16.15 -10.89
C LYS D 20 -13.12 17.39 -10.40
N ALA D 21 -13.69 18.17 -11.31
CA ALA D 21 -14.36 19.40 -10.91
C ALA D 21 -15.50 19.72 -11.86
N GLY D 22 -16.53 20.35 -11.32
CA GLY D 22 -17.65 20.80 -12.12
C GLY D 22 -18.80 21.24 -11.23
N PHE D 23 -19.56 22.24 -11.67
CA PHE D 23 -20.62 22.78 -10.84
C PHE D 23 -21.65 21.72 -10.48
N ALA D 24 -22.29 21.91 -9.33
CA ALA D 24 -23.45 21.10 -8.97
C ALA D 24 -24.60 21.37 -9.92
N GLY D 25 -25.46 20.37 -10.07
CA GLY D 25 -26.57 20.45 -10.99
C GLY D 25 -26.22 20.14 -12.43
N ASP D 26 -24.93 20.09 -12.76
CA ASP D 26 -24.49 19.43 -13.97
C ASP D 26 -24.40 17.92 -13.73
N ASP D 27 -24.41 17.17 -14.83
CA ASP D 27 -24.42 15.72 -14.76
C ASP D 27 -23.10 15.06 -15.15
N ALA D 28 -22.11 15.84 -15.58
CA ALA D 28 -20.80 15.28 -15.86
C ALA D 28 -19.73 16.31 -15.53
N PRO D 29 -18.57 15.87 -15.03
CA PRO D 29 -17.52 16.83 -14.68
C PRO D 29 -17.01 17.58 -15.89
N ARG D 30 -16.77 18.88 -15.71
CA ARG D 30 -16.30 19.72 -16.80
C ARG D 30 -14.81 19.55 -17.07
N ALA D 31 -14.02 19.20 -16.06
CA ALA D 31 -12.60 18.98 -16.27
C ALA D 31 -12.13 17.74 -15.53
N VAL D 32 -11.24 16.99 -16.19
CA VAL D 32 -10.53 15.89 -15.57
C VAL D 32 -9.11 15.93 -16.09
N PHE D 33 -8.13 16.00 -15.20
CA PHE D 33 -6.74 16.03 -15.62
C PHE D 33 -5.85 15.49 -14.50
N PRO D 34 -4.72 14.89 -14.86
CA PRO D 34 -3.81 14.37 -13.83
C PRO D 34 -3.29 15.43 -12.88
N SER D 35 -3.12 15.02 -11.63
CA SER D 35 -2.68 15.86 -10.52
C SER D 35 -1.17 16.11 -10.50
N ILE D 36 -0.51 16.35 -11.62
CA ILE D 36 0.95 16.35 -11.69
C ILE D 36 1.47 17.78 -11.72
N VAL D 37 2.49 18.04 -10.90
CA VAL D 37 3.36 19.20 -11.05
C VAL D 37 4.68 18.74 -11.64
N GLY D 38 5.16 19.46 -12.65
CA GLY D 38 6.43 19.17 -13.26
C GLY D 38 7.30 20.41 -13.43
N ARG D 39 8.61 20.18 -13.35
CA ARG D 39 9.59 21.27 -13.44
C ARG D 39 10.71 20.86 -14.37
N PRO D 40 11.27 21.79 -15.13
CA PRO D 40 12.27 21.43 -16.15
C PRO D 40 13.52 20.80 -15.55
N ARG D 41 14.03 19.80 -16.25
CA ARG D 41 15.26 19.12 -15.85
C ARG D 41 16.52 19.71 -16.47
N HIS D 42 16.41 20.53 -17.51
CA HIS D 42 17.59 21.07 -18.20
C HIS D 42 17.40 22.54 -18.51
N GLN D 43 18.52 23.22 -18.74
CA GLN D 43 18.51 24.65 -19.01
C GLN D 43 17.97 25.00 -20.40
N GLY D 44 17.18 26.06 -20.45
CA GLY D 44 16.71 26.64 -21.70
C GLY D 44 17.85 27.29 -22.47
N VAL D 45 17.92 27.02 -23.77
CA VAL D 45 19.08 27.42 -24.56
C VAL D 45 18.68 28.09 -25.87
N MET D 46 17.52 27.74 -26.40
CA MET D 46 16.86 28.60 -27.39
C MET D 46 16.17 29.75 -26.67
N VAL D 47 16.82 30.91 -26.67
CA VAL D 47 16.33 32.03 -25.87
C VAL D 47 14.96 32.48 -26.36
N GLY D 48 14.15 32.98 -25.43
CA GLY D 48 12.87 33.61 -25.76
C GLY D 48 11.73 32.69 -26.07
N MET D 49 11.67 31.51 -25.46
CA MET D 49 10.53 30.62 -25.67
C MET D 49 9.24 31.17 -25.08
N GLY D 50 9.32 32.12 -24.16
CA GLY D 50 8.21 32.33 -23.24
C GLY D 50 8.03 31.18 -22.27
N GLN D 51 9.12 30.67 -21.72
CA GLN D 51 9.10 29.51 -20.85
C GLN D 51 8.45 29.83 -19.51
N LYS D 52 8.16 28.78 -18.75
CA LYS D 52 7.58 28.88 -17.43
C LYS D 52 8.40 28.06 -16.45
N ASP D 53 8.34 28.46 -15.17
CA ASP D 53 9.00 27.68 -14.13
C ASP D 53 8.36 26.33 -13.90
N SER D 54 7.04 26.19 -14.09
CA SER D 54 6.42 24.91 -13.80
C SER D 54 5.21 24.67 -14.68
N TYR D 55 4.91 23.39 -14.90
CA TYR D 55 3.85 22.97 -15.80
C TYR D 55 2.93 22.03 -15.03
N VAL D 56 1.62 22.15 -15.28
CA VAL D 56 0.62 21.40 -14.52
C VAL D 56 -0.50 20.95 -15.45
N GLY D 57 -1.04 19.77 -15.17
CA GLY D 57 -2.11 19.23 -16.00
C GLY D 57 -1.68 18.75 -17.39
N ASP D 58 -2.46 19.13 -18.40
CA ASP D 58 -2.17 18.72 -19.78
C ASP D 58 -0.79 19.13 -20.26
N GLU D 59 -0.29 20.28 -19.81
CA GLU D 59 1.04 20.72 -20.18
C GLU D 59 2.08 19.65 -19.91
N ALA D 60 2.01 19.03 -18.75
CA ALA D 60 2.99 18.04 -18.30
C ALA D 60 2.81 16.67 -18.93
N GLN D 61 1.62 16.33 -19.40
CA GLN D 61 1.51 15.14 -20.24
C GLN D 61 2.03 15.33 -21.67
N SER D 62 2.28 16.56 -22.11
CA SER D 62 2.83 16.79 -23.44
C SER D 62 4.34 17.01 -23.45
N LYS D 63 4.84 17.85 -22.54
CA LYS D 63 6.28 18.08 -22.39
C LYS D 63 6.99 16.90 -21.73
N ARG D 64 6.37 15.73 -21.78
CA ARG D 64 6.69 14.60 -20.92
C ARG D 64 8.10 14.06 -21.07
N GLY D 65 8.87 14.55 -22.04
CA GLY D 65 10.27 14.14 -22.15
C GLY D 65 11.32 14.97 -21.44
N ILE D 66 10.96 16.09 -20.83
CA ILE D 66 11.96 17.01 -20.31
C ILE D 66 11.63 17.44 -18.89
N LEU D 67 10.63 16.81 -18.28
CA LEU D 67 10.13 17.24 -16.99
C LEU D 67 10.41 16.18 -15.93
N THR D 68 10.77 16.65 -14.74
CA THR D 68 10.57 15.92 -13.49
C THR D 68 9.12 16.02 -13.04
N LEU D 69 8.46 14.89 -12.86
CA LEU D 69 7.06 14.84 -12.47
C LEU D 69 6.95 14.38 -11.02
N LYS D 70 6.06 15.02 -10.28
CA LYS D 70 5.76 14.64 -8.91
C LYS D 70 4.26 14.53 -8.74
N TYR D 71 3.84 13.57 -7.95
CA TYR D 71 2.48 13.57 -7.44
C TYR D 71 2.49 14.08 -6.02
N PRO D 72 1.70 15.11 -5.69
CA PRO D 72 1.70 15.64 -4.33
C PRO D 72 0.82 14.85 -3.37
N ILE D 73 0.21 13.75 -3.81
CA ILE D 73 -0.70 12.97 -2.99
C ILE D 73 -0.16 11.56 -2.88
N GLU D 74 0.01 11.08 -1.67
CA GLU D 74 0.42 9.70 -1.45
C GLU D 74 -0.46 9.04 -0.40
N HIC D 75 -1.22 8.03 -0.81
CA HIC D 75 -2.06 7.28 0.08
C HIC D 75 -3.10 8.18 0.73
O HIC D 75 -3.52 8.05 1.88
CB HIC D 75 -1.33 6.57 1.23
CG HIC D 75 -0.23 5.74 0.72
ND1 HIC D 75 0.98 5.52 1.39
CD2 HIC D 75 -0.22 5.07 -0.51
CE1 HIC D 75 1.71 4.72 0.58
NE2 HIC D 75 1.00 4.41 -0.60
CZ HIC D 75 1.46 3.60 -1.67
N GLY D 76 -3.53 9.16 -0.05
CA GLY D 76 -4.45 10.18 0.42
C GLY D 76 -3.91 11.21 1.40
N ILE D 77 -2.61 11.17 1.71
CA ILE D 77 -2.01 12.12 2.62
C ILE D 77 -1.17 13.09 1.80
N ILE D 78 -1.53 14.38 1.87
CA ILE D 78 -0.80 15.39 1.11
C ILE D 78 0.55 15.65 1.75
N THR D 79 1.62 15.43 0.99
CA THR D 79 2.97 15.48 1.52
C THR D 79 3.66 16.82 1.31
N ASN D 80 3.15 17.66 0.41
CA ASN D 80 3.81 18.93 0.10
C ASN D 80 2.73 19.95 -0.21
N TRP D 81 2.56 20.94 0.67
CA TRP D 81 1.49 21.90 0.54
C TRP D 81 1.74 22.97 -0.52
N ASP D 82 3.00 23.21 -0.89
CA ASP D 82 3.26 24.23 -1.89
C ASP D 82 3.03 23.70 -3.30
N ASP D 83 3.28 22.41 -3.52
CA ASP D 83 2.81 21.78 -4.74
C ASP D 83 1.29 21.72 -4.79
N MET D 84 0.67 21.27 -3.70
CA MET D 84 -0.77 21.07 -3.67
C MET D 84 -1.53 22.38 -3.84
N GLU D 85 -0.99 23.47 -3.31
CA GLU D 85 -1.63 24.77 -3.50
C GLU D 85 -1.59 25.26 -4.94
N LYS D 86 -0.56 24.94 -5.70
CA LYS D 86 -0.58 25.32 -7.12
C LYS D 86 -1.66 24.60 -7.92
N ILE D 87 -1.86 23.31 -7.69
CA ILE D 87 -2.88 22.57 -8.44
C ILE D 87 -4.25 23.22 -8.32
N TRP D 88 -4.66 23.60 -7.11
CA TRP D 88 -5.94 24.29 -6.97
C TRP D 88 -5.91 25.66 -7.63
N HIS D 89 -4.80 26.39 -7.49
CA HIS D 89 -4.69 27.71 -8.11
C HIS D 89 -4.87 27.63 -9.62
N HIS D 90 -4.49 26.51 -10.22
CA HIS D 90 -4.82 26.24 -11.61
C HIS D 90 -6.30 25.88 -11.79
N THR D 91 -6.82 25.03 -10.92
CA THR D 91 -8.17 24.50 -11.08
C THR D 91 -9.23 25.59 -11.17
N PHE D 92 -9.21 26.55 -10.25
CA PHE D 92 -10.22 27.60 -10.27
C PHE D 92 -10.00 28.60 -11.41
N TYR D 93 -8.80 29.16 -11.52
CA TYR D 93 -8.60 30.32 -12.39
C TYR D 93 -8.47 29.99 -13.86
N ASN D 94 -8.13 28.77 -14.23
CA ASN D 94 -7.86 28.48 -15.63
C ASN D 94 -8.77 27.41 -16.22
N GLU D 95 -9.12 26.38 -15.46
CA GLU D 95 -9.94 25.31 -16.00
C GLU D 95 -11.44 25.59 -15.86
N LEU D 96 -11.91 25.88 -14.64
CA LEU D 96 -13.27 26.37 -14.52
C LEU D 96 -13.40 27.85 -14.86
N ARG D 97 -12.33 28.62 -14.74
CA ARG D 97 -12.37 30.07 -14.97
C ARG D 97 -13.50 30.72 -14.17
N VAL D 98 -13.52 30.43 -12.87
CA VAL D 98 -14.51 30.99 -11.97
C VAL D 98 -13.82 31.43 -10.69
N ALA D 99 -14.17 32.62 -10.22
CA ALA D 99 -13.59 33.13 -8.97
C ALA D 99 -14.21 32.42 -7.78
N PRO D 100 -13.40 31.87 -6.86
CA PRO D 100 -13.95 31.01 -5.81
C PRO D 100 -14.58 31.76 -4.67
N GLU D 101 -14.26 33.04 -4.49
CA GLU D 101 -14.79 33.78 -3.35
C GLU D 101 -16.28 34.06 -3.44
N GLU D 102 -16.96 33.65 -4.50
CA GLU D 102 -18.41 33.67 -4.52
C GLU D 102 -19.03 32.39 -3.98
N HIS D 103 -18.35 31.26 -4.11
CA HIS D 103 -19.04 29.98 -4.14
C HIS D 103 -18.62 29.10 -2.98
N PRO D 104 -19.58 28.45 -2.31
CA PRO D 104 -19.23 27.38 -1.36
C PRO D 104 -18.51 26.23 -2.05
N THR D 105 -17.46 25.75 -1.41
CA THR D 105 -16.58 24.74 -1.97
C THR D 105 -16.64 23.49 -1.13
N LEU D 106 -16.97 22.37 -1.78
CA LEU D 106 -17.10 21.08 -1.13
C LEU D 106 -15.89 20.22 -1.49
N LEU D 107 -15.13 19.81 -0.50
CA LEU D 107 -14.00 18.93 -0.71
C LEU D 107 -14.33 17.52 -0.23
N THR D 108 -13.42 16.59 -0.46
CA THR D 108 -13.55 15.23 0.02
C THR D 108 -12.22 14.75 0.55
N GLU D 109 -12.26 13.72 1.39
CA GLU D 109 -11.05 13.00 1.72
C GLU D 109 -11.43 11.58 2.15
N ALA D 110 -10.45 10.69 2.12
CA ALA D 110 -10.62 9.37 2.72
C ALA D 110 -10.82 9.47 4.23
N PRO D 111 -11.56 8.54 4.82
CA PRO D 111 -11.61 8.44 6.28
C PRO D 111 -10.33 7.87 6.86
N LEU D 112 -10.16 8.08 8.17
CA LEU D 112 -8.95 7.67 8.89
C LEU D 112 -7.71 8.35 8.30
N ASN D 113 -7.70 9.66 8.42
CA ASN D 113 -6.55 10.46 8.00
C ASN D 113 -5.99 11.25 9.18
N PRO D 114 -4.70 11.59 9.13
CA PRO D 114 -4.13 12.41 10.20
C PRO D 114 -4.81 13.76 10.25
N LYS D 115 -5.31 14.11 11.43
CA LYS D 115 -6.20 15.26 11.57
C LYS D 115 -5.57 16.55 11.08
N ALA D 116 -4.25 16.68 11.18
CA ALA D 116 -3.60 17.90 10.72
C ALA D 116 -3.92 18.26 9.27
N ASN D 117 -4.17 17.26 8.42
CA ASN D 117 -4.53 17.56 7.03
C ASN D 117 -5.86 18.30 6.92
N ARG D 118 -6.81 17.96 7.78
CA ARG D 118 -8.11 18.61 7.72
C ARG D 118 -8.06 20.07 8.15
N GLU D 119 -7.16 20.42 9.07
CA GLU D 119 -6.93 21.83 9.37
C GLU D 119 -6.25 22.57 8.22
N LYS D 120 -5.19 21.99 7.64
CA LYS D 120 -4.47 22.71 6.59
C LYS D 120 -5.39 23.07 5.43
N MET D 121 -6.18 22.12 4.96
CA MET D 121 -7.09 22.41 3.86
C MET D 121 -8.06 23.52 4.25
N THR D 122 -8.56 23.49 5.48
CA THR D 122 -9.48 24.51 5.95
C THR D 122 -8.86 25.90 5.98
N GLN D 123 -7.66 26.02 6.55
CA GLN D 123 -7.00 27.32 6.63
C GLN D 123 -6.60 27.86 5.26
N ILE D 124 -6.18 27.00 4.33
CA ILE D 124 -5.87 27.45 2.98
C ILE D 124 -7.12 27.99 2.29
N MET D 125 -8.25 27.30 2.44
CA MET D 125 -9.49 27.76 1.85
C MET D 125 -9.97 29.08 2.45
N PHE D 126 -9.89 29.24 3.77
CA PHE D 126 -10.32 30.47 4.40
C PHE D 126 -9.39 31.67 4.24
N GLU D 127 -8.11 31.50 3.94
CA GLU D 127 -7.21 32.64 3.99
C GLU D 127 -6.35 32.86 2.75
N THR D 128 -6.10 31.87 1.91
CA THR D 128 -5.64 32.18 0.57
C THR D 128 -6.80 32.51 -0.36
N PHE D 129 -7.70 31.57 -0.56
CA PHE D 129 -8.76 31.74 -1.55
C PHE D 129 -9.94 32.54 -1.01
N ASN D 130 -10.09 32.63 0.32
CA ASN D 130 -11.18 33.37 0.96
C ASN D 130 -12.56 32.86 0.54
N VAL D 131 -12.72 31.55 0.56
CA VAL D 131 -14.01 30.92 0.26
C VAL D 131 -15.06 31.45 1.23
N PRO D 132 -16.33 31.50 0.85
CA PRO D 132 -17.36 31.85 1.82
C PRO D 132 -17.68 30.75 2.81
N ALA D 133 -17.53 29.48 2.42
CA ALA D 133 -17.85 28.37 3.31
C ALA D 133 -17.19 27.11 2.78
N MET D 134 -17.15 26.08 3.62
CA MET D 134 -16.45 24.86 3.26
C MET D 134 -17.15 23.69 3.93
N TYR D 135 -16.92 22.49 3.39
CA TYR D 135 -17.31 21.25 4.03
C TYR D 135 -16.30 20.18 3.67
N VAL D 136 -16.31 19.07 4.42
CA VAL D 136 -15.38 17.99 4.12
C VAL D 136 -16.09 16.65 4.25
N ALA D 137 -16.66 16.18 3.15
CA ALA D 137 -17.40 14.93 3.11
C ALA D 137 -16.46 13.73 3.03
N ILE D 138 -17.01 12.56 3.32
CA ILE D 138 -16.26 11.30 3.34
C ILE D 138 -16.64 10.52 2.10
N GLN D 139 -15.64 10.19 1.28
CA GLN D 139 -15.87 9.85 -0.13
C GLN D 139 -16.86 8.70 -0.29
N ALA D 140 -16.71 7.63 0.50
CA ALA D 140 -17.54 6.45 0.30
C ALA D 140 -19.02 6.75 0.56
N VAL D 141 -19.31 7.68 1.46
CA VAL D 141 -20.70 8.04 1.74
C VAL D 141 -21.34 8.70 0.52
N LEU D 142 -20.58 9.52 -0.20
CA LEU D 142 -21.11 10.16 -1.40
C LEU D 142 -21.36 9.16 -2.50
N SER D 143 -20.56 8.09 -2.57
CA SER D 143 -20.73 7.11 -3.63
C SER D 143 -22.10 6.47 -3.59
N LEU D 144 -22.69 6.36 -2.41
CA LEU D 144 -23.94 5.64 -2.23
C LEU D 144 -25.13 6.39 -2.83
N TYR D 145 -25.11 7.72 -2.85
CA TYR D 145 -26.20 8.46 -3.47
C TYR D 145 -26.31 8.23 -4.97
N ALA D 146 -25.24 7.77 -5.63
CA ALA D 146 -25.34 7.54 -7.06
C ALA D 146 -26.36 6.46 -7.39
N SER D 147 -26.50 5.47 -6.52
CA SER D 147 -27.52 4.44 -6.70
C SER D 147 -28.86 4.81 -6.11
N GLY D 148 -28.94 5.91 -5.35
CA GLY D 148 -30.18 6.26 -4.69
C GLY D 148 -30.62 5.29 -3.62
N ARG D 149 -29.69 4.48 -3.12
CA ARG D 149 -29.94 3.54 -2.04
C ARG D 149 -29.76 4.23 -0.69
N THR D 150 -30.24 3.57 0.37
CA THR D 150 -29.95 4.02 1.72
C THR D 150 -29.40 2.89 2.58
N THR D 151 -29.04 1.77 1.99
CA THR D 151 -28.45 0.68 2.75
C THR D 151 -27.56 -0.11 1.81
N GLY D 152 -26.36 -0.44 2.26
CA GLY D 152 -25.41 -1.15 1.45
C GLY D 152 -24.03 -1.10 2.02
N ILE D 153 -23.17 -2.04 1.62
CA ILE D 153 -21.75 -1.96 1.88
C ILE D 153 -21.08 -1.38 0.64
N VAL D 154 -20.26 -0.36 0.83
CA VAL D 154 -19.53 0.27 -0.26
C VAL D 154 -18.10 -0.23 -0.26
N LEU D 155 -17.65 -0.71 -1.41
CA LEU D 155 -16.25 -1.01 -1.65
C LEU D 155 -15.74 0.00 -2.67
N ASP D 156 -14.85 0.88 -2.23
CA ASP D 156 -14.34 1.96 -3.05
C ASP D 156 -12.83 1.90 -3.10
N SER D 157 -12.27 1.98 -4.31
CA SER D 157 -10.87 1.65 -4.52
C SER D 157 -10.34 2.60 -5.61
N GLY D 158 -9.79 3.72 -5.18
CA GLY D 158 -9.30 4.73 -6.09
C GLY D 158 -7.88 4.52 -6.51
N ASP D 159 -7.27 5.59 -7.02
CA ASP D 159 -5.86 5.56 -7.39
C ASP D 159 -4.97 5.19 -6.22
N GLY D 160 -5.32 5.63 -5.01
CA GLY D 160 -4.38 5.54 -3.92
C GLY D 160 -4.77 4.90 -2.61
N VAL D 161 -6.03 4.51 -2.41
CA VAL D 161 -6.43 3.78 -1.21
C VAL D 161 -7.68 2.99 -1.50
N THR D 162 -7.90 1.93 -0.71
CA THR D 162 -9.13 1.17 -0.72
C THR D 162 -9.74 1.16 0.67
N HIS D 163 -11.06 1.31 0.76
CA HIS D 163 -11.72 1.30 2.06
C HIS D 163 -13.11 0.69 1.92
N ASN D 164 -13.64 0.25 3.06
CA ASN D 164 -15.00 -0.25 3.17
C ASN D 164 -15.76 0.54 4.23
N VAL D 165 -17.02 0.86 3.93
CA VAL D 165 -17.90 1.49 4.90
C VAL D 165 -19.27 0.85 4.80
N PRO D 166 -19.72 0.09 5.80
CA PRO D 166 -21.12 -0.36 5.82
C PRO D 166 -22.03 0.75 6.34
N ILE D 167 -23.10 1.01 5.61
CA ILE D 167 -24.14 1.94 6.04
C ILE D 167 -25.46 1.20 6.14
N TYR D 168 -26.14 1.34 7.28
CA TYR D 168 -27.46 0.77 7.50
C TYR D 168 -28.43 1.87 7.94
N GLU D 169 -29.56 1.97 7.23
CA GLU D 169 -30.60 2.95 7.52
C GLU D 169 -30.06 4.36 7.67
N GLY D 170 -29.04 4.68 6.87
CA GLY D 170 -28.44 5.98 7.01
C GLY D 170 -27.58 6.17 8.24
N TYR D 171 -27.33 5.11 9.01
CA TYR D 171 -26.33 5.16 10.06
C TYR D 171 -25.06 4.48 9.57
N ALA D 172 -23.94 5.19 9.67
CA ALA D 172 -22.63 4.57 9.56
C ALA D 172 -22.25 3.84 10.83
N LEU D 173 -21.39 2.84 10.69
CA LEU D 173 -20.93 2.02 11.81
C LEU D 173 -19.42 2.22 11.94
N PRO D 174 -18.99 3.28 12.65
CA PRO D 174 -17.59 3.68 12.62
C PRO D 174 -16.62 2.69 13.24
N HIS D 175 -17.11 1.67 13.93
CA HIS D 175 -16.24 0.61 14.42
C HIS D 175 -15.89 -0.43 13.36
N ALA D 176 -16.52 -0.40 12.19
CA ALA D 176 -16.39 -1.47 11.21
C ALA D 176 -15.56 -1.08 9.99
N ILE D 177 -15.13 0.18 9.89
CA ILE D 177 -14.43 0.66 8.70
C ILE D 177 -13.07 -0.01 8.56
N MET D 178 -12.75 -0.43 7.34
CA MET D 178 -11.45 -0.99 6.98
C MET D 178 -10.74 -0.03 6.03
N ARG D 179 -9.49 0.27 6.33
CA ARG D 179 -8.59 0.95 5.41
C ARG D 179 -7.52 -0.01 4.90
N LEU D 180 -7.43 -0.15 3.58
CA LEU D 180 -6.52 -1.06 2.91
C LEU D 180 -5.72 -0.31 1.86
N ASP D 181 -4.41 -0.17 2.09
CA ASP D 181 -3.54 0.67 1.26
C ASP D 181 -3.00 -0.08 0.04
N LEU D 182 -3.90 -0.64 -0.76
CA LEU D 182 -3.57 -1.35 -1.99
C LEU D 182 -4.42 -0.80 -3.12
N ALA D 183 -3.78 -0.36 -4.21
CA ALA D 183 -4.45 0.52 -5.15
C ALA D 183 -3.74 0.48 -6.49
N GLY D 184 -4.36 1.15 -7.46
CA GLY D 184 -3.83 1.17 -8.81
C GLY D 184 -2.38 1.58 -8.94
N ARG D 185 -1.93 2.51 -8.10
CA ARG D 185 -0.53 2.90 -8.13
C ARG D 185 0.40 1.72 -7.81
N ASP D 186 -0.02 0.80 -6.96
CA ASP D 186 0.77 -0.39 -6.70
C ASP D 186 0.72 -1.37 -7.86
N LEU D 187 -0.45 -1.56 -8.47
CA LEU D 187 -0.54 -2.44 -9.63
C LEU D 187 0.32 -1.95 -10.79
N THR D 188 0.42 -0.64 -10.99
CA THR D 188 1.27 -0.13 -12.06
C THR D 188 2.74 -0.39 -11.77
N ASP D 189 3.18 -0.14 -10.55
CA ASP D 189 4.56 -0.40 -10.17
C ASP D 189 4.91 -1.89 -10.21
N TYR D 190 3.92 -2.75 -10.05
CA TYR D 190 4.15 -4.18 -10.25
C TYR D 190 4.17 -4.58 -11.71
N LEU D 191 3.39 -3.92 -12.56
CA LEU D 191 3.40 -4.23 -13.98
C LEU D 191 4.76 -3.95 -14.63
N MET D 192 5.48 -2.93 -14.15
CA MET D 192 6.84 -2.69 -14.62
C MET D 192 7.79 -3.84 -14.39
N LYS D 193 7.57 -4.66 -13.36
CA LYS D 193 8.50 -5.77 -13.12
C LYS D 193 8.22 -6.98 -13.98
N ILE D 194 6.96 -7.29 -14.28
CA ILE D 194 6.71 -8.46 -15.11
C ILE D 194 6.90 -8.18 -16.59
N LEU D 195 6.72 -6.94 -17.04
CA LEU D 195 7.14 -6.59 -18.40
C LEU D 195 8.64 -6.73 -18.61
N THR D 196 9.44 -6.48 -17.59
CA THR D 196 10.89 -6.62 -17.72
C THR D 196 11.31 -8.06 -18.01
N GLU D 197 10.49 -9.04 -17.70
CA GLU D 197 10.76 -10.41 -18.13
C GLU D 197 10.93 -10.53 -19.63
N ARG D 198 10.23 -9.71 -20.42
CA ARG D 198 10.35 -9.77 -21.87
C ARG D 198 11.37 -8.78 -22.41
N GLY D 199 12.18 -8.16 -21.56
CA GLY D 199 13.23 -7.28 -21.99
C GLY D 199 12.85 -5.84 -22.27
N TYR D 200 11.57 -5.53 -22.43
CA TYR D 200 11.17 -4.13 -22.47
C TYR D 200 11.57 -3.47 -21.15
N SER D 201 12.14 -2.27 -21.23
CA SER D 201 12.67 -1.58 -20.07
C SER D 201 12.04 -0.22 -19.92
N PHE D 202 11.48 0.05 -18.74
CA PHE D 202 10.99 1.36 -18.38
C PHE D 202 11.55 1.70 -17.00
N VAL D 203 11.85 2.97 -16.78
CA VAL D 203 12.58 3.37 -15.59
C VAL D 203 12.01 4.67 -15.02
N THR D 204 11.75 5.63 -15.88
CA THR D 204 11.56 7.01 -15.48
C THR D 204 10.09 7.33 -15.27
N THR D 205 9.84 8.45 -14.60
CA THR D 205 8.48 8.90 -14.37
C THR D 205 7.79 9.23 -15.69
N ALA D 206 8.55 9.59 -16.71
CA ALA D 206 7.99 9.74 -18.04
C ALA D 206 7.51 8.41 -18.62
N GLU D 207 8.05 7.28 -18.16
CA GLU D 207 7.66 5.99 -18.70
C GLU D 207 6.59 5.29 -17.86
N ARG D 208 6.49 5.59 -16.57
CA ARG D 208 5.37 5.12 -15.76
C ARG D 208 4.03 5.51 -16.37
N GLU D 209 3.94 6.76 -16.84
CA GLU D 209 2.77 7.27 -17.55
C GLU D 209 2.55 6.64 -18.92
N ILE D 210 3.44 5.78 -19.38
CA ILE D 210 3.20 5.00 -20.59
C ILE D 210 2.74 3.58 -20.27
N VAL D 211 3.30 2.96 -19.24
CA VAL D 211 2.83 1.66 -18.81
C VAL D 211 1.37 1.73 -18.38
N ARG D 212 0.99 2.79 -17.68
CA ARG D 212 -0.40 2.95 -17.26
C ARG D 212 -1.36 2.93 -18.44
N ASP D 213 -0.93 3.34 -19.63
CA ASP D 213 -1.82 3.25 -20.78
C ASP D 213 -2.03 1.81 -21.25
N ILE D 214 -1.13 0.89 -20.91
CA ILE D 214 -1.35 -0.52 -21.22
C ILE D 214 -2.45 -1.08 -20.34
N LYS D 215 -2.36 -0.84 -19.03
CA LYS D 215 -3.24 -1.47 -18.06
C LYS D 215 -4.69 -1.09 -18.31
N GLU D 216 -4.94 0.11 -18.79
CA GLU D 216 -6.30 0.52 -19.13
C GLU D 216 -6.81 -0.12 -20.41
N LYS D 217 -6.02 -0.91 -21.11
CA LYS D 217 -6.52 -1.33 -22.41
C LYS D 217 -6.49 -2.84 -22.64
N LEU D 218 -5.49 -3.54 -22.13
CA LEU D 218 -5.30 -4.95 -22.46
C LEU D 218 -5.54 -5.92 -21.31
N CYS D 219 -5.67 -5.45 -20.08
CA CYS D 219 -5.80 -6.32 -18.93
C CYS D 219 -7.26 -6.70 -18.66
N TYR D 220 -7.46 -7.94 -18.23
CA TYR D 220 -8.78 -8.41 -17.83
C TYR D 220 -8.61 -9.48 -16.76
N VAL D 221 -9.69 -9.74 -16.03
CA VAL D 221 -9.68 -10.64 -14.88
C VAL D 221 -10.18 -12.02 -15.29
N ALA D 222 -9.36 -13.03 -15.01
CA ALA D 222 -9.74 -14.42 -15.23
C ALA D 222 -10.69 -14.91 -14.14
N LEU D 223 -11.65 -15.73 -14.54
CA LEU D 223 -12.55 -16.38 -13.59
C LEU D 223 -11.92 -17.60 -12.92
N ASP D 224 -11.00 -18.28 -13.57
CA ASP D 224 -10.37 -19.49 -13.02
C ASP D 224 -8.89 -19.42 -13.38
N PHE D 225 -8.16 -18.59 -12.62
CA PHE D 225 -6.79 -18.24 -12.92
C PHE D 225 -5.90 -19.45 -13.18
N GLU D 226 -6.11 -20.54 -12.44
CA GLU D 226 -5.28 -21.73 -12.64
C GLU D 226 -5.50 -22.39 -13.99
N ASN D 227 -6.75 -22.51 -14.43
CA ASN D 227 -7.03 -23.04 -15.77
C ASN D 227 -6.59 -22.06 -16.85
N GLU D 228 -6.80 -20.78 -16.63
CA GLU D 228 -6.35 -19.77 -17.59
C GLU D 228 -4.85 -19.81 -17.80
N MET D 229 -4.07 -19.79 -16.72
CA MET D 229 -2.63 -19.80 -16.86
C MET D 229 -2.11 -21.12 -17.42
N ALA D 230 -2.76 -22.24 -17.12
CA ALA D 230 -2.39 -23.50 -17.75
C ALA D 230 -2.70 -23.50 -19.24
N THR D 231 -3.78 -22.85 -19.66
CA THR D 231 -4.09 -22.76 -21.08
C THR D 231 -3.15 -21.81 -21.81
N ALA D 232 -2.79 -20.70 -21.17
CA ALA D 232 -1.94 -19.68 -21.79
C ALA D 232 -0.59 -20.20 -22.24
N ALA D 233 -0.14 -21.35 -21.72
CA ALA D 233 1.06 -21.97 -22.25
C ALA D 233 0.92 -22.45 -23.69
N SER D 234 -0.30 -22.61 -24.19
CA SER D 234 -0.47 -23.16 -25.54
C SER D 234 -1.40 -22.33 -26.42
N SER D 235 -2.41 -21.70 -25.82
CA SER D 235 -3.41 -20.94 -26.57
C SER D 235 -2.87 -19.57 -26.98
N SER D 236 -2.10 -19.58 -28.07
CA SER D 236 -1.47 -18.37 -28.60
C SER D 236 -2.48 -17.27 -28.93
N SER D 237 -3.76 -17.63 -29.14
CA SER D 237 -4.82 -16.66 -29.36
C SER D 237 -5.04 -15.73 -28.18
N LEU D 238 -4.41 -15.99 -27.05
CA LEU D 238 -4.43 -15.06 -25.94
C LEU D 238 -3.62 -13.80 -26.25
N GLU D 239 -2.50 -13.95 -26.96
CA GLU D 239 -1.51 -12.87 -27.04
C GLU D 239 -1.98 -11.71 -27.92
N LYS D 240 -1.62 -10.50 -27.51
CA LYS D 240 -2.06 -9.25 -28.09
C LYS D 240 -0.87 -8.33 -28.30
N SER D 241 -1.03 -7.38 -29.23
CA SER D 241 0.04 -6.48 -29.62
C SER D 241 -0.42 -5.04 -29.55
N TYR D 242 0.52 -4.14 -29.20
CA TYR D 242 0.21 -2.75 -28.93
C TYR D 242 1.42 -1.92 -29.34
N GLU D 243 1.18 -0.65 -29.69
CA GLU D 243 2.25 0.25 -30.13
C GLU D 243 2.58 1.29 -29.07
N LEU D 244 3.87 1.46 -28.80
CA LEU D 244 4.41 2.58 -28.04
C LEU D 244 4.21 3.89 -28.79
N PRO D 245 4.67 5.04 -28.27
CA PRO D 245 4.63 6.28 -29.06
C PRO D 245 5.44 6.24 -30.36
N ASP D 246 6.72 5.86 -30.28
CA ASP D 246 7.42 5.38 -31.46
C ASP D 246 6.87 4.03 -31.91
N GLY D 247 7.22 3.63 -33.12
CA GLY D 247 6.58 2.50 -33.74
C GLY D 247 6.95 1.15 -33.14
N GLN D 248 7.64 1.16 -32.01
CA GLN D 248 8.04 -0.08 -31.38
C GLN D 248 6.81 -0.88 -31.00
N VAL D 249 6.65 -2.05 -31.58
CA VAL D 249 5.58 -2.96 -31.21
C VAL D 249 5.93 -3.74 -29.95
N ILE D 250 4.90 -4.04 -29.17
CA ILE D 250 5.02 -4.80 -27.93
C ILE D 250 4.10 -6.00 -28.05
N THR D 251 4.54 -7.16 -27.57
CA THR D 251 3.70 -8.35 -27.50
C THR D 251 3.51 -8.80 -26.06
N ILE D 252 2.26 -9.10 -25.71
CA ILE D 252 1.84 -9.34 -24.33
C ILE D 252 1.09 -10.66 -24.28
N GLY D 253 1.32 -11.45 -23.24
CA GLY D 253 0.68 -12.76 -23.18
C GLY D 253 -0.05 -13.02 -21.88
N ASN D 254 0.40 -14.01 -21.10
CA ASN D 254 -0.19 -14.22 -19.78
C ASN D 254 -0.03 -13.00 -18.86
N GLU D 255 0.86 -12.08 -19.22
CA GLU D 255 0.94 -10.79 -18.54
C GLU D 255 -0.33 -9.96 -18.66
N ARG D 256 -1.24 -10.31 -19.56
CA ARG D 256 -2.52 -9.60 -19.61
C ARG D 256 -3.30 -9.74 -18.31
N PHE D 257 -3.24 -10.90 -17.65
CA PHE D 257 -4.12 -11.11 -16.50
C PHE D 257 -3.41 -11.33 -15.17
N ARG D 258 -2.13 -11.68 -15.17
CA ARG D 258 -1.39 -11.71 -13.92
C ARG D 258 -1.32 -10.36 -13.21
N CYS D 259 -1.56 -9.26 -13.91
CA CYS D 259 -1.67 -7.98 -13.22
C CYS D 259 -2.91 -7.87 -12.33
N PRO D 260 -4.14 -7.82 -12.84
CA PRO D 260 -5.29 -7.62 -11.94
C PRO D 260 -5.56 -8.77 -10.99
N GLU D 261 -4.92 -9.93 -11.20
CA GLU D 261 -4.95 -10.99 -10.20
C GLU D 261 -4.35 -10.57 -8.87
N THR D 262 -3.54 -9.52 -8.85
CA THR D 262 -2.96 -9.02 -7.61
C THR D 262 -4.01 -8.60 -6.58
N LEU D 263 -5.11 -8.01 -7.01
CA LEU D 263 -6.13 -7.57 -6.07
C LEU D 263 -6.74 -8.71 -5.27
N PHE D 264 -6.76 -9.91 -5.83
CA PHE D 264 -7.27 -11.06 -5.11
C PHE D 264 -6.21 -11.87 -4.39
N GLN D 265 -4.92 -11.65 -4.65
CA GLN D 265 -3.84 -12.36 -3.96
C GLN D 265 -2.66 -11.43 -3.75
N PRO D 266 -2.78 -10.48 -2.81
CA PRO D 266 -1.73 -9.48 -2.62
C PRO D 266 -0.38 -10.04 -2.24
N SER D 267 -0.30 -11.26 -1.74
CA SER D 267 0.99 -11.89 -1.52
C SER D 267 1.85 -11.98 -2.77
N PHE D 268 1.28 -11.84 -3.97
CA PHE D 268 2.10 -11.74 -5.18
C PHE D 268 3.00 -10.50 -5.16
N ILE D 269 2.50 -9.39 -4.62
CA ILE D 269 3.36 -8.23 -4.43
C ILE D 269 3.91 -8.22 -3.02
N GLY D 270 3.84 -9.37 -2.35
CA GLY D 270 4.36 -9.53 -1.01
C GLY D 270 3.58 -8.82 0.07
N MET D 271 2.39 -8.32 -0.24
CA MET D 271 1.58 -7.64 0.76
C MET D 271 1.02 -8.66 1.73
N GLU D 272 1.02 -8.32 3.02
CA GLU D 272 0.48 -9.24 4.01
C GLU D 272 -1.05 -9.15 4.11
N SER D 273 -1.60 -7.96 3.94
CA SER D 273 -3.04 -7.76 4.10
C SER D 273 -3.84 -8.63 3.12
N ALA D 274 -5.01 -9.07 3.59
CA ALA D 274 -5.91 -9.92 2.84
C ALA D 274 -6.45 -9.25 1.58
N GLY D 275 -6.94 -10.08 0.66
CA GLY D 275 -7.48 -9.60 -0.59
C GLY D 275 -8.77 -8.82 -0.42
N ILE D 276 -9.13 -8.09 -1.49
CA ILE D 276 -10.24 -7.14 -1.40
C ILE D 276 -11.56 -7.80 -1.05
N HIS D 277 -11.74 -9.07 -1.43
CA HIS D 277 -12.95 -9.75 -1.00
C HIS D 277 -12.90 -10.21 0.44
N GLU D 278 -11.70 -10.52 0.94
CA GLU D 278 -11.59 -10.94 2.33
C GLU D 278 -11.80 -9.79 3.30
N THR D 279 -11.40 -8.57 2.93
CA THR D 279 -11.78 -7.41 3.72
C THR D 279 -13.22 -6.99 3.50
N THR D 280 -13.76 -7.21 2.30
CA THR D 280 -15.18 -6.95 2.08
C THR D 280 -16.05 -7.85 2.93
N TYR D 281 -15.69 -9.13 3.00
CA TYR D 281 -16.37 -10.06 3.89
C TYR D 281 -16.18 -9.70 5.36
N ASN D 282 -14.93 -9.52 5.79
CA ASN D 282 -14.63 -9.32 7.20
C ASN D 282 -15.13 -7.99 7.76
N SER D 283 -15.52 -7.03 6.92
CA SER D 283 -16.24 -5.88 7.43
C SER D 283 -17.68 -6.19 7.79
N ILE D 284 -18.34 -7.05 7.03
CA ILE D 284 -19.69 -7.51 7.39
C ILE D 284 -19.69 -8.25 8.73
N MET D 285 -18.66 -9.04 9.00
CA MET D 285 -18.61 -9.78 10.26
C MET D 285 -18.45 -8.89 11.49
N LYS D 286 -18.17 -7.60 11.33
CA LYS D 286 -18.24 -6.68 12.46
C LYS D 286 -19.65 -6.23 12.79
N CYS D 287 -20.63 -6.51 11.94
CA CYS D 287 -21.98 -6.03 12.12
C CYS D 287 -22.79 -6.96 13.03
N ASP D 288 -23.79 -6.39 13.68
CA ASP D 288 -24.74 -7.16 14.47
C ASP D 288 -25.48 -8.20 13.63
N ILE D 289 -25.69 -9.37 14.22
CA ILE D 289 -26.09 -10.58 13.53
C ILE D 289 -27.48 -10.46 12.91
N ASP D 290 -28.15 -9.33 13.10
CA ASP D 290 -29.36 -9.08 12.33
C ASP D 290 -29.06 -8.70 10.89
N ILE D 291 -28.26 -7.65 10.68
CA ILE D 291 -28.35 -6.88 9.44
C ILE D 291 -27.63 -7.54 8.27
N ARG D 292 -26.84 -8.58 8.52
CA ARG D 292 -26.04 -9.20 7.47
C ARG D 292 -26.87 -9.57 6.25
N LYS D 293 -28.08 -10.06 6.46
CA LYS D 293 -28.95 -10.42 5.35
C LYS D 293 -29.21 -9.26 4.40
N ASP D 294 -29.26 -8.03 4.92
CA ASP D 294 -29.53 -6.88 4.07
C ASP D 294 -28.31 -6.41 3.29
N LEU D 295 -27.13 -6.52 3.88
CA LEU D 295 -25.92 -6.06 3.21
C LEU D 295 -25.52 -6.95 2.03
N TYR D 296 -25.72 -8.25 2.13
CA TYR D 296 -25.48 -9.12 0.98
C TYR D 296 -26.36 -8.79 -0.22
N ALA D 297 -27.43 -8.02 -0.05
CA ALA D 297 -28.23 -7.61 -1.20
C ALA D 297 -27.86 -6.26 -1.80
N ASN D 298 -26.93 -5.52 -1.22
CA ASN D 298 -26.66 -4.14 -1.65
C ASN D 298 -25.17 -3.85 -1.68
N ASN D 299 -24.40 -4.76 -2.25
CA ASN D 299 -22.94 -4.70 -2.23
C ASN D 299 -22.46 -3.91 -3.45
N VAL D 300 -22.26 -2.60 -3.27
CA VAL D 300 -22.04 -1.66 -4.36
C VAL D 300 -20.56 -1.36 -4.48
N MET D 301 -20.07 -1.30 -5.71
CA MET D 301 -18.67 -1.02 -6.02
C MET D 301 -18.54 0.32 -6.70
N SER D 302 -17.44 1.02 -6.43
CA SER D 302 -17.11 2.21 -7.20
C SER D 302 -15.60 2.38 -7.24
N GLY D 303 -15.16 3.23 -8.14
CA GLY D 303 -13.76 3.57 -8.34
C GLY D 303 -13.18 2.88 -9.55
N GLY D 304 -12.27 3.59 -10.23
CA GLY D 304 -11.78 3.13 -11.52
C GLY D 304 -11.13 1.77 -11.51
N THR D 305 -10.48 1.40 -10.41
CA THR D 305 -9.87 0.07 -10.38
C THR D 305 -10.87 -1.04 -10.27
N THR D 306 -12.16 -0.80 -10.46
CA THR D 306 -13.14 -1.85 -10.70
C THR D 306 -13.67 -1.85 -12.12
N MET D 307 -13.04 -1.10 -13.03
CA MET D 307 -13.50 -1.06 -14.40
C MET D 307 -13.10 -2.27 -15.22
N TYR D 308 -12.11 -3.05 -14.77
CA TYR D 308 -11.62 -4.15 -15.59
C TYR D 308 -12.77 -5.07 -15.97
N PRO D 309 -12.91 -5.43 -17.24
CA PRO D 309 -13.92 -6.41 -17.65
C PRO D 309 -13.88 -7.68 -16.83
N GLY D 310 -15.05 -8.06 -16.29
CA GLY D 310 -15.19 -9.31 -15.57
C GLY D 310 -14.91 -9.28 -14.09
N ILE D 311 -14.72 -8.10 -13.48
CA ILE D 311 -14.40 -8.06 -12.06
C ILE D 311 -15.59 -8.47 -11.21
N ALA D 312 -16.80 -8.07 -11.60
CA ALA D 312 -18.00 -8.40 -10.82
C ALA D 312 -18.27 -9.89 -10.78
N ASP D 313 -18.10 -10.57 -11.93
CA ASP D 313 -18.28 -12.01 -11.98
C ASP D 313 -17.30 -12.76 -11.08
N ARG D 314 -16.06 -12.28 -11.00
CA ARG D 314 -15.11 -12.86 -10.05
C ARG D 314 -15.52 -12.63 -8.61
N MET D 315 -15.92 -11.39 -8.28
CA MET D 315 -16.33 -11.06 -6.91
C MET D 315 -17.43 -11.97 -6.40
N GLN D 316 -18.47 -12.18 -7.19
CA GLN D 316 -19.58 -13.06 -6.81
C GLN D 316 -19.12 -14.49 -6.52
N LYS D 317 -18.32 -15.08 -7.40
CA LYS D 317 -17.83 -16.44 -7.16
C LYS D 317 -16.93 -16.53 -5.94
N GLU D 318 -16.11 -15.52 -5.68
CA GLU D 318 -15.29 -15.53 -4.48
C GLU D 318 -16.11 -15.44 -3.20
N ILE D 319 -16.98 -14.44 -3.10
CA ILE D 319 -17.72 -14.26 -1.85
C ILE D 319 -18.74 -15.37 -1.62
N THR D 320 -19.24 -16.01 -2.67
CA THR D 320 -20.10 -17.18 -2.50
C THR D 320 -19.41 -18.33 -1.77
N ALA D 321 -18.08 -18.40 -1.82
CA ALA D 321 -17.38 -19.42 -1.04
C ALA D 321 -17.33 -19.10 0.44
N LEU D 322 -17.34 -17.81 0.79
CA LEU D 322 -17.25 -17.41 2.19
C LEU D 322 -18.61 -17.37 2.88
N ALA D 323 -19.56 -16.65 2.29
CA ALA D 323 -20.87 -16.53 2.91
C ALA D 323 -21.62 -17.85 2.81
N PRO D 324 -22.38 -18.22 3.83
CA PRO D 324 -23.17 -19.45 3.75
C PRO D 324 -24.12 -19.44 2.57
N SER D 325 -24.45 -20.65 2.11
CA SER D 325 -25.51 -20.87 1.14
C SER D 325 -26.86 -20.49 1.71
N THR D 326 -27.87 -20.54 0.84
CA THR D 326 -29.23 -20.02 1.04
C THR D 326 -29.26 -18.50 1.17
N MET D 327 -28.13 -17.86 1.47
CA MET D 327 -28.05 -16.42 1.36
C MET D 327 -27.72 -16.05 -0.10
N LYS D 328 -28.61 -15.32 -0.74
CA LYS D 328 -28.36 -14.81 -2.08
C LYS D 328 -27.43 -13.60 -2.04
N ILE D 329 -26.60 -13.46 -3.09
CA ILE D 329 -25.62 -12.38 -3.16
C ILE D 329 -25.82 -11.66 -4.49
N LYS D 330 -25.79 -10.33 -4.44
CA LYS D 330 -26.13 -9.50 -5.60
C LYS D 330 -25.12 -8.36 -5.74
N ILE D 331 -24.02 -8.62 -6.46
CA ILE D 331 -23.00 -7.59 -6.65
C ILE D 331 -23.54 -6.56 -7.64
N ILE D 332 -23.78 -5.34 -7.15
CA ILE D 332 -24.34 -4.27 -7.96
C ILE D 332 -23.17 -3.42 -8.45
N ALA D 333 -22.72 -3.70 -9.67
CA ALA D 333 -21.58 -3.04 -10.31
C ALA D 333 -22.08 -2.31 -11.55
N PRO D 334 -22.69 -1.14 -11.39
CA PRO D 334 -23.34 -0.48 -12.51
C PRO D 334 -22.33 0.18 -13.44
N PRO D 335 -22.74 0.50 -14.66
CA PRO D 335 -21.93 1.33 -15.54
C PRO D 335 -21.80 2.77 -15.06
N GLU D 336 -20.79 3.46 -15.60
CA GLU D 336 -20.35 4.79 -15.20
C GLU D 336 -19.79 4.88 -13.79
N ARG D 337 -19.56 3.75 -13.12
CA ARG D 337 -19.02 3.74 -11.77
C ARG D 337 -17.64 4.39 -11.64
N LYS D 338 -17.07 4.86 -12.75
CA LYS D 338 -15.90 5.74 -12.70
C LYS D 338 -16.22 7.18 -12.26
N TYR D 339 -17.48 7.56 -12.12
CA TYR D 339 -17.80 8.92 -11.72
C TYR D 339 -18.71 9.03 -10.52
N SER D 340 -19.15 7.91 -9.94
CA SER D 340 -20.21 7.97 -8.95
C SER D 340 -19.85 8.90 -7.80
N VAL D 341 -18.61 8.85 -7.35
CA VAL D 341 -18.17 9.70 -6.26
C VAL D 341 -18.31 11.18 -6.61
N TRP D 342 -18.23 11.53 -7.88
CA TRP D 342 -18.52 12.91 -8.24
C TRP D 342 -20.01 13.17 -8.46
N ILE D 343 -20.72 12.26 -9.12
CA ILE D 343 -22.14 12.46 -9.39
C ILE D 343 -22.91 12.58 -8.08
N GLY D 344 -22.66 11.67 -7.14
CA GLY D 344 -23.24 11.80 -5.81
C GLY D 344 -22.90 13.11 -5.12
N GLY D 345 -21.73 13.66 -5.38
CA GLY D 345 -21.44 15.00 -4.89
C GLY D 345 -22.35 16.06 -5.48
N SER D 346 -22.63 15.99 -6.78
CA SER D 346 -23.54 16.96 -7.40
C SER D 346 -24.93 16.92 -6.78
N ILE D 347 -25.45 15.73 -6.49
CA ILE D 347 -26.79 15.61 -5.90
C ILE D 347 -26.82 16.16 -4.48
N LEU D 348 -25.91 15.71 -3.63
CA LEU D 348 -25.90 16.14 -2.24
C LEU D 348 -25.77 17.64 -2.10
N ALA D 349 -24.91 18.28 -2.89
CA ALA D 349 -24.78 19.72 -2.81
C ALA D 349 -26.02 20.47 -3.25
N SER D 350 -26.96 19.81 -3.93
CA SER D 350 -28.22 20.42 -4.31
C SER D 350 -29.36 20.09 -3.36
N LEU D 351 -29.16 19.18 -2.42
CA LEU D 351 -30.22 18.77 -1.51
C LEU D 351 -30.50 19.86 -0.49
N SER D 352 -31.78 20.23 -0.38
CA SER D 352 -32.19 21.46 0.31
C SER D 352 -31.76 21.51 1.77
N THR D 353 -31.72 20.37 2.45
CA THR D 353 -31.42 20.34 3.87
C THR D 353 -29.95 20.55 4.19
N PHE D 354 -29.05 20.34 3.23
CA PHE D 354 -27.62 20.42 3.50
C PHE D 354 -27.17 21.83 3.92
N GLN D 355 -27.96 22.86 3.59
CA GLN D 355 -27.65 24.24 3.96
C GLN D 355 -27.45 24.45 5.47
N GLN D 356 -27.86 23.50 6.30
CA GLN D 356 -27.55 23.58 7.73
C GLN D 356 -26.08 23.30 8.07
N MET D 357 -25.31 22.69 7.17
CA MET D 357 -23.99 22.17 7.52
C MET D 357 -22.82 23.03 7.07
N TRP D 358 -23.04 24.05 6.24
CA TRP D 358 -21.93 24.87 5.76
C TRP D 358 -21.20 25.55 6.91
N ILE D 359 -19.91 25.23 7.06
CA ILE D 359 -19.06 25.81 8.08
C ILE D 359 -18.82 27.27 7.70
N THR D 360 -19.35 28.20 8.51
CA THR D 360 -19.25 29.60 8.13
C THR D 360 -17.85 30.14 8.41
N LYS D 361 -17.50 31.18 7.67
CA LYS D 361 -16.28 31.94 7.96
C LYS D 361 -16.27 32.49 9.38
N GLN D 362 -17.41 32.98 9.86
CA GLN D 362 -17.44 33.56 11.20
C GLN D 362 -17.13 32.53 12.28
N GLU D 363 -17.61 31.30 12.10
CA GLU D 363 -17.41 30.23 13.07
C GLU D 363 -15.96 29.79 13.19
N TYR D 364 -15.22 29.77 12.09
CA TYR D 364 -13.79 29.48 12.13
C TYR D 364 -13.00 30.54 12.89
N ASP D 365 -13.28 31.82 12.70
CA ASP D 365 -12.53 32.84 13.42
C ASP D 365 -12.73 32.77 14.94
N GLU D 366 -13.85 32.26 15.42
CA GLU D 366 -14.00 32.10 16.87
C GLU D 366 -13.36 30.81 17.39
N ALA D 367 -13.58 29.69 16.72
CA ALA D 367 -13.11 28.41 17.26
C ALA D 367 -11.64 28.14 16.95
N GLY D 368 -11.10 28.71 15.89
CA GLY D 368 -9.85 28.25 15.33
C GLY D 368 -10.00 26.96 14.55
N PRO D 369 -8.94 26.57 13.85
CA PRO D 369 -9.03 25.47 12.87
C PRO D 369 -9.65 24.18 13.40
N SER D 370 -9.59 23.93 14.70
CA SER D 370 -10.06 22.65 15.23
C SER D 370 -11.56 22.45 15.02
N ILE D 371 -12.28 23.49 14.62
CA ILE D 371 -13.73 23.40 14.46
C ILE D 371 -14.13 22.23 13.56
N VAL D 372 -13.33 21.93 12.54
CA VAL D 372 -13.70 20.87 11.61
C VAL D 372 -13.57 19.47 12.20
N HIS D 373 -12.98 19.32 13.38
CA HIS D 373 -13.06 18.04 14.05
C HIS D 373 -14.41 17.79 14.68
N ARG D 374 -15.23 18.83 14.83
CA ARG D 374 -16.53 18.72 15.49
C ARG D 374 -17.64 18.26 14.57
N LYS D 375 -17.41 18.15 13.27
CA LYS D 375 -18.49 17.96 12.30
C LYS D 375 -18.14 16.86 11.30
N CYS D 376 -17.68 15.74 11.81
CA CYS D 376 -17.30 14.58 11.02
C CYS D 376 -17.33 13.36 11.93
N PHE D 377 -16.85 12.22 11.43
CA PHE D 377 -16.72 11.05 12.29
C PHE D 377 -15.54 11.24 13.25
N THR E 7 -70.37 3.66 22.53
CA THR E 7 -70.90 3.06 23.75
C THR E 7 -70.12 1.79 24.09
N THR E 8 -69.34 1.31 23.13
CA THR E 8 -68.52 0.13 23.34
C THR E 8 -67.26 0.51 24.12
N ALA E 9 -66.82 -0.43 24.95
CA ALA E 9 -65.60 -0.22 25.73
C ALA E 9 -64.35 -0.51 24.91
N LEU E 10 -63.28 0.19 25.24
CA LEU E 10 -61.92 -0.14 24.79
C LEU E 10 -61.30 -1.06 25.83
N VAL E 11 -61.20 -2.35 25.51
CA VAL E 11 -60.44 -3.26 26.35
C VAL E 11 -58.98 -3.11 25.98
N CYS E 12 -58.24 -2.36 26.78
CA CYS E 12 -56.80 -2.22 26.62
C CYS E 12 -56.13 -3.29 27.46
N ASP E 13 -54.81 -3.20 27.62
CA ASP E 13 -54.14 -4.13 28.51
C ASP E 13 -52.77 -3.58 28.90
N ASN E 14 -52.22 -4.16 29.96
CA ASN E 14 -50.83 -3.94 30.37
C ASN E 14 -50.16 -5.30 30.51
N GLY E 15 -50.09 -6.01 29.39
CA GLY E 15 -49.23 -7.18 29.34
C GLY E 15 -47.78 -6.79 29.50
N SER E 16 -47.02 -7.67 30.15
CA SER E 16 -45.60 -7.40 30.32
C SER E 16 -44.86 -7.62 29.02
N GLY E 17 -45.36 -8.51 28.17
CA GLY E 17 -44.71 -8.81 26.92
C GLY E 17 -45.45 -8.15 25.78
N LEU E 18 -46.64 -8.65 25.44
CA LEU E 18 -47.40 -8.14 24.31
C LEU E 18 -48.56 -7.29 24.79
N VAL E 19 -48.60 -6.03 24.38
CA VAL E 19 -49.81 -5.23 24.49
C VAL E 19 -50.91 -5.84 23.62
N LYS E 20 -52.13 -5.81 24.11
CA LYS E 20 -53.28 -6.37 23.41
C LYS E 20 -54.40 -5.36 23.45
N ALA E 21 -55.03 -5.10 22.31
CA ALA E 21 -56.09 -4.11 22.27
C ALA E 21 -57.11 -4.49 21.21
N GLY E 22 -58.35 -4.11 21.46
CA GLY E 22 -59.43 -4.30 20.50
C GLY E 22 -60.77 -4.05 21.14
N PHE E 23 -61.73 -3.53 20.38
CA PHE E 23 -63.02 -3.16 20.94
C PHE E 23 -63.72 -4.35 21.55
N ALA E 24 -64.55 -4.08 22.55
CA ALA E 24 -65.45 -5.07 23.09
C ALA E 24 -66.48 -5.50 22.04
N GLY E 25 -66.96 -6.73 22.17
CA GLY E 25 -67.88 -7.28 21.22
C GLY E 25 -67.24 -7.85 19.98
N ASP E 26 -65.96 -7.57 19.75
CA ASP E 26 -65.16 -8.37 18.84
C ASP E 26 -64.65 -9.61 19.54
N ASP E 27 -64.27 -10.61 18.75
CA ASP E 27 -63.85 -11.89 19.28
C ASP E 27 -62.36 -12.15 19.19
N ALA E 28 -61.59 -11.24 18.58
CA ALA E 28 -60.14 -11.38 18.57
C ALA E 28 -59.50 -10.01 18.60
N PRO E 29 -58.36 -9.88 19.28
CA PRO E 29 -57.70 -8.56 19.36
C PRO E 29 -57.27 -8.05 17.99
N ARG E 30 -57.48 -6.76 17.78
CA ARG E 30 -57.11 -6.16 16.49
C ARG E 30 -55.62 -5.89 16.36
N ALA E 31 -54.93 -5.65 17.47
CA ALA E 31 -53.49 -5.43 17.42
C ALA E 31 -52.78 -6.17 18.53
N VAL E 32 -51.62 -6.73 18.20
CA VAL E 32 -50.71 -7.32 19.17
C VAL E 32 -49.30 -6.95 18.73
N PHE E 33 -48.55 -6.30 19.61
CA PHE E 33 -47.19 -5.93 19.28
C PHE E 33 -46.36 -5.80 20.55
N PRO E 34 -45.06 -6.06 20.46
CA PRO E 34 -44.20 -5.94 21.66
C PRO E 34 -44.17 -4.54 22.24
N SER E 35 -44.08 -4.48 23.57
CA SER E 35 -44.09 -3.26 24.37
C SER E 35 -42.75 -2.54 24.39
N ILE E 36 -42.03 -2.42 23.28
CA ILE E 36 -40.65 -1.95 23.29
C ILE E 36 -40.60 -0.50 22.84
N VAL E 37 -39.83 0.31 23.58
CA VAL E 37 -39.34 1.61 23.12
C VAL E 37 -37.87 1.46 22.77
N GLY E 38 -37.49 1.99 21.60
CA GLY E 38 -36.10 1.97 21.18
C GLY E 38 -35.64 3.33 20.68
N ARG E 39 -34.34 3.59 20.89
CA ARG E 39 -33.74 4.86 20.52
C ARG E 39 -32.42 4.60 19.82
N PRO E 40 -32.06 5.42 18.83
CA PRO E 40 -30.87 5.14 18.04
C PRO E 40 -29.59 5.15 18.87
N ARG E 41 -28.69 4.24 18.55
CA ARG E 41 -27.39 4.15 19.21
C ARG E 41 -26.28 4.94 18.50
N HIS E 42 -26.47 5.33 17.24
CA HIS E 42 -25.42 6.01 16.49
C HIS E 42 -26.01 7.19 15.71
N GLN E 43 -25.12 8.10 15.34
CA GLN E 43 -25.51 9.31 14.62
C GLN E 43 -25.91 9.05 13.17
N GLY E 44 -26.98 9.72 12.75
CA GLY E 44 -27.40 9.72 11.35
C GLY E 44 -26.40 10.47 10.48
N VAL E 45 -26.06 9.88 9.33
CA VAL E 45 -24.96 10.41 8.52
C VAL E 45 -25.34 10.51 7.05
N MET E 46 -26.25 9.64 6.59
CA MET E 46 -26.97 9.91 5.35
C MET E 46 -28.08 10.92 5.62
N VAL E 47 -27.83 12.19 5.29
CA VAL E 47 -28.75 13.25 5.66
C VAL E 47 -30.10 13.06 4.98
N GLY E 48 -31.16 13.50 5.66
CA GLY E 48 -32.49 13.55 5.09
C GLY E 48 -33.24 12.25 5.02
N MET E 49 -33.04 11.34 5.98
CA MET E 49 -33.81 10.10 6.01
C MET E 49 -35.28 10.33 6.33
N GLY E 50 -35.64 11.48 6.89
CA GLY E 50 -36.88 11.55 7.63
C GLY E 50 -36.85 10.73 8.91
N GLN E 51 -35.76 10.80 9.65
CA GLN E 51 -35.57 9.98 10.84
C GLN E 51 -36.48 10.44 11.97
N LYS E 52 -36.54 9.62 13.02
CA LYS E 52 -37.33 9.90 14.20
C LYS E 52 -36.46 9.71 15.45
N ASP E 53 -36.82 10.42 16.52
CA ASP E 53 -36.12 10.24 17.78
C ASP E 53 -36.36 8.86 18.40
N SER E 54 -37.52 8.25 18.19
CA SER E 54 -37.78 6.98 18.85
C SER E 54 -38.70 6.10 18.03
N TYR E 55 -38.55 4.79 18.21
CA TYR E 55 -39.30 3.79 17.44
C TYR E 55 -40.00 2.86 18.43
N VAL E 56 -41.22 2.46 18.08
CA VAL E 56 -42.05 1.68 18.98
C VAL E 56 -42.82 0.62 18.19
N GLY E 57 -43.03 -0.54 18.79
CA GLY E 57 -43.74 -1.62 18.13
C GLY E 57 -42.98 -2.29 17.00
N ASP E 58 -43.67 -2.50 15.88
CA ASP E 58 -43.07 -3.17 14.72
C ASP E 58 -41.82 -2.47 14.20
N GLU E 59 -41.77 -1.14 14.30
CA GLU E 59 -40.58 -0.41 13.87
C GLU E 59 -39.31 -0.95 14.51
N ALA E 60 -39.38 -1.20 15.81
CA ALA E 60 -38.23 -1.63 16.59
C ALA E 60 -37.89 -3.09 16.43
N GLN E 61 -38.83 -3.94 16.03
CA GLN E 61 -38.45 -5.28 15.62
C GLN E 61 -37.79 -5.34 14.24
N SER E 62 -37.87 -4.29 13.43
CA SER E 62 -37.21 -4.27 12.13
C SER E 62 -35.85 -3.57 12.13
N LYS E 63 -35.77 -2.39 12.75
CA LYS E 63 -34.52 -1.65 12.90
C LYS E 63 -33.59 -2.29 13.93
N ARG E 64 -33.81 -3.56 14.23
CA ARG E 64 -33.31 -4.23 15.41
C ARG E 64 -31.80 -4.28 15.51
N GLY E 65 -31.06 -3.85 14.49
CA GLY E 65 -29.62 -3.78 14.58
C GLY E 65 -28.98 -2.49 15.05
N ILE E 66 -29.75 -1.42 15.24
CA ILE E 66 -29.17 -0.11 15.49
C ILE E 66 -29.83 0.56 16.69
N LEU E 67 -30.67 -0.17 17.41
CA LEU E 67 -31.47 0.42 18.47
C LEU E 67 -31.05 -0.13 19.83
N THR E 68 -31.04 0.74 20.82
CA THR E 68 -31.19 0.37 22.22
C THR E 68 -32.66 0.12 22.53
N LEU E 69 -32.96 -1.08 23.04
CA LEU E 69 -34.32 -1.48 23.36
C LEU E 69 -34.51 -1.51 24.86
N LYS E 70 -35.65 -1.02 25.32
CA LYS E 70 -36.04 -1.07 26.71
C LYS E 70 -37.44 -1.63 26.83
N TYR E 71 -37.66 -2.41 27.87
CA TYR E 71 -39.01 -2.72 28.27
C TYR E 71 -39.39 -1.86 29.47
N PRO E 72 -40.48 -1.11 29.40
CA PRO E 72 -40.86 -0.24 30.52
C PRO E 72 -41.59 -0.97 31.64
N ILE E 73 -41.76 -2.28 31.54
CA ILE E 73 -42.52 -3.06 32.51
C ILE E 73 -41.60 -4.12 33.09
N GLU E 74 -41.48 -4.14 34.41
CA GLU E 74 -40.72 -5.18 35.08
C GLU E 74 -41.50 -5.77 36.24
N HIC E 75 -41.85 -7.04 36.13
CA HIC E 75 -42.55 -7.75 37.17
C HIC E 75 -43.90 -7.11 37.45
O HIC E 75 -44.42 -7.04 38.55
CB HIC E 75 -41.81 -7.82 38.52
CG HIC E 75 -40.45 -8.33 38.36
ND1 HIC E 75 -39.34 -7.94 39.13
CD2 HIC E 75 -40.05 -9.30 37.41
CE1 HIC E 75 -38.30 -8.65 38.65
NE2 HIC E 75 -38.69 -9.49 37.61
CZ HIC E 75 -37.85 -10.38 36.87
N GLY E 76 -44.48 -6.60 36.36
CA GLY E 76 -45.71 -5.85 36.44
C GLY E 76 -45.67 -4.47 37.07
N ILE E 77 -44.49 -3.99 37.44
CA ILE E 77 -44.34 -2.66 38.03
C ILE E 77 -43.73 -1.75 36.99
N ILE E 78 -44.46 -0.70 36.62
CA ILE E 78 -43.98 0.25 35.62
C ILE E 78 -42.87 1.12 36.22
N THR E 79 -41.69 1.06 35.62
CA THR E 79 -40.50 1.71 36.18
C THR E 79 -40.23 3.08 35.58
N ASN E 80 -40.83 3.42 34.44
CA ASN E 80 -40.55 4.69 33.78
C ASN E 80 -41.82 5.16 33.10
N TRP E 81 -42.42 6.23 33.61
CA TRP E 81 -43.70 6.70 33.12
C TRP E 81 -43.62 7.45 31.80
N ASP E 82 -42.47 7.97 31.43
CA ASP E 82 -42.36 8.69 30.17
C ASP E 82 -42.20 7.74 29.00
N ASP E 83 -41.55 6.60 29.21
CA ASP E 83 -41.60 5.52 28.23
C ASP E 83 -43.01 4.96 28.13
N MET E 84 -43.62 4.65 29.27
CA MET E 84 -44.92 4.00 29.29
C MET E 84 -46.01 4.87 28.67
N GLU E 85 -45.91 6.18 28.85
CA GLU E 85 -46.88 7.08 28.23
C GLU E 85 -46.78 7.12 26.71
N LYS E 86 -45.59 6.96 26.14
CA LYS E 86 -45.50 6.90 24.68
C LYS E 86 -46.17 5.66 24.09
N ILE E 87 -46.02 4.50 24.72
CA ILE E 87 -46.63 3.28 24.19
C ILE E 87 -48.14 3.44 24.02
N TRP E 88 -48.81 3.99 25.03
CA TRP E 88 -50.25 4.22 24.87
C TRP E 88 -50.54 5.27 23.81
N HIS E 89 -49.74 6.33 23.77
CA HIS E 89 -49.94 7.38 22.76
C HIS E 89 -49.86 6.81 21.35
N HIS E 90 -49.07 5.76 21.16
CA HIS E 90 -49.09 5.02 19.91
C HIS E 90 -50.34 4.16 19.78
N THR E 91 -50.70 3.46 20.86
CA THR E 91 -51.79 2.48 20.80
C THR E 91 -53.10 3.08 20.31
N PHE E 92 -53.51 4.21 20.88
CA PHE E 92 -54.78 4.81 20.47
C PHE E 92 -54.70 5.47 19.09
N TYR E 93 -53.72 6.33 18.86
CA TYR E 93 -53.75 7.20 17.69
C TYR E 93 -53.31 6.52 16.40
N ASN E 94 -52.56 5.44 16.46
CA ASN E 94 -52.00 4.86 15.23
C ASN E 94 -52.45 3.44 14.97
N GLU E 95 -52.58 2.61 16.00
CA GLU E 95 -52.94 1.22 15.79
C GLU E 95 -54.46 1.01 15.77
N LEU E 96 -55.18 1.46 16.79
CA LEU E 96 -56.63 1.48 16.68
C LEU E 96 -57.14 2.67 15.87
N ARG E 97 -56.38 3.75 15.80
CA ARG E 97 -56.82 4.97 15.13
C ARG E 97 -58.20 5.40 15.62
N VAL E 98 -58.33 5.51 16.94
CA VAL E 98 -59.58 5.95 17.56
C VAL E 98 -59.26 6.93 18.67
N ALA E 99 -60.02 8.01 18.72
CA ALA E 99 -59.82 9.02 19.76
C ALA E 99 -60.37 8.52 21.09
N PRO E 100 -59.58 8.56 22.16
CA PRO E 100 -60.00 7.90 23.40
C PRO E 100 -61.00 8.69 24.21
N GLU E 101 -61.11 9.99 23.99
CA GLU E 101 -62.00 10.81 24.80
C GLU E 101 -63.49 10.53 24.55
N GLU E 102 -63.84 9.63 23.64
CA GLU E 102 -65.21 9.16 23.55
C GLU E 102 -65.48 7.96 24.44
N HIS E 103 -64.49 7.13 24.71
CA HIS E 103 -64.74 5.75 25.05
C HIS E 103 -64.25 5.43 26.46
N PRO E 104 -65.05 4.71 27.24
CA PRO E 104 -64.55 4.14 28.50
C PRO E 104 -63.43 3.15 28.25
N THR E 105 -62.39 3.24 29.08
CA THR E 105 -61.16 2.48 28.90
C THR E 105 -60.98 1.57 30.10
N LEU E 106 -60.85 0.28 29.83
CA LEU E 106 -60.68 -0.74 30.85
C LEU E 106 -59.23 -1.22 30.84
N LEU E 107 -58.55 -1.05 31.95
CA LEU E 107 -57.17 -1.52 32.10
C LEU E 107 -57.15 -2.76 32.97
N THR E 108 -55.96 -3.35 33.09
CA THR E 108 -55.75 -4.48 33.98
C THR E 108 -54.42 -4.31 34.71
N GLU E 109 -54.29 -5.01 35.83
CA GLU E 109 -52.98 -5.17 36.44
C GLU E 109 -52.98 -6.44 37.28
N ALA E 110 -51.78 -6.92 37.59
CA ALA E 110 -51.63 -7.99 38.56
C ALA E 110 -52.08 -7.54 39.95
N PRO E 111 -52.59 -8.45 40.76
CA PRO E 111 -52.83 -8.15 42.17
C PRO E 111 -51.54 -8.06 42.97
N LEU E 112 -51.64 -7.45 44.16
CA LEU E 112 -50.50 -7.21 45.02
C LEU E 112 -49.44 -6.35 44.32
N ASN E 113 -49.85 -5.12 44.01
CA ASN E 113 -48.95 -4.15 43.42
C ASN E 113 -48.83 -2.91 44.31
N PRO E 114 -47.72 -2.20 44.23
CA PRO E 114 -47.59 -0.95 45.00
C PRO E 114 -48.66 0.04 44.58
N LYS E 115 -49.41 0.52 45.57
CA LYS E 115 -50.61 1.29 45.28
C LYS E 115 -50.34 2.53 44.44
N ALA E 116 -49.15 3.12 44.57
CA ALA E 116 -48.84 4.30 43.77
C ALA E 116 -49.03 4.09 42.26
N ASN E 117 -48.83 2.87 41.77
CA ASN E 117 -49.04 2.64 40.34
C ASN E 117 -50.50 2.83 39.94
N ARG E 118 -51.42 2.44 40.80
CA ARG E 118 -52.83 2.57 40.47
C ARG E 118 -53.29 4.02 40.41
N GLU E 119 -52.70 4.89 41.22
CA GLU E 119 -52.96 6.33 41.06
C GLU E 119 -52.35 6.88 39.77
N LYS E 120 -51.09 6.56 39.47
CA LYS E 120 -50.47 7.14 38.28
C LYS E 120 -51.27 6.84 37.02
N MET E 121 -51.66 5.58 36.83
CA MET E 121 -52.43 5.22 35.66
C MET E 121 -53.74 6.00 35.62
N THR E 122 -54.38 6.17 36.77
CA THR E 122 -55.64 6.91 36.84
C THR E 122 -55.47 8.37 36.47
N GLN E 123 -54.47 9.04 37.03
CA GLN E 123 -54.25 10.46 36.71
C GLN E 123 -53.84 10.68 35.27
N ILE E 124 -53.04 9.79 34.69
CA ILE E 124 -52.68 9.91 33.28
C ILE E 124 -53.91 9.78 32.39
N MET E 125 -54.78 8.83 32.70
CA MET E 125 -56.00 8.66 31.92
C MET E 125 -56.94 9.85 32.04
N PHE E 126 -57.11 10.39 33.25
CA PHE E 126 -58.00 11.54 33.43
C PHE E 126 -57.46 12.88 32.94
N GLU E 127 -56.15 13.06 32.78
CA GLU E 127 -55.65 14.40 32.51
C GLU E 127 -54.73 14.55 31.31
N THR E 128 -54.06 13.49 30.85
CA THR E 128 -53.51 13.55 29.49
C THR E 128 -54.56 13.20 28.45
N PHE E 129 -55.10 11.99 28.51
CA PHE E 129 -56.00 11.50 27.48
C PHE E 129 -57.43 11.98 27.67
N ASN E 130 -57.80 12.39 28.89
CA ASN E 130 -59.15 12.88 29.21
C ASN E 130 -60.22 11.84 28.90
N VAL E 131 -59.99 10.61 29.33
CA VAL E 131 -60.97 9.53 29.18
C VAL E 131 -62.26 9.92 29.87
N PRO E 132 -63.42 9.43 29.42
CA PRO E 132 -64.64 9.68 30.18
C PRO E 132 -64.74 8.86 31.46
N ALA E 133 -64.17 7.66 31.50
CA ALA E 133 -64.27 6.81 32.68
C ALA E 133 -63.19 5.75 32.62
N MET E 134 -62.97 5.07 33.73
CA MET E 134 -61.89 4.11 33.83
C MET E 134 -62.29 3.02 34.80
N TYR E 135 -61.62 1.88 34.68
CA TYR E 135 -61.73 0.81 35.66
C TYR E 135 -60.39 0.08 35.72
N VAL E 136 -60.18 -0.70 36.77
CA VAL E 136 -58.93 -1.45 36.88
C VAL E 136 -59.22 -2.85 37.40
N ALA E 137 -59.44 -3.78 36.49
CA ALA E 137 -59.76 -5.16 36.80
C ALA E 137 -58.49 -5.94 37.16
N ILE E 138 -58.70 -7.10 37.78
CA ILE E 138 -57.62 -7.97 38.24
C ILE E 138 -57.54 -9.17 37.29
N GLN E 139 -56.38 -9.35 36.66
CA GLN E 139 -56.28 -10.14 35.44
C GLN E 139 -56.83 -11.54 35.60
N ALA E 140 -56.49 -12.23 36.70
CA ALA E 140 -56.89 -13.62 36.84
C ALA E 140 -58.41 -13.79 36.92
N VAL E 141 -59.11 -12.79 37.46
CA VAL E 141 -60.56 -12.85 37.53
C VAL E 141 -61.17 -12.81 36.14
N LEU E 142 -60.60 -12.02 35.24
CA LEU E 142 -61.11 -11.97 33.87
C LEU E 142 -60.87 -13.27 33.13
N SER E 143 -59.79 -13.98 33.45
CA SER E 143 -59.48 -15.21 32.75
C SER E 143 -60.59 -16.24 32.91
N LEU E 144 -61.28 -16.20 34.05
CA LEU E 144 -62.28 -17.22 34.37
C LEU E 144 -63.53 -17.12 33.51
N TYR E 145 -63.91 -15.92 33.07
CA TYR E 145 -65.07 -15.80 32.19
C TYR E 145 -64.86 -16.47 30.84
N ALA E 146 -63.63 -16.70 30.41
CA ALA E 146 -63.43 -17.35 29.13
C ALA E 146 -64.01 -18.76 29.11
N SER E 147 -63.97 -19.45 30.24
CA SER E 147 -64.58 -20.76 30.34
C SER E 147 -66.06 -20.71 30.72
N GLY E 148 -66.58 -19.54 31.08
CA GLY E 148 -67.96 -19.46 31.52
C GLY E 148 -68.23 -20.17 32.83
N ARG E 149 -67.20 -20.44 33.61
CA ARG E 149 -67.32 -21.06 34.92
C ARG E 149 -67.56 -20.00 35.98
N THR E 150 -67.97 -20.45 37.17
CA THR E 150 -68.04 -19.56 38.32
C THR E 150 -67.32 -20.14 39.53
N THR E 151 -66.55 -21.20 39.35
CA THR E 151 -65.78 -21.77 40.44
C THR E 151 -64.56 -22.45 39.85
N GLY E 152 -63.40 -22.20 40.44
CA GLY E 152 -62.17 -22.77 39.95
C GLY E 152 -60.96 -22.10 40.55
N ILE E 153 -59.82 -22.76 40.51
CA ILE E 153 -58.54 -22.13 40.80
C ILE E 153 -57.89 -21.75 39.49
N VAL E 154 -57.47 -20.50 39.38
CA VAL E 154 -56.81 -20.01 38.18
C VAL E 154 -55.31 -19.97 38.41
N LEU E 155 -54.57 -20.58 37.51
CA LEU E 155 -53.12 -20.44 37.43
C LEU E 155 -52.79 -19.65 36.18
N ASP E 156 -52.28 -18.44 36.37
CA ASP E 156 -52.01 -17.53 35.27
C ASP E 156 -50.56 -17.10 35.33
N SER E 157 -49.87 -17.18 34.19
CA SER E 157 -48.42 -17.06 34.15
C SER E 157 -48.05 -16.36 32.86
N GLY E 158 -47.93 -15.04 32.93
CA GLY E 158 -47.64 -14.23 31.77
C GLY E 158 -46.16 -14.06 31.51
N ASP E 159 -45.84 -13.03 30.72
CA ASP E 159 -44.46 -12.70 30.45
C ASP E 159 -43.69 -12.40 31.73
N GLY E 160 -44.33 -11.78 32.71
CA GLY E 160 -43.58 -11.23 33.82
C GLY E 160 -43.96 -11.56 35.25
N VAL E 161 -45.06 -12.28 35.48
CA VAL E 161 -45.40 -12.72 36.84
C VAL E 161 -46.29 -13.94 36.76
N THR E 162 -46.30 -14.74 37.83
CA THR E 162 -47.23 -15.85 38.00
C THR E 162 -48.01 -15.65 39.29
N HIS E 163 -49.30 -15.93 39.25
CA HIS E 163 -50.12 -15.80 40.45
C HIS E 163 -51.22 -16.85 40.45
N ASN E 164 -51.77 -17.11 41.63
CA ASN E 164 -52.92 -17.97 41.83
C ASN E 164 -54.03 -17.22 42.53
N VAL E 165 -55.26 -17.44 42.09
CA VAL E 165 -56.44 -16.89 42.77
C VAL E 165 -57.51 -17.96 42.80
N PRO E 166 -57.86 -18.50 43.96
CA PRO E 166 -59.05 -19.37 44.04
C PRO E 166 -60.31 -18.53 44.15
N ILE E 167 -61.30 -18.86 43.32
CA ILE E 167 -62.61 -18.26 43.38
C ILE E 167 -63.65 -19.33 43.64
N TYR E 168 -64.51 -19.11 44.64
CA TYR E 168 -65.61 -20.00 44.96
C TYR E 168 -66.91 -19.22 44.96
N GLU E 169 -67.90 -19.70 44.21
CA GLU E 169 -69.23 -19.09 44.12
C GLU E 169 -69.16 -17.60 43.84
N GLY E 170 -68.19 -17.20 43.03
CA GLY E 170 -68.03 -15.78 42.78
C GLY E 170 -67.47 -14.99 43.93
N TYR E 171 -67.03 -15.63 45.00
CA TYR E 171 -66.27 -14.95 46.04
C TYR E 171 -64.79 -15.28 45.86
N ALA E 172 -63.97 -14.24 45.78
CA ALA E 172 -62.53 -14.39 45.93
C ALA E 172 -62.15 -14.54 47.40
N LEU E 173 -61.01 -15.21 47.63
CA LEU E 173 -60.50 -15.45 48.97
C LEU E 173 -59.17 -14.73 49.11
N PRO E 174 -59.19 -13.45 49.46
CA PRO E 174 -57.98 -12.62 49.37
C PRO E 174 -56.88 -13.01 50.34
N HIS E 175 -57.12 -13.90 51.29
CA HIS E 175 -56.06 -14.42 52.14
C HIS E 175 -55.25 -15.53 51.49
N ALA E 176 -55.68 -16.05 50.34
CA ALA E 176 -55.09 -17.25 49.76
C ALA E 176 -54.23 -16.96 48.53
N ILE E 177 -54.20 -15.72 48.04
CA ILE E 177 -53.50 -15.39 46.81
C ILE E 177 -51.99 -15.59 46.96
N MET E 178 -51.38 -16.20 45.95
CA MET E 178 -49.93 -16.38 45.85
C MET E 178 -49.41 -15.54 44.69
N ARG E 179 -48.37 -14.76 44.94
CA ARG E 179 -47.59 -14.11 43.89
C ARG E 179 -46.22 -14.77 43.77
N LEU E 180 -45.89 -15.22 42.57
CA LEU E 180 -44.65 -15.94 42.28
C LEU E 180 -43.96 -15.29 41.10
N ASP E 181 -42.81 -14.66 41.34
CA ASP E 181 -42.11 -13.86 40.32
C ASP E 181 -41.20 -14.69 39.43
N LEU E 182 -41.76 -15.72 38.81
CA LEU E 182 -41.03 -16.59 37.89
C LEU E 182 -41.83 -16.71 36.60
N ALA E 183 -41.19 -16.41 35.47
CA ALA E 183 -41.95 -16.12 34.26
C ALA E 183 -41.06 -16.29 33.04
N GLY E 184 -41.70 -16.17 31.87
CA GLY E 184 -41.00 -16.36 30.61
C GLY E 184 -39.74 -15.55 30.44
N ARG E 185 -39.72 -14.32 30.96
CA ARG E 185 -38.50 -13.51 30.88
C ARG E 185 -37.33 -14.17 31.59
N ASP E 186 -37.59 -14.89 32.68
CA ASP E 186 -36.52 -15.62 33.35
C ASP E 186 -36.09 -16.84 32.56
N LEU E 187 -37.03 -17.58 31.99
CA LEU E 187 -36.67 -18.73 31.16
C LEU E 187 -35.84 -18.34 29.95
N THR E 188 -36.12 -17.19 29.35
CA THR E 188 -35.30 -16.75 28.22
C THR E 188 -33.88 -16.41 28.66
N ASP E 189 -33.74 -15.68 29.76
CA ASP E 189 -32.41 -15.34 30.26
C ASP E 189 -31.63 -16.57 30.72
N TYR E 190 -32.33 -17.65 31.10
CA TYR E 190 -31.66 -18.90 31.37
C TYR E 190 -31.28 -19.67 30.11
N LEU E 191 -32.09 -19.59 29.07
CA LEU E 191 -31.77 -20.26 27.81
C LEU E 191 -30.48 -19.74 27.19
N MET E 192 -30.19 -18.44 27.35
CA MET E 192 -28.90 -17.90 26.90
C MET E 192 -27.69 -18.56 27.54
N LYS E 193 -27.81 -19.07 28.76
CA LYS E 193 -26.64 -19.68 29.39
C LYS E 193 -26.40 -21.13 28.95
N ILE E 194 -27.45 -21.90 28.70
CA ILE E 194 -27.21 -23.28 28.28
C ILE E 194 -26.89 -23.38 26.78
N LEU E 195 -27.35 -22.45 25.96
CA LEU E 195 -26.86 -22.39 24.58
C LEU E 195 -25.38 -22.07 24.51
N THR E 196 -24.85 -21.28 25.44
CA THR E 196 -23.43 -20.96 25.42
C THR E 196 -22.54 -22.19 25.64
N GLU E 197 -23.08 -23.27 26.20
CA GLU E 197 -22.34 -24.53 26.25
C GLU E 197 -21.91 -25.01 24.87
N ARG E 198 -22.69 -24.73 23.84
CA ARG E 198 -22.35 -25.15 22.49
C ARG E 198 -21.60 -24.08 21.70
N GLY E 199 -21.17 -23.01 22.36
CA GLY E 199 -20.37 -21.98 21.72
C GLY E 199 -21.12 -20.91 20.97
N TYR E 200 -22.40 -21.10 20.66
CA TYR E 200 -23.19 -19.98 20.16
C TYR E 200 -23.21 -18.89 21.23
N SER E 201 -23.03 -17.64 20.79
CA SER E 201 -22.91 -16.51 21.69
C SER E 201 -23.95 -15.45 21.35
N PHE E 202 -24.73 -15.06 22.36
CA PHE E 202 -25.65 -13.95 22.27
C PHE E 202 -25.43 -13.07 23.49
N VAL E 203 -25.57 -11.76 23.31
CA VAL E 203 -25.18 -10.81 24.35
C VAL E 203 -26.19 -9.68 24.45
N THR E 204 -26.60 -9.15 23.31
CA THR E 204 -27.26 -7.86 23.25
C THR E 204 -28.78 -8.02 23.26
N THR E 205 -29.45 -6.89 23.52
CA THR E 205 -30.90 -6.87 23.51
C THR E 205 -31.45 -7.19 22.14
N ALA E 206 -30.68 -6.90 21.10
CA ALA E 206 -31.06 -7.34 19.76
C ALA E 206 -31.02 -8.85 19.61
N GLU E 207 -30.23 -9.55 20.43
CA GLU E 207 -30.14 -11.00 20.32
C GLU E 207 -31.05 -11.75 21.28
N ARG E 208 -31.44 -11.14 22.40
CA ARG E 208 -32.46 -11.72 23.25
C ARG E 208 -33.75 -11.98 22.48
N GLU E 209 -34.15 -11.03 21.63
CA GLU E 209 -35.29 -11.16 20.73
C GLU E 209 -35.10 -12.19 19.63
N ILE E 210 -33.92 -12.80 19.51
CA ILE E 210 -33.73 -13.93 18.61
C ILE E 210 -33.79 -15.25 19.34
N VAL E 211 -33.23 -15.33 20.54
CA VAL E 211 -33.35 -16.55 21.35
C VAL E 211 -34.80 -16.84 21.65
N ARG E 212 -35.59 -15.81 21.96
CA ARG E 212 -37.02 -16.02 22.23
C ARG E 212 -37.74 -16.69 21.07
N ASP E 213 -37.26 -16.53 19.84
CA ASP E 213 -37.90 -17.23 18.73
C ASP E 213 -37.59 -18.72 18.74
N ILE E 214 -36.51 -19.15 19.40
CA ILE E 214 -36.25 -20.58 19.54
C ILE E 214 -37.25 -21.21 20.50
N LYS E 215 -37.43 -20.58 21.66
CA LYS E 215 -38.22 -21.18 22.74
C LYS E 215 -39.67 -21.38 22.31
N GLU E 216 -40.19 -20.52 21.46
CA GLU E 216 -41.54 -20.70 20.93
C GLU E 216 -41.63 -21.82 19.89
N LYS E 217 -40.54 -22.47 19.52
CA LYS E 217 -40.68 -23.38 18.40
C LYS E 217 -40.16 -24.79 18.67
N LEU E 218 -39.09 -24.94 19.43
CA LEU E 218 -38.44 -26.24 19.58
C LEU E 218 -38.54 -26.86 20.96
N CYS E 219 -39.01 -26.13 21.97
CA CYS E 219 -39.03 -26.63 23.33
C CYS E 219 -40.32 -27.39 23.63
N TYR E 220 -40.22 -28.44 24.43
CA TYR E 220 -41.37 -29.20 24.89
C TYR E 220 -41.05 -29.79 26.25
N VAL E 221 -42.10 -30.17 26.97
CA VAL E 221 -42.00 -30.66 28.34
C VAL E 221 -41.99 -32.18 28.37
N ALA E 222 -40.96 -32.74 28.99
CA ALA E 222 -40.85 -34.17 29.21
C ALA E 222 -41.77 -34.61 30.35
N LEU E 223 -42.36 -35.80 30.18
CA LEU E 223 -43.16 -36.41 31.25
C LEU E 223 -42.31 -37.10 32.31
N ASP E 224 -41.12 -37.59 31.94
CA ASP E 224 -40.26 -38.30 32.88
C ASP E 224 -38.83 -37.85 32.60
N PHE E 225 -38.51 -36.65 33.09
CA PHE E 225 -37.27 -35.96 32.76
C PHE E 225 -36.03 -36.82 32.96
N GLU E 226 -36.02 -37.67 33.99
CA GLU E 226 -34.85 -38.51 34.22
C GLU E 226 -34.65 -39.56 33.14
N ASN E 227 -35.72 -40.22 32.71
CA ASN E 227 -35.61 -41.16 31.59
C ASN E 227 -35.32 -40.45 30.28
N GLU E 228 -35.95 -39.29 30.06
CA GLU E 228 -35.69 -38.52 28.87
C GLU E 228 -34.23 -38.11 28.75
N MET E 229 -33.67 -37.52 29.80
CA MET E 229 -32.28 -37.09 29.76
C MET E 229 -31.31 -38.26 29.67
N ALA E 230 -31.63 -39.40 30.28
CA ALA E 230 -30.80 -40.59 30.11
C ALA E 230 -30.86 -41.11 28.67
N THR E 231 -32.01 -41.00 28.02
CA THR E 231 -32.12 -41.44 26.63
C THR E 231 -31.42 -40.47 25.69
N ALA E 232 -31.51 -39.17 25.95
CA ALA E 232 -30.93 -38.15 25.08
C ALA E 232 -29.42 -38.30 24.90
N ALA E 233 -28.74 -39.03 25.78
CA ALA E 233 -27.33 -39.34 25.54
C ALA E 233 -27.11 -40.22 24.32
N SER E 234 -28.13 -40.92 23.82
CA SER E 234 -27.91 -41.85 22.72
C SER E 234 -28.91 -41.67 21.58
N SER E 235 -30.14 -41.27 21.90
CA SER E 235 -31.19 -41.14 20.89
C SER E 235 -31.03 -39.84 20.10
N SER E 236 -30.13 -39.90 19.10
CA SER E 236 -29.83 -38.76 18.25
C SER E 236 -31.07 -38.21 17.54
N SER E 237 -32.12 -39.01 17.38
CA SER E 237 -33.39 -38.56 16.80
C SER E 237 -34.06 -37.46 17.62
N LEU E 238 -33.56 -37.17 18.81
CA LEU E 238 -34.02 -36.01 19.56
C LEU E 238 -33.59 -34.70 18.90
N GLU E 239 -32.39 -34.66 18.33
CA GLU E 239 -31.77 -33.39 17.96
C GLU E 239 -32.42 -32.75 16.74
N LYS E 240 -32.52 -31.43 16.76
CA LYS E 240 -33.23 -30.61 15.79
C LYS E 240 -32.35 -29.45 15.35
N SER E 241 -32.65 -28.92 14.17
CA SER E 241 -31.84 -27.86 13.56
C SER E 241 -32.73 -26.70 13.14
N TYR E 242 -32.18 -25.48 13.24
CA TYR E 242 -32.92 -24.25 13.04
C TYR E 242 -31.97 -23.22 12.44
N GLU E 243 -32.53 -22.26 11.71
CA GLU E 243 -31.72 -21.23 11.05
C GLU E 243 -31.91 -19.88 11.73
N LEU E 244 -30.78 -19.22 12.00
CA LEU E 244 -30.72 -17.81 12.39
C LEU E 244 -31.20 -16.91 11.25
N PRO E 245 -31.18 -15.58 11.41
CA PRO E 245 -31.47 -14.71 10.26
C PRO E 245 -30.51 -14.85 9.09
N ASP E 246 -29.20 -14.72 9.35
CA ASP E 246 -28.21 -15.26 8.43
C ASP E 246 -28.25 -16.78 8.40
N GLY E 247 -27.61 -17.37 7.40
CA GLY E 247 -27.79 -18.77 7.14
C GLY E 247 -27.12 -19.70 8.15
N GLN E 248 -26.64 -19.13 9.26
CA GLN E 248 -25.98 -19.93 10.28
C GLN E 248 -26.97 -20.96 10.83
N VAL E 249 -26.66 -22.23 10.64
CA VAL E 249 -27.46 -23.30 11.22
C VAL E 249 -27.09 -23.52 12.68
N ILE E 250 -28.08 -23.91 13.47
CA ILE E 250 -27.93 -24.20 14.89
C ILE E 250 -28.42 -25.63 15.10
N THR E 251 -27.73 -26.37 15.96
CA THR E 251 -28.17 -27.71 16.36
C THR E 251 -28.43 -27.77 17.84
N ILE E 252 -29.56 -28.36 18.22
CA ILE E 252 -30.10 -28.32 19.57
C ILE E 252 -30.43 -29.74 20.00
N GLY E 253 -30.12 -30.08 21.25
CA GLY E 253 -30.34 -31.45 21.69
C GLY E 253 -31.14 -31.57 22.97
N ASN E 254 -30.54 -32.07 24.05
CA ASN E 254 -31.23 -32.09 25.34
C ASN E 254 -31.59 -30.69 25.82
N GLU E 255 -30.98 -29.65 25.24
CA GLU E 255 -31.40 -28.27 25.47
C GLU E 255 -32.82 -27.99 25.03
N ARG E 256 -33.44 -28.86 24.25
CA ARG E 256 -34.84 -28.68 23.91
C ARG E 256 -35.74 -28.69 25.14
N PHE E 257 -35.44 -29.51 26.13
CA PHE E 257 -36.37 -29.68 27.24
C PHE E 257 -35.84 -29.26 28.60
N ARG E 258 -34.53 -29.14 28.78
CA ARG E 258 -34.01 -28.56 30.03
C ARG E 258 -34.48 -27.13 30.26
N CYS E 259 -34.93 -26.42 29.24
CA CYS E 259 -35.52 -25.10 29.48
C CYS E 259 -36.85 -25.18 30.23
N PRO E 260 -37.95 -25.69 29.66
CA PRO E 260 -39.23 -25.64 30.39
C PRO E 260 -39.28 -26.50 31.64
N GLU E 261 -38.31 -27.37 31.84
CA GLU E 261 -38.15 -28.06 33.12
C GLU E 261 -37.93 -27.10 34.28
N THR E 262 -37.48 -25.88 34.01
CA THR E 262 -37.28 -24.88 35.06
C THR E 262 -38.55 -24.56 35.84
N LEU E 263 -39.70 -24.52 35.17
CA LEU E 263 -40.94 -24.20 35.88
C LEU E 263 -41.29 -25.20 36.96
N PHE E 264 -40.86 -26.45 36.82
CA PHE E 264 -41.10 -27.45 37.84
C PHE E 264 -39.96 -27.61 38.84
N GLN E 265 -38.78 -27.07 38.59
CA GLN E 265 -37.66 -27.13 39.52
C GLN E 265 -36.85 -25.85 39.49
N PRO E 266 -37.41 -24.77 40.06
CA PRO E 266 -36.76 -23.46 39.97
C PRO E 266 -35.37 -23.40 40.59
N SER E 267 -35.01 -24.34 41.45
CA SER E 267 -33.62 -24.40 41.93
C SER E 267 -32.59 -24.54 40.81
N PHE E 268 -32.99 -24.97 39.61
CA PHE E 268 -32.07 -24.94 38.48
C PHE E 268 -31.61 -23.52 38.15
N ILE E 269 -32.48 -22.54 38.27
CA ILE E 269 -32.06 -21.15 38.13
C ILE E 269 -31.76 -20.55 39.49
N GLY E 270 -31.58 -21.42 40.49
CA GLY E 270 -31.25 -21.00 41.84
C GLY E 270 -32.37 -20.33 42.59
N MET E 271 -33.59 -20.36 42.08
CA MET E 271 -34.70 -19.73 42.76
C MET E 271 -35.08 -20.56 43.98
N GLU E 272 -35.37 -19.89 45.09
CA GLU E 272 -35.77 -20.62 46.29
C GLU E 272 -37.24 -21.02 46.29
N SER E 273 -38.09 -20.19 45.70
CA SER E 273 -39.53 -20.46 45.72
C SER E 273 -39.87 -21.77 45.04
N ALA E 274 -40.91 -22.43 45.56
CA ALA E 274 -41.39 -23.71 45.07
C ALA E 274 -41.90 -23.64 43.64
N GLY E 275 -41.97 -24.81 43.01
CA GLY E 275 -42.43 -24.92 41.64
C GLY E 275 -43.91 -24.61 41.49
N ILE E 276 -44.31 -24.37 40.23
CA ILE E 276 -45.64 -23.86 39.95
C ILE E 276 -46.74 -24.81 40.42
N HIS E 277 -46.47 -26.12 40.46
CA HIS E 277 -47.48 -27.02 41.01
C HIS E 277 -47.50 -26.99 42.53
N GLU E 278 -46.36 -26.73 43.17
CA GLU E 278 -46.34 -26.67 44.62
C GLU E 278 -47.04 -25.44 45.16
N THR E 279 -46.97 -24.32 44.44
CA THR E 279 -47.80 -23.17 44.81
C THR E 279 -49.25 -23.34 44.39
N THR E 280 -49.51 -24.06 43.29
CA THR E 280 -50.89 -24.35 42.92
C THR E 280 -51.56 -25.23 43.97
N TYR E 281 -50.85 -26.23 44.47
CA TYR E 281 -51.35 -27.04 45.57
C TYR E 281 -51.50 -26.23 46.85
N ASN E 282 -50.44 -25.53 47.27
CA ASN E 282 -50.44 -24.85 48.55
C ASN E 282 -51.39 -23.66 48.63
N SER E 283 -51.92 -23.18 47.51
CA SER E 283 -53.03 -22.22 47.60
C SER E 283 -54.35 -22.88 47.96
N ILE E 284 -54.59 -24.10 47.48
CA ILE E 284 -55.77 -24.86 47.91
C ILE E 284 -55.76 -25.14 49.40
N MET E 285 -54.59 -25.44 49.96
CA MET E 285 -54.51 -25.73 51.39
C MET E 285 -54.82 -24.53 52.28
N LYS E 286 -54.93 -23.32 51.73
CA LYS E 286 -55.43 -22.20 52.51
C LYS E 286 -56.96 -22.17 52.60
N CYS E 287 -57.65 -22.99 51.83
CA CYS E 287 -59.10 -22.96 51.79
C CYS E 287 -59.72 -23.81 52.90
N ASP E 288 -60.94 -23.44 53.28
CA ASP E 288 -61.73 -24.23 54.22
C ASP E 288 -61.97 -25.64 53.72
N ILE E 289 -61.90 -26.60 54.65
CA ILE E 289 -61.81 -28.02 54.35
C ILE E 289 -63.05 -28.56 53.67
N ASP E 290 -64.06 -27.70 53.45
CA ASP E 290 -65.15 -28.11 52.57
C ASP E 290 -64.78 -28.08 51.10
N ILE E 291 -64.30 -26.93 50.61
CA ILE E 291 -64.43 -26.63 49.19
C ILE E 291 -63.37 -27.30 48.33
N ARG E 292 -62.34 -27.90 48.94
CA ARG E 292 -61.24 -28.49 48.18
C ARG E 292 -61.73 -29.44 47.10
N LYS E 293 -62.76 -30.24 47.40
CA LYS E 293 -63.29 -31.17 46.42
C LYS E 293 -63.74 -30.47 45.14
N ASP E 294 -64.24 -29.25 45.24
CA ASP E 294 -64.72 -28.54 44.05
C ASP E 294 -63.60 -27.94 43.22
N LEU E 295 -62.53 -27.47 43.87
CA LEU E 295 -61.43 -26.84 43.16
C LEU E 295 -60.61 -27.84 42.34
N TYR E 296 -60.41 -29.05 42.85
CA TYR E 296 -59.76 -30.07 42.05
C TYR E 296 -60.50 -30.42 40.76
N ALA E 297 -61.75 -30.03 40.61
CA ALA E 297 -62.46 -30.27 39.35
C ALA E 297 -62.43 -29.10 38.38
N ASN E 298 -61.86 -27.96 38.73
CA ASN E 298 -61.97 -26.74 37.92
C ASN E 298 -60.64 -25.99 37.87
N ASN E 299 -59.56 -26.72 37.65
CA ASN E 299 -58.21 -26.17 37.72
C ASN E 299 -57.80 -25.65 36.35
N VAL E 300 -58.04 -24.36 36.11
CA VAL E 300 -57.96 -23.73 34.80
C VAL E 300 -56.63 -23.00 34.66
N MET E 301 -56.01 -23.14 33.50
CA MET E 301 -54.72 -22.51 33.20
C MET E 301 -54.90 -21.46 32.11
N SER E 302 -54.13 -20.37 32.22
CA SER E 302 -54.05 -19.41 31.13
C SER E 302 -52.68 -18.78 31.11
N GLY E 303 -52.38 -18.12 30.00
CA GLY E 303 -51.15 -17.41 29.78
C GLY E 303 -50.19 -18.18 28.88
N GLY E 304 -49.45 -17.43 28.07
CA GLY E 304 -48.65 -18.04 27.02
C GLY E 304 -47.62 -19.05 27.49
N THR E 305 -47.08 -18.85 28.68
CA THR E 305 -46.11 -19.83 29.17
C THR E 305 -46.73 -21.13 29.59
N THR E 306 -47.98 -21.39 29.25
CA THR E 306 -48.54 -22.73 29.31
C THR E 306 -48.82 -23.31 27.93
N MET E 307 -48.33 -22.69 26.87
CA MET E 307 -48.57 -23.20 25.54
C MET E 307 -47.68 -24.39 25.17
N TYR E 308 -46.60 -24.62 25.89
CA TYR E 308 -45.68 -25.68 25.50
C TYR E 308 -46.43 -27.00 25.37
N PRO E 309 -46.25 -27.74 24.28
CA PRO E 309 -46.83 -29.08 24.15
C PRO E 309 -46.55 -29.97 25.34
N GLY E 310 -47.60 -30.54 25.91
CA GLY E 310 -47.47 -31.50 26.98
C GLY E 310 -47.45 -30.96 28.39
N ILE E 311 -47.72 -29.68 28.59
CA ILE E 311 -47.65 -29.13 29.95
C ILE E 311 -48.77 -29.66 30.81
N ALA E 312 -49.98 -29.80 30.26
CA ALA E 312 -51.11 -30.27 31.04
C ALA E 312 -50.93 -31.70 31.52
N ASP E 313 -50.39 -32.57 30.68
CA ASP E 313 -50.12 -33.95 31.07
C ASP E 313 -49.10 -34.03 32.21
N ARG E 314 -48.10 -33.17 32.21
CA ARG E 314 -47.17 -33.11 33.34
C ARG E 314 -47.86 -32.61 34.61
N MET E 315 -48.65 -31.55 34.50
CA MET E 315 -49.34 -31.00 35.66
C MET E 315 -50.18 -32.04 36.39
N GLN E 316 -50.98 -32.80 35.65
CA GLN E 316 -51.81 -33.85 36.25
C GLN E 316 -50.99 -34.90 37.00
N LYS E 317 -49.93 -35.41 36.39
CA LYS E 317 -49.10 -36.41 37.07
C LYS E 317 -48.40 -35.84 38.31
N GLU E 318 -47.98 -34.58 38.27
CA GLU E 318 -47.38 -33.97 39.45
C GLU E 318 -48.39 -33.80 40.59
N ILE E 319 -49.53 -33.17 40.32
CA ILE E 319 -50.46 -32.90 41.42
C ILE E 319 -51.12 -34.17 41.94
N THR E 320 -51.24 -35.21 41.11
CA THR E 320 -51.72 -36.49 41.61
C THR E 320 -50.83 -37.10 42.70
N ALA E 321 -49.56 -36.73 42.74
CA ALA E 321 -48.71 -37.19 43.83
C ALA E 321 -48.98 -36.45 45.14
N LEU E 322 -49.43 -35.21 45.07
CA LEU E 322 -49.69 -34.42 46.27
C LEU E 322 -51.08 -34.64 46.83
N ALA E 323 -52.11 -34.47 46.00
CA ALA E 323 -53.48 -34.63 46.47
C ALA E 323 -53.76 -36.10 46.77
N PRO E 324 -54.52 -36.40 47.82
CA PRO E 324 -54.89 -37.80 48.09
C PRO E 324 -55.60 -38.44 46.91
N SER E 325 -55.47 -39.75 46.85
CA SER E 325 -56.24 -40.59 45.95
C SER E 325 -57.73 -40.54 46.29
N THR E 326 -58.53 -41.18 45.43
CA THR E 326 -59.99 -41.09 45.38
C THR E 326 -60.50 -39.71 45.02
N MET E 327 -59.68 -38.68 45.17
CA MET E 327 -60.02 -37.38 44.59
C MET E 327 -59.60 -37.36 43.13
N LYS E 328 -60.56 -37.19 42.23
CA LYS E 328 -60.27 -37.02 40.81
C LYS E 328 -59.76 -35.61 40.51
N ILE E 329 -58.87 -35.51 39.53
CA ILE E 329 -58.27 -34.23 39.16
C ILE E 329 -58.47 -34.03 37.66
N LYS E 330 -58.84 -32.81 37.29
CA LYS E 330 -59.25 -32.51 35.91
C LYS E 330 -58.61 -31.19 35.46
N ILE E 331 -57.40 -31.26 34.92
CA ILE E 331 -56.71 -30.06 34.46
C ILE E 331 -57.38 -29.57 33.18
N ILE E 332 -58.04 -28.43 33.24
CA ILE E 332 -58.78 -27.88 32.10
C ILE E 332 -57.86 -26.86 31.43
N ALA E 333 -57.16 -27.32 30.38
CA ALA E 333 -56.19 -26.52 29.62
C ALA E 333 -56.70 -26.39 28.19
N PRO E 334 -57.64 -25.49 27.94
CA PRO E 334 -58.29 -25.44 26.63
C PRO E 334 -57.39 -24.77 25.61
N PRO E 335 -57.69 -24.97 24.32
CA PRO E 335 -57.03 -24.20 23.25
C PRO E 335 -57.43 -22.73 23.27
N GLU E 336 -56.61 -21.93 22.58
CA GLU E 336 -56.66 -20.46 22.56
C GLU E 336 -56.37 -19.80 23.90
N ARG E 337 -55.91 -20.54 24.90
CA ARG E 337 -55.61 -19.99 26.21
C ARG E 337 -54.53 -18.90 26.20
N LYS E 338 -53.96 -18.61 25.03
CA LYS E 338 -53.15 -17.41 24.86
C LYS E 338 -53.94 -16.10 24.80
N TYR E 339 -55.26 -16.15 24.73
CA TYR E 339 -56.04 -14.91 24.67
C TYR E 339 -57.12 -14.78 25.72
N SER E 340 -57.28 -15.77 26.61
CA SER E 340 -58.44 -15.79 27.47
C SER E 340 -58.56 -14.50 28.28
N VAL E 341 -57.44 -14.00 28.79
CA VAL E 341 -57.46 -12.78 29.57
C VAL E 341 -57.99 -11.61 28.76
N TRP E 342 -57.81 -11.62 27.44
CA TRP E 342 -58.45 -10.58 26.64
C TRP E 342 -59.90 -10.91 26.28
N ILE E 343 -60.19 -12.16 25.90
CA ILE E 343 -61.55 -12.52 25.52
C ILE E 343 -62.52 -12.30 26.67
N GLY E 344 -62.15 -12.77 27.87
CA GLY E 344 -62.93 -12.46 29.06
C GLY E 344 -63.13 -10.98 29.31
N GLY E 345 -62.14 -10.17 28.95
CA GLY E 345 -62.35 -8.73 28.99
C GLY E 345 -63.43 -8.25 28.06
N SER E 346 -63.47 -8.78 26.83
CA SER E 346 -64.52 -8.38 25.90
C SER E 346 -65.92 -8.71 26.41
N ILE E 347 -66.09 -9.87 27.05
CA ILE E 347 -67.41 -10.25 27.58
C ILE E 347 -67.82 -9.37 28.74
N LEU E 348 -66.96 -9.23 29.74
CA LEU E 348 -67.29 -8.45 30.92
C LEU E 348 -67.65 -7.01 30.58
N ALA E 349 -66.90 -6.38 29.67
CA ALA E 349 -67.24 -5.02 29.30
C ALA E 349 -68.56 -4.89 28.57
N SER E 350 -69.14 -6.00 28.09
CA SER E 350 -70.45 -5.97 27.47
C SER E 350 -71.58 -6.37 28.42
N LEU E 351 -71.25 -6.86 29.61
CA LEU E 351 -72.26 -7.32 30.54
C LEU E 351 -73.02 -6.14 31.16
N SER E 352 -74.35 -6.20 31.07
CA SER E 352 -75.22 -5.06 31.30
C SER E 352 -75.05 -4.44 32.69
N THR E 353 -74.78 -5.26 33.70
CA THR E 353 -74.70 -4.79 35.08
C THR E 353 -73.42 -4.01 35.38
N PHE E 354 -72.36 -4.17 34.59
CA PHE E 354 -71.08 -3.54 34.89
C PHE E 354 -71.15 -2.02 34.85
N GLN E 355 -72.16 -1.44 34.18
CA GLN E 355 -72.33 0.00 34.12
C GLN E 355 -72.44 0.69 35.47
N GLN E 356 -72.68 -0.06 36.55
CA GLN E 356 -72.62 0.52 37.89
C GLN E 356 -71.21 0.86 38.36
N MET E 357 -70.17 0.32 37.75
CA MET E 357 -68.82 0.38 38.33
C MET E 357 -67.91 1.42 37.68
N TRP E 358 -68.30 2.03 36.56
CA TRP E 358 -67.43 3.00 35.91
C TRP E 358 -67.12 4.19 36.81
N ILE E 359 -65.84 4.37 37.13
CA ILE E 359 -65.36 5.47 37.95
C ILE E 359 -65.54 6.75 37.14
N THR E 360 -66.43 7.63 37.56
CA THR E 360 -66.70 8.82 36.77
C THR E 360 -65.59 9.85 36.94
N LYS E 361 -65.46 10.71 35.92
CA LYS E 361 -64.60 11.87 36.01
C LYS E 361 -64.95 12.77 37.19
N GLN E 362 -66.25 12.97 37.43
CA GLN E 362 -66.67 13.86 38.51
C GLN E 362 -66.22 13.35 39.88
N GLU E 363 -66.28 12.04 40.07
CA GLU E 363 -65.93 11.42 41.34
C GLU E 363 -64.44 11.53 41.67
N TYR E 364 -63.57 11.45 40.66
CA TYR E 364 -62.14 11.69 40.89
C TYR E 364 -61.82 13.12 41.31
N ASP E 365 -62.46 14.12 40.70
CA ASP E 365 -62.17 15.50 41.10
C ASP E 365 -62.57 15.80 42.54
N GLU E 366 -63.54 15.09 43.11
CA GLU E 366 -63.85 15.32 44.52
C GLU E 366 -62.95 14.52 45.47
N ALA E 367 -62.72 13.24 45.18
CA ALA E 367 -61.96 12.40 46.11
C ALA E 367 -60.46 12.58 45.98
N GLY E 368 -59.95 12.97 44.82
CA GLY E 368 -58.56 12.81 44.50
C GLY E 368 -58.19 11.37 44.17
N PRO E 369 -56.96 11.19 43.69
CA PRO E 369 -56.57 9.89 43.11
C PRO E 369 -56.84 8.68 43.98
N SER E 370 -56.91 8.84 45.30
CA SER E 370 -57.05 7.69 46.18
C SER E 370 -58.35 6.94 45.98
N ILE E 371 -59.29 7.51 45.23
CA ILE E 371 -60.61 6.90 45.03
C ILE E 371 -60.48 5.47 44.54
N VAL E 372 -59.48 5.17 43.70
CA VAL E 372 -59.37 3.84 43.14
C VAL E 372 -58.92 2.79 44.14
N HIS E 373 -58.50 3.18 45.34
CA HIS E 373 -58.28 2.19 46.39
C HIS E 373 -59.58 1.70 47.00
N ARG E 374 -60.68 2.41 46.76
CA ARG E 374 -61.98 2.07 47.35
C ARG E 374 -62.75 1.01 46.57
N LYS E 375 -62.29 0.62 45.39
CA LYS E 375 -63.10 -0.19 44.47
C LYS E 375 -62.30 -1.35 43.90
N CYS E 376 -61.59 -2.06 44.77
CA CYS E 376 -60.76 -3.20 44.41
C CYS E 376 -60.57 -4.04 45.66
N PHE E 377 -59.70 -5.04 45.58
CA PHE E 377 -59.34 -5.80 46.76
C PHE E 377 -58.44 -4.96 47.66
PB ADP F . 32.67 -7.79 -14.12
O1B ADP F . 31.19 -7.82 -14.40
O2B ADP F . 33.11 -8.62 -12.95
O3B ADP F . 33.55 -7.89 -15.33
PA ADP F . 34.15 -6.10 -12.60
O1A ADP F . 33.67 -6.28 -11.19
O2A ADP F . 35.30 -6.93 -13.11
O3A ADP F . 32.93 -6.30 -13.60
O5' ADP F . 34.51 -4.56 -12.85
C5' ADP F . 35.28 -4.23 -13.98
C4' ADP F . 35.61 -2.74 -13.89
O4' ADP F . 36.52 -2.53 -12.83
C3' ADP F . 36.35 -2.22 -15.10
O3' ADP F . 35.41 -1.79 -16.08
C2' ADP F . 37.10 -1.03 -14.54
O2' ADP F . 36.37 0.15 -14.83
C1' ADP F . 37.11 -1.25 -13.05
N9 ADP F . 38.46 -1.29 -12.45
C8 ADP F . 39.36 -2.25 -12.66
N7 ADP F . 40.48 -2.03 -11.95
C5 ADP F . 40.30 -0.88 -11.26
C6 ADP F . 41.09 -0.07 -10.32
N6 ADP F . 42.34 -0.43 -9.96
N1 ADP F . 40.52 1.04 -9.83
C2 ADP F . 39.28 1.40 -10.18
N3 ADP F . 38.50 0.72 -11.03
C4 ADP F . 38.95 -0.42 -11.59
MG MG G . 31.38 -8.29 -12.10
N1 APR H . 15.69 -18.16 22.94
C2 APR H . 16.46 -19.47 22.82
N3 APR H . 17.19 -19.81 21.67
C4 APR H . 17.26 -19.05 20.70
C5 APR H . 16.54 -17.69 20.64
C6 APR H . 15.76 -17.22 21.74
N6 APR H . 15.04 -15.87 21.72
N7 APR H . 16.93 -17.19 19.26
C8 APR H . 17.66 -17.98 18.66
N9 APR H . 17.89 -19.02 19.35
C1' APR H . 18.73 -20.12 18.86
C2' APR H . 17.84 -21.23 18.26
O2' APR H . 17.97 -22.52 19.13
C3' APR H . 18.31 -21.51 16.88
O3' APR H . 18.39 -23.06 16.67
O4' APR H . 19.77 -19.58 17.71
C4' APR H . 19.70 -20.89 16.74
C5' APR H . 19.97 -20.50 15.28
O5' APR H . 21.41 -20.60 14.95
PA APR H . 22.58 -19.60 15.73
O1A APR H . 22.48 -19.71 17.26
O2A APR H . 23.97 -20.02 15.23
O3A APR H . 22.19 -18.02 15.15
PB APR H . 22.81 -16.55 15.80
O1B APR H . 24.23 -16.66 16.36
O2B APR H . 21.84 -15.98 16.85
O5D APR H . 22.81 -15.53 14.40
C5D APR H . 23.85 -15.82 13.41
O4D APR H . 24.75 -15.20 11.13
C1D APR H . 23.75 -15.97 10.15
O2D APR H . 21.34 -15.36 9.67
C2D APR H . 22.30 -15.74 10.75
O3D APR H . 22.23 -13.27 11.05
C3D APR H . 22.42 -14.60 11.76
C4D APR H . 23.87 -14.71 12.32
PB ADP I . -2.78 -14.04 30.52
O1B ADP I . -4.11 -14.64 30.20
O2B ADP I . -2.28 -14.32 31.93
O3B ADP I . -1.73 -14.18 29.45
PA ADP I . -2.11 -11.61 31.51
O1A ADP I . -2.72 -11.54 32.87
O2A ADP I . -0.70 -12.11 31.34
O3A ADP I . -3.05 -12.47 30.56
O5' ADP I . -2.19 -10.17 30.81
C5' ADP I . -1.40 -9.92 29.66
C4' ADP I . -1.56 -8.46 29.30
O4' ADP I . -0.91 -7.67 30.28
C3' ADP I . -0.83 -8.09 28.03
O3' ADP I . -1.71 -8.28 26.92
C2' ADP I . -0.56 -6.61 28.21
O2' ADP I . -1.57 -5.86 27.54
C1' ADP I . -0.72 -6.38 29.71
N9 ADP I . 0.47 -5.80 30.34
C8 ADP I . 1.66 -6.43 30.50
N7 ADP I . 2.54 -5.64 31.16
C5 ADP I . 1.91 -4.49 31.44
C6 ADP I . 2.27 -3.24 32.12
N6 ADP I . 3.51 -3.05 32.64
N1 ADP I . 1.33 -2.28 32.21
C2 ADP I . 0.10 -2.46 31.70
N3 ADP I . -0.30 -3.58 31.06
C4 ADP I . 0.56 -4.61 30.91
MG MG J . -4.14 -14.36 32.53
N1 APR K . -21.15 -18.60 68.09
C2 APR K . -20.00 -19.57 68.42
N3 APR K . -19.04 -19.94 67.47
C4 APR K . -19.06 -19.52 66.31
C5 APR K . -20.14 -18.54 65.80
C6 APR K . -21.19 -18.07 66.66
N6 APR K . -22.26 -17.11 66.17
N7 APR K . -19.73 -18.35 64.36
C8 APR K . -18.71 -18.99 64.05
N9 APR K . -18.28 -19.66 65.06
C1' APR K . -17.09 -20.50 64.99
C2' APR K . -17.51 -21.97 64.72
O2' APR K . -17.12 -22.84 65.96
C3' APR K . -16.78 -22.46 63.52
O3' APR K . -16.20 -23.88 63.81
O4' APR K . -16.11 -19.99 63.77
C4' APR K . -15.62 -21.48 63.27
C5' APR K . -15.28 -21.44 61.76
O5' APR K . -13.84 -21.14 61.55
PA APR K . -13.15 -19.64 62.04
O1A APR K . -13.45 -19.33 63.51
O2A APR K . -11.65 -19.70 61.76
O3A APR K . -13.90 -18.51 60.97
PB APR K . -13.86 -16.80 61.17
O1B APR K . -12.57 -16.27 61.79
O2B APR K . -15.10 -16.31 61.93
O5D APR K . -13.96 -16.27 59.52
C5D APR K . -12.75 -16.47 58.71
O4D APR K . -11.75 -16.25 56.41
C1D APR K . -12.31 -17.56 55.66
O2D APR K . -14.71 -17.93 54.90
C2D APR K . -13.84 -17.66 56.10
O3D APR K . -14.69 -15.37 55.60
C3D APR K . -14.21 -16.31 56.70
C4D APR K . -12.91 -15.77 57.33
PB ADP L . 32.58 26.91 -43.04
O1B ADP L . 32.98 26.30 -41.73
O2B ADP L . 31.27 27.64 -43.03
O3B ADP L . 33.69 27.60 -43.80
PA ADP L . 31.18 25.87 -45.12
O1A ADP L . 29.81 25.59 -44.58
O2A ADP L . 31.46 27.20 -45.76
O3A ADP L . 32.25 25.64 -43.96
O5' ADP L . 31.59 24.73 -46.16
C5' ADP L . 32.69 24.96 -47.02
C4' ADP L . 32.77 23.81 -48.00
O4' ADP L . 31.68 23.87 -48.89
C3' ADP L . 33.97 23.88 -48.92
O3' ADP L . 35.08 23.23 -48.31
C2' ADP L . 33.51 23.10 -50.13
O2' ADP L . 34.02 21.77 -50.04
C1' ADP L . 32.00 23.05 -50.00
N9 ADP L . 31.29 23.61 -51.17
C8 ADP L . 31.29 24.91 -51.52
N7 ADP L . 30.51 25.11 -52.62
C5 ADP L . 30.00 23.92 -52.97
C6 ADP L . 29.11 23.42 -54.03
N6 ADP L . 28.60 24.25 -54.96
N1 ADP L . 28.83 22.10 -54.03
C2 ADP L . 29.33 21.27 -53.12
N3 ADP L . 30.15 21.65 -52.13
C4 ADP L . 30.52 22.94 -51.99
MG MG M . 30.64 26.44 -41.64
N1 APR N . -3.88 22.30 -22.58
C2 APR N . -3.99 23.83 -22.66
N3 APR N . -2.97 24.64 -23.16
C4 APR N . -1.91 24.16 -23.59
C5 APR N . -1.62 22.64 -23.59
C6 APR N . -2.56 21.70 -23.10
N6 APR N . -2.30 20.20 -23.09
N7 APR N . -0.22 22.61 -24.19
C8 APR N . 0.21 23.73 -24.48
N9 APR N . -0.64 24.63 -24.18
C1' APR N . -0.38 26.05 -24.41
C2' APR N . 0.15 26.71 -23.12
O2' APR N . -0.89 27.76 -22.62
C3' APR N . 1.43 27.39 -23.43
O3' APR N . 1.43 28.82 -22.78
O4' APR N . 0.74 26.23 -25.61
C4' APR N . 1.53 27.52 -24.95
C5' APR N . 3.00 27.52 -25.41
O5' APR N . 3.19 28.33 -26.63
PA APR N . 2.45 27.86 -28.13
O1A APR N . 0.93 27.66 -27.95
O2A APR N . 2.76 28.95 -29.16
O3A APR N . 3.27 26.40 -28.52
PB APR N . 2.76 25.30 -29.74
O1B APR N . 2.07 25.95 -30.94
O2B APR N . 1.89 24.19 -29.14
O5D APR N . 4.28 24.63 -30.25
C5D APR N . 5.13 25.51 -31.04
O4D APR N . 7.38 25.74 -32.17
C1D APR N . 8.33 26.12 -30.94
O2D APR N . 9.10 24.55 -29.10
C2D APR N . 7.89 25.16 -29.75
O3D APR N . 7.93 22.91 -30.84
C3D APR N . 7.04 24.06 -30.38
C4D APR N . 6.35 24.72 -31.60
PB ADP O . -9.16 9.03 -8.04
O1B ADP O . -8.81 8.99 -6.58
O2B ADP O . -10.63 9.27 -8.33
O3B ADP O . -8.22 9.80 -8.91
PA ADP O . -9.88 7.06 -9.75
O1A ADP O . -11.16 6.50 -9.22
O2A ADP O . -9.90 8.16 -10.75
O3A ADP O . -8.97 7.53 -8.53
O5' ADP O . -8.99 5.87 -10.35
C5' ADP O . -7.90 6.20 -11.19
C4' ADP O . -7.32 4.91 -11.75
O4' ADP O . -8.24 4.35 -12.66
C3' ADP O . -6.09 5.11 -12.58
O3' ADP O . -4.93 5.06 -11.73
C2' ADP O . -6.09 3.92 -13.50
O2' ADP O . -5.24 2.91 -12.96
C1' ADP O . -7.52 3.41 -13.44
N9 ADP O . -8.18 3.35 -14.76
C8 ADP O . -8.52 4.41 -15.50
N7 ADP O . -9.15 4.02 -16.64
C5 ADP O . -9.22 2.68 -16.63
C6 ADP O . -9.75 1.64 -17.51
N6 ADP O . -10.34 1.96 -18.69
N1 ADP O . -9.62 0.36 -17.13
C2 ADP O . -9.04 0.04 -15.96
N3 ADP O . -8.53 0.93 -15.10
C4 ADP O . -8.59 2.24 -15.37
MG MG P . -11.07 8.37 -6.65
N1 APR Q . -45.22 -1.37 10.96
C2 APR Q . -45.78 -0.06 10.40
N3 APR Q . -44.98 0.85 9.72
C4 APR Q . -43.77 0.66 9.52
C5 APR Q . -43.04 -0.61 10.00
C6 APR Q . -43.73 -1.63 10.72
N6 APR Q . -43.04 -2.89 11.22
N7 APR Q . -41.63 -0.35 9.52
C8 APR Q . -41.51 0.72 8.92
N9 APR Q . -42.63 1.34 8.87
C1' APR Q . -42.78 2.64 8.22
C2' APR Q . -42.67 3.77 9.26
O2' APR Q . -44.04 4.51 9.34
C3' APR Q . -41.62 4.73 8.82
O3' APR Q . -42.14 6.19 8.98
O4' APR Q . -41.60 2.84 7.08
C4' APR Q . -41.33 4.44 7.33
C5' APR Q . -39.88 4.80 6.98
O5' APR Q . -39.77 5.24 5.58
PA APR Q . -40.10 4.16 4.26
O1A APR Q . -41.49 3.53 4.42
O2A APR Q . -39.96 4.94 2.96
O3A APR Q . -38.83 2.99 4.40
PB APR Q . -38.79 1.49 3.56
O1B APR Q . -39.46 1.52 2.18
O2B APR Q . -39.37 0.38 4.45
O5D APR Q . -37.09 1.24 3.38
C5D APR Q . -36.43 2.09 2.39
O4D APR Q . -34.21 2.73 1.36
C1D APR Q . -33.61 3.73 2.46
O2D APR Q . -32.69 3.08 4.74
C2D APR Q . -33.91 3.06 3.86
O3D APR Q . -33.03 0.74 3.53
C3D APR Q . -34.29 1.61 3.58
C4D APR Q . -34.96 1.63 2.17
PB ADP R . -48.51 -10.88 28.56
O1B ADP R . -48.39 -10.37 29.97
O2B ADP R . -49.91 -11.23 28.13
O3B ADP R . -47.72 -10.11 27.53
PA ADP R . -48.31 -13.37 27.53
O1A ADP R . -49.44 -14.15 28.16
O2A ADP R . -48.53 -12.67 26.23
O3A ADP R . -47.80 -12.29 28.58
O5' ADP R . -47.03 -14.32 27.39
C5' ADP R . -45.97 -13.89 26.55
C4' ADP R . -44.96 -15.01 26.47
O4' ADP R . -45.51 -16.08 25.73
C3' ADP R . -43.73 -14.65 25.68
O3' ADP R . -42.76 -14.08 26.56
C2' ADP R . -43.24 -15.99 25.18
O2' ADP R . -42.21 -16.46 26.05
C1' ADP R . -44.44 -16.91 25.32
N9 ADP R . -44.83 -17.56 24.07
C8 ADP R . -45.37 -16.94 23.01
N7 ADP R . -45.66 -17.81 22.02
C5 ADP R . -45.32 -19.03 22.47
C6 ADP R . -45.38 -20.40 21.93
N6 ADP R . -45.85 -20.66 20.67
N1 ADP R . -44.93 -21.40 22.70
C2 ADP R . -44.46 -21.16 23.94
N3 ADP R . -44.38 -19.95 24.50
C4 ADP R . -44.79 -18.86 23.82
MG MG S . -50.31 -11.71 29.98
N1 APR T . -82.20 -26.89 48.01
C2 APR T . -83.03 -26.06 47.02
N3 APR T . -82.45 -25.17 46.12
C4 APR T . -81.23 -25.00 46.06
C5 APR T . -80.24 -25.75 46.97
C6 APR T . -80.68 -26.69 47.94
N6 APR T . -79.72 -27.45 48.84
N7 APR T . -78.91 -25.18 46.49
C8 APR T . -79.03 -24.35 45.58
N9 APR T . -80.26 -24.18 45.29
C1' APR T . -80.69 -23.25 44.24
C2' APR T . -81.08 -21.91 44.88
O2' APR T . -82.62 -21.67 44.65
C3' APR T . -80.33 -20.81 44.20
O3' APR T . -81.28 -19.63 43.87
O4' APR T . -79.47 -23.00 43.17
C4' APR T . -79.74 -21.41 42.92
C5' APR T . -78.43 -20.69 42.54
O5' APR T . -78.24 -20.65 41.08
PA APR T . -78.02 -22.12 40.16
O1A APR T . -79.16 -23.11 40.43
O2A APR T . -77.94 -21.74 38.68
O3A APR T . -76.50 -22.69 40.72
PB APR T . -75.88 -24.28 40.42
O1B APR T . -76.31 -24.87 39.07
O2B APR T . -76.22 -25.22 41.57
O5D APR T . -74.18 -23.98 40.41
C5D APR T . -73.66 -23.28 39.24
O4D APR T . -71.61 -22.25 38.17
C1D APR T . -71.51 -20.84 38.92
O2D APR T . -70.80 -20.46 41.33
C2D APR T . -71.81 -21.15 40.45
O3D APR T . -70.24 -23.02 40.93
C3D APR T . -71.68 -22.66 40.63
C4D APR T . -72.11 -23.26 39.25
#